data_7LNP
#
_entry.id   7LNP
#
_cell.length_a   157.325
_cell.length_b   106.637
_cell.length_c   155.896
_cell.angle_alpha   90.000
_cell.angle_beta   114.970
_cell.angle_gamma   90.000
#
_symmetry.space_group_name_H-M   'C 1 2 1'
#
loop_
_entity.id
_entity.type
_entity.pdbx_description
1 polymer Exo-alpha-L-galactosidase
2 non-polymer 'CALCIUM ION'
3 non-polymer paranitrophenyl-alpha-L-galactopyranoside
4 non-polymer 'NICKEL (II) ION'
5 non-polymer 'SODIUM ION'
6 non-polymer 'CHLORIDE ION'
7 water water
#
_entity_poly.entity_id   1
_entity_poly.type   'polypeptide(L)'
_entity_poly.pdbx_seq_one_letter_code
;MGSSHHHHHHSSGLVPRGSHMASNSTYAPNVDSTVSLKGTDVFKADSASIAQNYTIPEWFKDAKFGIFIHWGVYSVPAYG
SEWYSRWMYKEGHPINKYHVQTYGPLTKFGYKDFIPMFKAENFNADEWLAVVKSSGAQYIVPVAEHHDGFAMYSSTFNKW
NAVDMGPKRDIIGELKEATKKAGLRFGLSSHRCENAWFYEYGMETPSDVQDTTITLYGERLHEPEGQGMTPYCGKYEGSN
ERSRRQFLMHTYELIDKYQPELIWFNWTVGKYPFQPTFYKFMAYYYNSALDWNKEVVVNTKFGYGDNIQVFDIERGKSDR
IREYPWQTDTSVGKKSWSYCVGEENKSPDHIIDDFVDIVSKNGNLLLNIGPKADGTITDEQKNVLAEIGKWLKTNGEAIY
GSRPWVIASEGHNAGTAGYMTDNTKTEYTADDIRFTTCDNNLYAVSLAWTDGSVTIKSLATKYCRNVEIESVEMLGSSEK
IDYKMTDEGLVVNFPKNKPTEYAHVFKIKLKGVVVSKPLYDKVDNGCLITVRVANHNAEDANVTLKSVVDGNEVSTQVAV
KAKSEQWVKMQNKDVKSFDDMSCKFYFNDNLTYENEFKK
;
_entity_poly.pdbx_strand_id   A,C,D,E
#
loop_
_chem_comp.id
_chem_comp.type
_chem_comp.name
_chem_comp.formula
CA non-polymer 'CALCIUM ION' 'Ca 2'
CL non-polymer 'CHLORIDE ION' 'Cl -1'
NA non-polymer 'SODIUM ION' 'Na 1'
NI non-polymer 'NICKEL (II) ION' 'Ni 2'
Y9Y non-polymer paranitrophenyl-alpha-L-galactopyranoside 'C12 H15 N O8'
#
# COMPACT_ATOMS: atom_id res chain seq x y z
N ASP A 32 4.54 -59.69 -39.99
CA ASP A 32 3.57 -58.59 -39.99
C ASP A 32 4.29 -57.25 -39.92
N SER A 33 5.35 -57.19 -39.12
CA SER A 33 6.14 -55.98 -39.02
C SER A 33 7.05 -55.81 -40.24
N THR A 34 7.67 -56.90 -40.69
CA THR A 34 8.53 -56.85 -41.87
C THR A 34 7.76 -56.68 -43.16
N VAL A 35 6.44 -56.59 -43.11
CA VAL A 35 5.62 -56.43 -44.30
C VAL A 35 5.28 -54.97 -44.56
N SER A 36 5.01 -54.19 -43.51
CA SER A 36 4.64 -52.80 -43.67
C SER A 36 5.84 -51.85 -43.65
N LEU A 37 6.98 -52.30 -43.12
CA LEU A 37 8.14 -51.44 -43.02
C LEU A 37 8.73 -51.14 -44.39
N LYS A 38 9.07 -49.88 -44.62
CA LYS A 38 9.68 -49.43 -45.86
C LYS A 38 11.07 -48.85 -45.56
N GLY A 39 11.91 -48.83 -46.60
CA GLY A 39 13.24 -48.28 -46.45
C GLY A 39 13.27 -46.79 -46.20
N THR A 40 12.15 -46.11 -46.43
CA THR A 40 12.05 -44.67 -46.21
C THR A 40 11.57 -44.31 -44.81
N ASP A 41 11.12 -45.28 -44.02
CA ASP A 41 10.62 -45.00 -42.68
C ASP A 41 11.75 -44.51 -41.79
N VAL A 42 11.38 -43.68 -40.80
CA VAL A 42 12.38 -43.09 -39.93
C VAL A 42 12.93 -44.12 -38.96
N PHE A 43 12.06 -44.87 -38.31
CA PHE A 43 12.45 -45.81 -37.26
C PHE A 43 12.58 -47.22 -37.82
N LYS A 44 13.70 -47.87 -37.51
CA LYS A 44 13.90 -49.28 -37.79
C LYS A 44 13.80 -50.06 -36.48
N ALA A 45 13.80 -51.39 -36.61
CA ALA A 45 13.49 -52.27 -35.47
C ALA A 45 14.76 -52.59 -34.67
N ASP A 46 15.42 -51.53 -34.21
CA ASP A 46 16.59 -51.69 -33.34
C ASP A 46 16.71 -50.46 -32.46
N SER A 47 17.36 -50.64 -31.31
CA SER A 47 17.44 -49.58 -30.32
C SER A 47 18.25 -48.39 -30.81
N ALA A 48 19.28 -48.63 -31.63
CA ALA A 48 20.09 -47.51 -32.15
C ALA A 48 19.26 -46.61 -33.05
N SER A 49 18.39 -47.20 -33.87
CA SER A 49 17.54 -46.39 -34.74
C SER A 49 16.51 -45.60 -33.94
N ILE A 50 16.05 -46.14 -32.81
CA ILE A 50 15.09 -45.43 -31.98
C ILE A 50 15.75 -44.25 -31.29
N ALA A 51 16.94 -44.45 -30.73
CA ALA A 51 17.59 -43.40 -29.96
C ALA A 51 18.01 -42.23 -30.85
N GLN A 52 18.21 -42.47 -32.14
CA GLN A 52 18.67 -41.40 -33.03
C GLN A 52 17.54 -40.46 -33.44
N ASN A 53 16.28 -40.84 -33.25
CA ASN A 53 15.17 -40.03 -33.72
C ASN A 53 14.02 -39.85 -32.73
N TYR A 54 13.91 -40.68 -31.70
CA TYR A 54 12.82 -40.57 -30.74
C TYR A 54 13.25 -39.76 -29.52
N THR A 55 12.29 -39.02 -28.96
CA THR A 55 12.48 -38.29 -27.72
C THR A 55 11.18 -38.36 -26.92
N ILE A 56 11.31 -38.56 -25.62
CA ILE A 56 10.14 -38.66 -24.74
C ILE A 56 9.37 -37.34 -24.83
N PRO A 57 8.09 -37.38 -25.22
CA PRO A 57 7.38 -36.15 -25.54
C PRO A 57 7.12 -35.28 -24.31
N GLU A 58 6.82 -34.01 -24.58
CA GLU A 58 6.63 -33.05 -23.51
C GLU A 58 5.32 -33.26 -22.77
N TRP A 59 4.30 -33.78 -23.45
CA TRP A 59 3.00 -33.94 -22.80
C TRP A 59 3.06 -34.95 -21.66
N PHE A 60 3.88 -35.99 -21.79
CA PHE A 60 4.02 -36.95 -20.71
C PHE A 60 4.76 -36.34 -19.53
N LYS A 61 5.76 -35.51 -19.79
CA LYS A 61 6.46 -34.82 -18.72
C LYS A 61 5.53 -33.86 -17.97
N ASP A 62 4.55 -33.27 -18.67
CA ASP A 62 3.66 -32.29 -18.07
C ASP A 62 2.40 -32.90 -17.49
N ALA A 63 2.07 -34.14 -17.84
CA ALA A 63 0.80 -34.73 -17.41
C ALA A 63 0.81 -35.10 -15.93
N LYS A 64 1.86 -35.81 -15.50
CA LYS A 64 2.10 -36.18 -14.11
C LYS A 64 1.14 -37.25 -13.59
N PHE A 65 -0.13 -37.17 -13.94
CA PHE A 65 -1.14 -38.05 -13.35
C PHE A 65 -1.91 -38.81 -14.43
N GLY A 66 -2.09 -40.11 -14.22
CA GLY A 66 -2.90 -40.92 -15.11
C GLY A 66 -3.67 -41.95 -14.30
N ILE A 67 -4.69 -42.51 -14.95
CA ILE A 67 -5.58 -43.48 -14.31
C ILE A 67 -5.47 -44.81 -15.04
N PHE A 68 -5.07 -45.84 -14.31
CA PHE A 68 -5.09 -47.22 -14.77
C PHE A 68 -6.44 -47.84 -14.41
N ILE A 69 -6.94 -48.72 -15.28
CA ILE A 69 -8.24 -49.37 -15.07
C ILE A 69 -8.11 -50.83 -15.47
N HIS A 70 -8.17 -51.73 -14.49
CA HIS A 70 -8.19 -53.17 -14.72
C HIS A 70 -9.63 -53.66 -14.64
N TRP A 71 -10.17 -54.14 -15.77
CA TRP A 71 -11.57 -54.53 -15.83
C TRP A 71 -11.75 -55.51 -16.99
N GLY A 72 -12.29 -56.69 -16.69
CA GLY A 72 -12.50 -57.70 -17.71
C GLY A 72 -13.25 -58.92 -17.23
N VAL A 73 -13.00 -60.06 -17.87
CA VAL A 73 -13.68 -61.30 -17.50
C VAL A 73 -13.31 -61.72 -16.08
N TYR A 74 -12.09 -61.39 -15.64
CA TYR A 74 -11.67 -61.73 -14.28
C TYR A 74 -12.48 -61.01 -13.22
N SER A 75 -13.23 -59.96 -13.60
CA SER A 75 -14.03 -59.22 -12.64
C SER A 75 -15.31 -59.95 -12.23
N VAL A 76 -15.76 -60.92 -13.02
CA VAL A 76 -16.98 -61.64 -12.73
C VAL A 76 -16.81 -62.50 -11.47
N PRO A 77 -15.78 -63.36 -11.37
CA PRO A 77 -15.60 -64.08 -10.10
C PRO A 77 -15.15 -63.18 -8.97
N ALA A 78 -14.30 -62.20 -9.26
CA ALA A 78 -13.85 -61.20 -8.29
C ALA A 78 -13.27 -61.87 -7.04
N TYR A 79 -12.40 -62.86 -7.27
CA TYR A 79 -11.80 -63.63 -6.19
C TYR A 79 -10.27 -63.50 -6.26
N GLY A 80 -9.66 -63.10 -5.15
CA GLY A 80 -8.23 -62.97 -5.09
C GLY A 80 -7.68 -61.81 -5.88
N SER A 81 -7.52 -62.00 -7.18
CA SER A 81 -6.97 -60.95 -8.05
C SER A 81 -7.32 -61.32 -9.49
N GLU A 82 -6.80 -60.54 -10.44
CA GLU A 82 -7.00 -60.80 -11.86
C GLU A 82 -6.22 -62.00 -12.35
N TRP A 83 -5.38 -62.60 -11.52
CA TRP A 83 -4.70 -63.85 -11.85
C TRP A 83 -5.60 -65.06 -11.66
N TYR A 84 -6.91 -64.85 -11.53
CA TYR A 84 -7.86 -65.95 -11.40
C TYR A 84 -7.78 -66.92 -12.58
N SER A 85 -7.48 -66.40 -13.77
CA SER A 85 -7.46 -67.24 -14.96
C SER A 85 -6.32 -68.24 -14.94
N ARG A 86 -5.19 -67.89 -14.31
CA ARG A 86 -4.05 -68.81 -14.30
C ARG A 86 -4.18 -69.83 -13.18
N TRP A 87 -4.52 -69.38 -11.97
CA TRP A 87 -4.49 -70.27 -10.81
C TRP A 87 -5.66 -71.24 -10.78
N MET A 88 -6.77 -70.93 -11.44
CA MET A 88 -7.92 -71.83 -11.41
C MET A 88 -7.66 -73.15 -12.12
N TYR A 89 -6.61 -73.22 -12.93
CA TYR A 89 -6.25 -74.44 -13.65
C TYR A 89 -5.09 -75.19 -13.00
N LYS A 90 -4.50 -74.65 -11.94
CA LYS A 90 -3.43 -75.33 -11.21
C LYS A 90 -4.06 -76.13 -10.07
N GLU A 91 -4.11 -77.44 -10.24
CA GLU A 91 -4.74 -78.31 -9.25
C GLU A 91 -4.06 -78.14 -7.89
N GLY A 92 -4.88 -77.95 -6.85
CA GLY A 92 -4.39 -77.75 -5.50
C GLY A 92 -4.36 -76.31 -5.05
N HIS A 93 -4.27 -75.36 -5.99
CA HIS A 93 -4.25 -73.96 -5.62
C HIS A 93 -5.59 -73.56 -5.01
N PRO A 94 -5.58 -72.64 -4.03
CA PRO A 94 -6.85 -72.20 -3.42
C PRO A 94 -7.89 -71.73 -4.43
N ILE A 95 -7.46 -71.03 -5.48
CA ILE A 95 -8.42 -70.57 -6.49
C ILE A 95 -9.00 -71.75 -7.27
N ASN A 96 -8.17 -72.76 -7.54
CA ASN A 96 -8.65 -73.94 -8.26
C ASN A 96 -9.66 -74.71 -7.41
N LYS A 97 -9.39 -74.88 -6.12
CA LYS A 97 -10.35 -75.53 -5.24
C LYS A 97 -11.58 -74.66 -5.03
N TYR A 98 -11.42 -73.33 -5.07
CA TYR A 98 -12.57 -72.44 -4.96
C TYR A 98 -13.45 -72.55 -6.19
N HIS A 99 -12.85 -72.67 -7.38
CA HIS A 99 -13.62 -72.69 -8.61
C HIS A 99 -14.41 -74.00 -8.76
N VAL A 100 -13.85 -75.11 -8.30
CA VAL A 100 -14.51 -76.40 -8.45
C VAL A 100 -15.78 -76.46 -7.60
N GLN A 101 -15.73 -75.90 -6.39
CA GLN A 101 -16.89 -75.94 -5.51
C GLN A 101 -17.91 -74.86 -5.85
N THR A 102 -17.46 -73.70 -6.35
CA THR A 102 -18.35 -72.58 -6.62
C THR A 102 -19.00 -72.67 -7.99
N TYR A 103 -18.26 -73.06 -9.02
CA TYR A 103 -18.76 -73.07 -10.38
C TYR A 103 -18.79 -74.45 -11.03
N GLY A 104 -17.90 -75.36 -10.65
CA GLY A 104 -17.92 -76.70 -11.16
C GLY A 104 -16.56 -77.19 -11.61
N PRO A 105 -16.49 -78.45 -12.06
CA PRO A 105 -15.21 -79.00 -12.53
C PRO A 105 -14.70 -78.25 -13.76
N LEU A 106 -13.38 -78.35 -13.96
CA LEU A 106 -12.74 -77.57 -15.00
C LEU A 106 -13.17 -77.99 -16.40
N THR A 107 -13.58 -79.25 -16.57
CA THR A 107 -14.04 -79.73 -17.87
C THR A 107 -15.46 -79.28 -18.20
N LYS A 108 -16.21 -78.79 -17.23
CA LYS A 108 -17.58 -78.31 -17.44
C LYS A 108 -17.70 -76.80 -17.37
N PHE A 109 -16.95 -76.15 -16.49
CA PHE A 109 -16.98 -74.69 -16.32
C PHE A 109 -15.54 -74.19 -16.35
N GLY A 110 -15.06 -73.81 -17.52
CA GLY A 110 -13.76 -73.19 -17.67
C GLY A 110 -13.84 -71.68 -17.57
N TYR A 111 -12.68 -71.03 -17.81
CA TYR A 111 -12.63 -69.58 -17.77
C TYR A 111 -13.49 -68.95 -18.86
N LYS A 112 -13.63 -69.64 -20.00
CA LYS A 112 -14.43 -69.12 -21.10
C LYS A 112 -15.91 -69.02 -20.74
N ASP A 113 -16.38 -69.80 -19.77
CA ASP A 113 -17.78 -69.78 -19.39
C ASP A 113 -18.15 -68.58 -18.52
N PHE A 114 -17.16 -67.83 -18.03
CA PHE A 114 -17.45 -66.58 -17.34
C PHE A 114 -17.93 -65.50 -18.30
N ILE A 115 -17.64 -65.64 -19.60
CA ILE A 115 -17.93 -64.56 -20.56
C ILE A 115 -19.42 -64.26 -20.67
N PRO A 116 -20.32 -65.25 -20.80
CA PRO A 116 -21.75 -64.90 -20.84
C PRO A 116 -22.23 -64.13 -19.62
N MET A 117 -21.57 -64.30 -18.47
CA MET A 117 -21.92 -63.55 -17.28
C MET A 117 -21.35 -62.13 -17.26
N PHE A 118 -20.44 -61.81 -18.18
CA PHE A 118 -19.80 -60.50 -18.23
C PHE A 118 -20.60 -59.54 -19.10
N LYS A 119 -21.84 -59.29 -18.68
CA LYS A 119 -22.76 -58.48 -19.48
C LYS A 119 -22.46 -56.99 -19.38
N ALA A 120 -21.90 -56.54 -18.26
CA ALA A 120 -21.58 -55.13 -18.02
C ALA A 120 -22.82 -54.25 -18.19
N GLU A 121 -23.83 -54.54 -17.37
CA GLU A 121 -25.12 -53.87 -17.50
C GLU A 121 -25.04 -52.40 -17.12
N ASN A 122 -24.10 -52.03 -16.25
CA ASN A 122 -24.00 -50.66 -15.76
C ASN A 122 -22.73 -49.97 -16.22
N PHE A 123 -22.15 -50.40 -17.34
CA PHE A 123 -20.98 -49.73 -17.89
C PHE A 123 -21.41 -48.48 -18.65
N ASN A 124 -20.67 -47.39 -18.45
CA ASN A 124 -20.90 -46.15 -19.17
C ASN A 124 -19.57 -45.43 -19.31
N ALA A 125 -19.12 -45.25 -20.56
CA ALA A 125 -17.80 -44.69 -20.80
C ALA A 125 -17.70 -43.26 -20.27
N ASP A 126 -18.76 -42.48 -20.43
CA ASP A 126 -18.74 -41.10 -19.92
C ASP A 126 -18.63 -41.08 -18.41
N GLU A 127 -19.32 -42.00 -17.73
CA GLU A 127 -19.22 -42.06 -16.28
C GLU A 127 -17.79 -42.36 -15.83
N TRP A 128 -17.11 -43.25 -16.55
CA TRP A 128 -15.71 -43.55 -16.23
C TRP A 128 -14.85 -42.31 -16.40
N LEU A 129 -15.01 -41.61 -17.53
CA LEU A 129 -14.19 -40.43 -17.79
C LEU A 129 -14.56 -39.28 -16.86
N ALA A 130 -15.83 -39.21 -16.44
CA ALA A 130 -16.21 -38.19 -15.47
C ALA A 130 -15.50 -38.42 -14.14
N VAL A 131 -15.29 -39.68 -13.77
CA VAL A 131 -14.54 -39.99 -12.56
C VAL A 131 -13.05 -39.73 -12.77
N VAL A 132 -12.53 -40.09 -13.95
CA VAL A 132 -11.12 -39.86 -14.24
C VAL A 132 -10.81 -38.38 -14.27
N LYS A 133 -11.66 -37.59 -14.94
CA LYS A 133 -11.48 -36.15 -14.99
C LYS A 133 -11.62 -35.53 -13.60
N SER A 134 -12.45 -36.12 -12.74
CA SER A 134 -12.63 -35.59 -11.39
C SER A 134 -11.34 -35.66 -10.59
N SER A 135 -10.48 -36.63 -10.88
CA SER A 135 -9.26 -36.85 -10.11
C SER A 135 -8.12 -35.93 -10.51
N GLY A 136 -8.31 -35.09 -11.52
CA GLY A 136 -7.23 -34.26 -12.03
C GLY A 136 -6.25 -34.97 -12.93
N ALA A 137 -6.48 -36.24 -13.24
CA ALA A 137 -5.60 -36.97 -14.12
C ALA A 137 -5.65 -36.41 -15.54
N GLN A 138 -4.56 -36.57 -16.27
CA GLN A 138 -4.44 -36.04 -17.62
C GLN A 138 -4.52 -37.11 -18.71
N TYR A 139 -4.46 -38.39 -18.34
CA TYR A 139 -4.61 -39.45 -19.33
C TYR A 139 -5.19 -40.68 -18.64
N ILE A 140 -5.75 -41.57 -19.46
CA ILE A 140 -6.41 -42.78 -18.99
C ILE A 140 -5.78 -43.98 -19.69
N VAL A 141 -5.60 -45.07 -18.95
CA VAL A 141 -5.02 -46.29 -19.50
C VAL A 141 -5.94 -47.47 -19.19
N PRO A 142 -6.94 -47.74 -20.01
CA PRO A 142 -7.72 -48.98 -19.85
C PRO A 142 -6.93 -50.19 -20.32
N VAL A 143 -7.48 -51.36 -20.03
CA VAL A 143 -6.86 -52.63 -20.39
C VAL A 143 -7.49 -53.11 -21.69
N ALA A 144 -6.71 -53.10 -22.77
CA ALA A 144 -7.22 -53.60 -24.05
C ALA A 144 -7.30 -55.12 -24.04
N GLU A 145 -6.32 -55.78 -23.43
CA GLU A 145 -6.33 -57.23 -23.28
C GLU A 145 -5.35 -57.60 -22.17
N HIS A 146 -5.82 -58.42 -21.23
CA HIS A 146 -4.97 -58.85 -20.13
C HIS A 146 -4.29 -60.17 -20.51
N HIS A 147 -3.85 -60.93 -19.51
CA HIS A 147 -3.19 -62.21 -19.80
C HIS A 147 -4.19 -63.28 -20.22
N ASP A 148 -5.49 -63.08 -19.96
CA ASP A 148 -6.48 -64.12 -20.18
C ASP A 148 -6.86 -64.31 -21.65
N GLY A 149 -6.28 -63.53 -22.56
CA GLY A 149 -6.55 -63.70 -23.98
C GLY A 149 -7.89 -63.20 -24.45
N PHE A 150 -8.59 -62.39 -23.66
CA PHE A 150 -9.88 -61.84 -24.03
C PHE A 150 -9.72 -60.37 -24.40
N ALA A 151 -9.99 -60.04 -25.66
CA ALA A 151 -9.84 -58.68 -26.13
C ALA A 151 -11.05 -57.83 -25.70
N MET A 152 -10.76 -56.63 -25.22
CA MET A 152 -11.79 -55.69 -24.78
C MET A 152 -12.12 -54.66 -25.85
N TYR A 153 -11.98 -55.01 -27.13
CA TYR A 153 -12.14 -54.05 -28.20
C TYR A 153 -12.62 -54.78 -29.46
N SER A 154 -12.83 -54.02 -30.53
CA SER A 154 -13.28 -54.55 -31.81
C SER A 154 -12.08 -55.20 -32.50
N SER A 155 -12.00 -56.53 -32.42
CA SER A 155 -10.84 -57.27 -32.90
C SER A 155 -11.28 -58.33 -33.90
N THR A 156 -10.79 -58.21 -35.14
CA THR A 156 -10.93 -59.31 -36.09
C THR A 156 -9.89 -60.39 -35.84
N PHE A 157 -8.75 -60.03 -35.26
CA PHE A 157 -7.68 -60.99 -35.02
C PHE A 157 -8.07 -62.01 -33.95
N ASN A 158 -8.66 -61.55 -32.85
CA ASN A 158 -9.05 -62.41 -31.74
C ASN A 158 -10.57 -62.56 -31.74
N LYS A 159 -11.04 -63.77 -31.97
CA LYS A 159 -12.47 -64.04 -31.96
C LYS A 159 -13.08 -63.89 -30.57
N TRP A 160 -12.26 -64.01 -29.52
CA TRP A 160 -12.72 -63.80 -28.14
C TRP A 160 -12.56 -62.31 -27.81
N ASN A 161 -13.52 -61.53 -28.28
CA ASN A 161 -13.52 -60.09 -28.09
C ASN A 161 -14.79 -59.64 -27.38
N ALA A 162 -14.77 -58.39 -26.92
CA ALA A 162 -15.89 -57.83 -26.17
C ALA A 162 -17.02 -57.33 -27.06
N VAL A 163 -16.85 -57.33 -28.38
CA VAL A 163 -17.90 -56.90 -29.28
C VAL A 163 -18.84 -58.05 -29.62
N ASP A 164 -18.31 -59.23 -29.87
CA ASP A 164 -19.12 -60.40 -30.21
C ASP A 164 -19.61 -61.17 -28.99
N MET A 165 -18.94 -61.03 -27.84
CA MET A 165 -19.31 -61.75 -26.64
C MET A 165 -19.21 -60.83 -25.44
N GLY A 166 -19.82 -61.26 -24.34
CA GLY A 166 -19.76 -60.53 -23.09
C GLY A 166 -20.55 -59.24 -23.12
N PRO A 167 -19.85 -58.12 -22.95
CA PRO A 167 -20.55 -56.82 -22.98
C PRO A 167 -21.17 -56.49 -24.33
N LYS A 168 -20.70 -57.11 -25.41
CA LYS A 168 -21.21 -56.88 -26.77
C LYS A 168 -21.14 -55.40 -27.13
N ARG A 169 -19.96 -54.81 -26.91
CA ARG A 169 -19.73 -53.41 -27.25
C ARG A 169 -18.23 -53.15 -27.24
N ASP A 170 -17.81 -52.15 -28.01
CA ASP A 170 -16.40 -51.78 -28.13
C ASP A 170 -16.01 -50.96 -26.91
N ILE A 171 -15.48 -51.64 -25.90
CA ILE A 171 -15.13 -50.96 -24.64
C ILE A 171 -14.03 -49.94 -24.87
N ILE A 172 -12.97 -50.33 -25.60
CA ILE A 172 -11.88 -49.41 -25.87
C ILE A 172 -12.35 -48.28 -26.78
N GLY A 173 -13.19 -48.60 -27.77
CA GLY A 173 -13.70 -47.58 -28.66
C GLY A 173 -14.60 -46.58 -27.95
N GLU A 174 -15.45 -47.07 -27.05
CA GLU A 174 -16.32 -46.16 -26.31
C GLU A 174 -15.51 -45.31 -25.33
N LEU A 175 -14.47 -45.88 -24.73
CA LEU A 175 -13.61 -45.11 -23.84
C LEU A 175 -12.78 -44.08 -24.62
N LYS A 176 -12.49 -44.38 -25.89
CA LYS A 176 -11.73 -43.42 -26.70
C LYS A 176 -12.58 -42.20 -27.03
N GLU A 177 -13.87 -42.40 -27.33
CA GLU A 177 -14.74 -41.26 -27.61
C GLU A 177 -15.05 -40.47 -26.35
N ALA A 178 -15.22 -41.16 -25.22
CA ALA A 178 -15.47 -40.46 -23.97
C ALA A 178 -14.25 -39.67 -23.51
N THR A 179 -13.04 -40.17 -23.80
CA THR A 179 -11.84 -39.44 -23.44
C THR A 179 -11.68 -38.17 -24.27
N LYS A 180 -12.04 -38.24 -25.56
CA LYS A 180 -11.95 -37.06 -26.41
C LYS A 180 -12.94 -35.98 -25.97
N LYS A 181 -14.15 -36.39 -25.58
CA LYS A 181 -15.14 -35.42 -25.11
C LYS A 181 -14.77 -34.84 -23.74
N ALA A 182 -13.93 -35.54 -22.97
CA ALA A 182 -13.49 -35.05 -21.68
C ALA A 182 -12.26 -34.16 -21.78
N GLY A 183 -11.56 -34.17 -22.93
CA GLY A 183 -10.37 -33.36 -23.09
C GLY A 183 -9.10 -33.98 -22.57
N LEU A 184 -9.09 -35.29 -22.38
CA LEU A 184 -7.90 -36.00 -21.90
C LEU A 184 -7.23 -36.75 -23.04
N ARG A 185 -6.07 -37.33 -22.73
CA ARG A 185 -5.32 -38.12 -23.70
C ARG A 185 -5.61 -39.61 -23.48
N PHE A 186 -5.73 -40.35 -24.58
CA PHE A 186 -6.17 -41.73 -24.55
C PHE A 186 -4.97 -42.66 -24.69
N GLY A 187 -4.81 -43.56 -23.72
CA GLY A 187 -3.84 -44.63 -23.82
C GLY A 187 -4.52 -45.97 -23.60
N LEU A 188 -3.69 -47.02 -23.57
CA LEU A 188 -4.20 -48.36 -23.31
C LEU A 188 -3.03 -49.26 -22.93
N SER A 189 -3.37 -50.41 -22.35
CA SER A 189 -2.38 -51.38 -21.89
C SER A 189 -2.60 -52.72 -22.57
N SER A 190 -1.49 -53.40 -22.87
CA SER A 190 -1.52 -54.72 -23.48
C SER A 190 -0.79 -55.71 -22.59
N HIS A 191 -1.44 -56.84 -22.31
CA HIS A 191 -0.84 -57.90 -21.48
C HIS A 191 -0.82 -59.24 -22.20
N ARG A 192 -1.00 -59.25 -23.52
CA ARG A 192 -1.11 -60.51 -24.25
C ARG A 192 0.19 -61.29 -24.28
N CYS A 193 1.33 -60.65 -24.01
CA CYS A 193 2.60 -61.36 -24.04
C CYS A 193 2.62 -62.54 -23.09
N GLU A 194 2.00 -62.39 -21.92
CA GLU A 194 1.93 -63.45 -20.92
C GLU A 194 0.92 -64.53 -21.30
N ASN A 195 0.06 -64.28 -22.28
CA ASN A 195 -0.95 -65.27 -22.66
C ASN A 195 -0.33 -66.53 -23.24
N ALA A 196 0.92 -66.47 -23.70
CA ALA A 196 1.57 -67.65 -24.26
C ALA A 196 1.81 -68.73 -23.22
N TRP A 197 1.81 -68.39 -21.93
CA TRP A 197 2.08 -69.35 -20.87
C TRP A 197 1.11 -69.25 -19.70
N PHE A 198 0.12 -68.35 -19.75
CA PHE A 198 -0.72 -68.11 -18.59
C PHE A 198 -1.59 -69.32 -18.25
N TYR A 199 -1.99 -70.10 -19.25
CA TYR A 199 -2.84 -71.27 -19.04
C TYR A 199 -2.05 -72.57 -19.09
N GLU A 200 -0.81 -72.58 -18.59
CA GLU A 200 0.03 -73.76 -18.69
C GLU A 200 -0.47 -74.88 -17.79
N TYR A 201 -1.13 -74.55 -16.68
CA TYR A 201 -1.57 -75.57 -15.74
C TYR A 201 -2.83 -76.29 -16.21
N GLY A 202 -3.55 -75.73 -17.18
CA GLY A 202 -4.69 -76.42 -17.74
C GLY A 202 -4.33 -77.65 -18.54
N MET A 203 -3.07 -77.78 -18.95
CA MET A 203 -2.62 -78.96 -19.68
C MET A 203 -2.22 -80.10 -18.76
N GLU A 204 -1.92 -79.82 -17.49
CA GLU A 204 -1.50 -80.83 -16.54
C GLU A 204 -2.65 -81.42 -15.73
N THR A 205 -3.87 -80.90 -15.90
CA THR A 205 -5.05 -81.35 -15.19
C THR A 205 -6.19 -81.39 -16.20
N PRO A 206 -7.05 -82.43 -16.14
CA PRO A 206 -8.22 -82.47 -17.02
C PRO A 206 -9.05 -81.19 -16.98
N SER A 207 -9.01 -80.43 -18.07
CA SER A 207 -9.73 -79.16 -18.16
C SER A 207 -10.04 -78.89 -19.63
N ASP A 208 -10.69 -77.75 -19.88
CA ASP A 208 -10.97 -77.35 -21.25
C ASP A 208 -9.79 -76.68 -21.94
N VAL A 209 -8.72 -76.38 -21.19
CA VAL A 209 -7.52 -75.84 -21.81
C VAL A 209 -6.87 -76.87 -22.72
N GLN A 210 -6.99 -78.15 -22.38
CA GLN A 210 -6.42 -79.21 -23.21
C GLN A 210 -7.08 -79.28 -24.58
N ASP A 211 -8.26 -78.70 -24.74
CA ASP A 211 -8.89 -78.56 -26.05
C ASP A 211 -8.14 -77.47 -26.81
N THR A 212 -7.21 -77.89 -27.68
CA THR A 212 -6.34 -76.94 -28.37
C THR A 212 -7.07 -76.12 -29.42
N THR A 213 -8.34 -76.43 -29.71
CA THR A 213 -9.10 -75.63 -30.66
C THR A 213 -9.45 -74.25 -30.09
N ILE A 214 -9.44 -74.09 -28.77
CA ILE A 214 -9.82 -72.84 -28.12
C ILE A 214 -8.58 -71.95 -28.10
N THR A 215 -8.56 -70.94 -28.97
CA THR A 215 -7.42 -70.01 -29.03
C THR A 215 -7.38 -69.06 -27.85
N LEU A 216 -8.44 -69.00 -27.03
CA LEU A 216 -8.46 -68.08 -25.91
C LEU A 216 -7.36 -68.38 -24.90
N TYR A 217 -6.94 -69.64 -24.80
CA TYR A 217 -6.03 -70.08 -23.76
C TYR A 217 -4.56 -70.01 -24.17
N GLY A 218 -4.26 -69.45 -25.34
CA GLY A 218 -2.88 -69.17 -25.69
C GLY A 218 -2.07 -70.40 -26.09
N GLU A 219 -0.75 -70.23 -26.02
CA GLU A 219 0.19 -71.26 -26.46
C GLU A 219 0.41 -72.35 -25.42
N ARG A 220 0.05 -72.11 -24.16
CA ARG A 220 0.15 -73.10 -23.10
C ARG A 220 1.59 -73.57 -22.89
N LEU A 221 2.53 -72.63 -23.02
CA LEU A 221 3.94 -72.92 -22.78
C LEU A 221 4.26 -72.74 -21.29
N HIS A 222 5.51 -73.02 -20.93
CA HIS A 222 5.94 -72.85 -19.55
C HIS A 222 6.32 -71.39 -19.30
N GLU A 223 6.11 -70.97 -18.05
CA GLU A 223 6.45 -69.61 -17.67
C GLU A 223 7.96 -69.40 -17.70
N PRO A 224 8.44 -68.27 -18.21
CA PRO A 224 9.89 -68.02 -18.20
C PRO A 224 10.41 -67.88 -16.78
N GLU A 225 11.66 -68.32 -16.60
CA GLU A 225 12.29 -68.29 -15.29
C GLU A 225 12.80 -66.88 -14.99
N GLY A 226 13.58 -66.74 -13.92
CA GLY A 226 14.09 -65.44 -13.52
C GLY A 226 13.07 -64.67 -12.70
N GLN A 227 13.32 -64.57 -11.39
CA GLN A 227 12.41 -63.88 -10.50
C GLN A 227 12.61 -62.37 -10.60
N GLY A 228 11.49 -61.64 -10.56
CA GLY A 228 11.55 -60.19 -10.57
C GLY A 228 11.58 -59.61 -11.97
N MET A 229 12.11 -58.38 -12.05
CA MET A 229 12.17 -57.63 -13.30
C MET A 229 13.53 -57.85 -13.95
N THR A 230 13.68 -59.02 -14.58
CA THR A 230 14.93 -59.38 -15.21
C THR A 230 14.68 -59.97 -16.59
N PRO A 231 15.52 -59.63 -17.58
CA PRO A 231 15.35 -60.21 -18.92
C PRO A 231 15.79 -61.66 -19.03
N TYR A 232 16.48 -62.18 -18.04
CA TYR A 232 16.91 -63.58 -18.05
C TYR A 232 15.70 -64.50 -17.97
N CYS A 233 15.64 -65.48 -18.87
CA CYS A 233 14.51 -66.40 -18.93
C CYS A 233 14.89 -67.85 -18.68
N GLY A 234 16.12 -68.24 -18.98
CA GLY A 234 16.59 -69.57 -18.61
C GLY A 234 16.03 -70.66 -19.51
N LYS A 235 15.50 -71.70 -18.86
CA LYS A 235 15.13 -72.93 -19.57
C LYS A 235 13.96 -72.70 -20.52
N TYR A 236 12.97 -71.93 -20.10
CA TYR A 236 11.76 -71.70 -20.88
C TYR A 236 11.76 -70.28 -21.43
N GLU A 237 11.44 -70.15 -22.72
CA GLU A 237 11.49 -68.84 -23.37
C GLU A 237 10.33 -67.96 -22.93
N GLY A 238 9.18 -68.54 -22.62
CA GLY A 238 7.98 -67.77 -22.34
C GLY A 238 7.23 -67.30 -23.55
N SER A 239 7.72 -67.61 -24.76
CA SER A 239 7.05 -67.25 -26.00
C SER A 239 7.63 -68.10 -27.12
N ASN A 240 6.83 -68.35 -28.14
CA ASN A 240 7.25 -69.05 -29.34
C ASN A 240 7.10 -68.13 -30.54
N GLU A 241 7.46 -68.64 -31.71
CA GLU A 241 7.39 -67.81 -32.91
C GLU A 241 5.97 -67.52 -33.35
N ARG A 242 4.99 -68.28 -32.86
CA ARG A 242 3.59 -67.98 -33.20
C ARG A 242 3.04 -66.87 -32.33
N SER A 243 3.27 -66.93 -31.02
CA SER A 243 2.79 -65.88 -30.13
C SER A 243 3.43 -64.54 -30.44
N ARG A 244 4.67 -64.55 -30.93
CA ARG A 244 5.32 -63.30 -31.33
C ARG A 244 4.69 -62.75 -32.60
N ARG A 245 4.28 -63.63 -33.52
CA ARG A 245 3.52 -63.18 -34.69
C ARG A 245 2.19 -62.57 -34.27
N GLN A 246 1.50 -63.22 -33.31
CA GLN A 246 0.20 -62.73 -32.87
C GLN A 246 0.34 -61.44 -32.06
N PHE A 247 1.43 -61.31 -31.30
CA PHE A 247 1.65 -60.07 -30.54
C PHE A 247 1.74 -58.87 -31.47
N LEU A 248 2.44 -59.03 -32.60
CA LEU A 248 2.58 -57.92 -33.55
C LEU A 248 1.24 -57.56 -34.17
N MET A 249 0.50 -58.56 -34.65
CA MET A 249 -0.83 -58.30 -35.20
C MET A 249 -1.78 -57.75 -34.15
N HIS A 250 -1.58 -58.14 -32.88
CA HIS A 250 -2.41 -57.61 -31.80
C HIS A 250 -2.09 -56.15 -31.53
N THR A 251 -0.80 -55.81 -31.46
CA THR A 251 -0.41 -54.42 -31.19
C THR A 251 -0.81 -53.51 -32.35
N TYR A 252 -0.69 -53.99 -33.59
CA TYR A 252 -0.99 -53.14 -34.74
C TYR A 252 -2.49 -52.94 -34.90
N GLU A 253 -3.29 -53.89 -34.42
CA GLU A 253 -4.73 -53.70 -34.40
C GLU A 253 -5.12 -52.59 -33.42
N LEU A 254 -4.41 -52.50 -32.29
CA LEU A 254 -4.64 -51.41 -31.36
C LEU A 254 -4.08 -50.09 -31.89
N ILE A 255 -3.03 -50.16 -32.70
CA ILE A 255 -2.42 -48.94 -33.24
C ILE A 255 -3.31 -48.32 -34.31
N ASP A 256 -3.87 -49.14 -35.19
CA ASP A 256 -4.63 -48.61 -36.33
C ASP A 256 -6.06 -48.25 -35.94
N LYS A 257 -6.69 -49.05 -35.08
CA LYS A 257 -8.10 -48.84 -34.80
C LYS A 257 -8.35 -47.67 -33.86
N TYR A 258 -7.47 -47.48 -32.87
CA TYR A 258 -7.71 -46.48 -31.83
C TYR A 258 -6.62 -45.42 -31.73
N GLN A 259 -5.48 -45.62 -32.38
CA GLN A 259 -4.40 -44.62 -32.43
C GLN A 259 -4.09 -44.02 -31.06
N PRO A 260 -3.67 -44.83 -30.09
CA PRO A 260 -3.42 -44.31 -28.75
C PRO A 260 -2.11 -43.54 -28.67
N GLU A 261 -2.08 -42.56 -27.77
CA GLU A 261 -0.88 -41.78 -27.52
C GLU A 261 0.04 -42.44 -26.49
N LEU A 262 -0.33 -43.60 -25.97
CA LEU A 262 0.49 -44.32 -25.01
C LEU A 262 0.04 -45.78 -25.01
N ILE A 263 1.00 -46.70 -24.99
CA ILE A 263 0.72 -48.13 -24.88
C ILE A 263 1.55 -48.70 -23.73
N TRP A 264 0.87 -49.37 -22.81
CA TRP A 264 1.48 -49.93 -21.61
C TRP A 264 1.60 -51.44 -21.77
N PHE A 265 2.77 -51.98 -21.45
CA PHE A 265 3.04 -53.41 -21.57
C PHE A 265 3.48 -53.97 -20.23
N ASN A 266 3.22 -55.26 -20.02
CA ASN A 266 3.60 -55.91 -18.78
C ASN A 266 5.00 -56.49 -18.92
N TRP A 267 5.42 -57.29 -17.94
CA TRP A 267 6.85 -57.51 -17.70
C TRP A 267 7.49 -58.47 -18.69
N THR A 268 6.76 -59.48 -19.19
CA THR A 268 7.42 -60.49 -20.02
C THR A 268 7.83 -59.99 -21.39
N VAL A 269 7.44 -58.77 -21.79
CA VAL A 269 7.88 -58.27 -23.08
C VAL A 269 9.37 -57.96 -23.08
N GLY A 270 9.97 -57.83 -21.89
CA GLY A 270 11.38 -57.54 -21.77
C GLY A 270 12.31 -58.73 -21.76
N LYS A 271 11.78 -59.95 -21.87
CA LYS A 271 12.63 -61.13 -21.92
C LYS A 271 13.48 -61.11 -23.19
N TYR A 272 14.69 -61.68 -23.08
CA TYR A 272 15.62 -61.71 -24.21
C TYR A 272 15.04 -62.30 -25.48
N PRO A 273 14.36 -63.46 -25.47
CA PRO A 273 13.83 -63.98 -26.74
C PRO A 273 12.74 -63.13 -27.35
N PHE A 274 12.11 -62.24 -26.58
CA PHE A 274 11.02 -61.41 -27.07
C PHE A 274 11.47 -60.03 -27.52
N GLN A 275 12.68 -59.60 -27.15
CA GLN A 275 13.12 -58.26 -27.49
C GLN A 275 13.18 -57.98 -28.99
N PRO A 276 13.68 -58.88 -29.85
CA PRO A 276 13.64 -58.59 -31.30
C PRO A 276 12.23 -58.37 -31.83
N THR A 277 11.23 -59.06 -31.28
CA THR A 277 9.85 -58.86 -31.73
C THR A 277 9.30 -57.54 -31.23
N PHE A 278 9.66 -57.15 -29.99
CA PHE A 278 9.14 -55.92 -29.43
C PHE A 278 9.70 -54.69 -30.13
N TYR A 279 10.96 -54.75 -30.56
CA TYR A 279 11.54 -53.62 -31.28
C TYR A 279 10.82 -53.39 -32.61
N LYS A 280 10.27 -54.44 -33.19
CA LYS A 280 9.48 -54.28 -34.41
C LYS A 280 8.21 -53.47 -34.14
N PHE A 281 7.61 -53.66 -32.96
CA PHE A 281 6.45 -52.86 -32.59
C PHE A 281 6.83 -51.41 -32.38
N MET A 282 7.93 -51.16 -31.67
CA MET A 282 8.34 -49.79 -31.35
C MET A 282 8.62 -49.00 -32.63
N ALA A 283 9.27 -49.64 -33.61
CA ALA A 283 9.56 -48.96 -34.87
C ALA A 283 8.27 -48.57 -35.59
N TYR A 284 7.29 -49.49 -35.62
CA TYR A 284 6.04 -49.19 -36.33
C TYR A 284 5.18 -48.20 -35.55
N TYR A 285 5.16 -48.32 -34.22
CA TYR A 285 4.36 -47.41 -33.41
C TYR A 285 4.87 -45.97 -33.55
N TYR A 286 6.18 -45.77 -33.44
CA TYR A 286 6.73 -44.42 -33.55
C TYR A 286 6.58 -43.88 -34.98
N ASN A 287 6.70 -44.75 -35.98
CA ASN A 287 6.53 -44.31 -37.35
C ASN A 287 5.09 -43.93 -37.63
N SER A 288 4.13 -44.66 -37.05
CA SER A 288 2.74 -44.28 -37.20
C SER A 288 2.44 -42.95 -36.51
N ALA A 289 3.09 -42.70 -35.37
CA ALA A 289 2.88 -41.45 -34.65
C ALA A 289 3.35 -40.26 -35.47
N LEU A 290 4.41 -40.42 -36.27
CA LEU A 290 4.87 -39.32 -37.12
C LEU A 290 3.81 -38.97 -38.17
N ASP A 291 3.10 -39.98 -38.69
CA ASP A 291 2.04 -39.71 -39.65
C ASP A 291 0.80 -39.15 -38.96
N TRP A 292 0.53 -39.57 -37.73
CA TRP A 292 -0.60 -39.03 -36.97
C TRP A 292 -0.39 -37.58 -36.58
N ASN A 293 0.83 -37.05 -36.69
CA ASN A 293 1.19 -35.75 -36.12
C ASN A 293 0.96 -35.75 -34.60
N LYS A 294 1.26 -36.89 -33.98
CA LYS A 294 1.16 -37.05 -32.53
C LYS A 294 2.45 -37.65 -32.01
N GLU A 295 2.68 -37.46 -30.71
CA GLU A 295 3.85 -38.01 -30.03
C GLU A 295 3.38 -38.98 -28.97
N VAL A 296 3.99 -40.16 -28.92
CA VAL A 296 3.48 -41.28 -28.14
C VAL A 296 4.51 -41.68 -27.08
N VAL A 297 4.11 -42.63 -26.24
CA VAL A 297 4.92 -43.11 -25.12
C VAL A 297 4.74 -44.62 -25.02
N VAL A 298 5.84 -45.33 -24.78
CA VAL A 298 5.83 -46.77 -24.58
C VAL A 298 6.30 -47.05 -23.15
N ASN A 299 5.57 -47.92 -22.45
CA ASN A 299 5.85 -48.25 -21.06
C ASN A 299 6.29 -49.71 -20.98
N THR A 300 7.52 -49.94 -20.51
CA THR A 300 8.02 -51.27 -20.19
C THR A 300 8.66 -51.24 -18.81
N LYS A 301 8.65 -52.39 -18.14
CA LYS A 301 9.15 -52.47 -16.78
C LYS A 301 10.64 -52.82 -16.72
N PHE A 302 11.22 -53.33 -17.79
CA PHE A 302 12.65 -53.58 -17.87
C PHE A 302 12.99 -53.98 -19.31
N GLY A 303 14.29 -54.13 -19.57
CA GLY A 303 14.78 -54.67 -20.81
C GLY A 303 15.13 -53.66 -21.88
N TYR A 304 14.82 -52.38 -21.68
CA TYR A 304 15.05 -51.38 -22.71
C TYR A 304 15.58 -50.10 -22.06
N GLY A 305 16.29 -49.31 -22.85
CA GLY A 305 16.95 -48.14 -22.31
C GLY A 305 15.97 -47.10 -21.82
N ASP A 306 16.44 -46.28 -20.87
CA ASP A 306 15.61 -45.23 -20.30
C ASP A 306 15.29 -44.13 -21.30
N ASN A 307 16.02 -44.07 -22.41
CA ASN A 307 15.87 -42.98 -23.38
C ASN A 307 14.96 -43.32 -24.54
N ILE A 308 14.78 -44.59 -24.88
CA ILE A 308 13.94 -44.97 -26.00
C ILE A 308 12.51 -45.30 -25.60
N GLN A 309 12.22 -45.34 -24.29
CA GLN A 309 10.88 -45.58 -23.78
C GLN A 309 10.81 -45.05 -22.36
N VAL A 310 9.63 -45.10 -21.76
CA VAL A 310 9.41 -44.58 -20.42
C VAL A 310 9.42 -45.75 -19.44
N PHE A 311 10.50 -45.84 -18.66
CA PHE A 311 10.65 -46.88 -17.66
C PHE A 311 9.54 -46.79 -16.62
N ASP A 312 9.03 -47.96 -16.20
CA ASP A 312 7.88 -48.03 -15.31
C ASP A 312 8.16 -49.03 -14.19
N ILE A 313 7.75 -48.68 -12.97
CA ILE A 313 7.93 -49.51 -11.78
C ILE A 313 6.56 -49.88 -11.23
N GLU A 314 6.37 -51.16 -10.94
CA GLU A 314 5.10 -51.66 -10.44
C GLU A 314 5.09 -51.58 -8.91
N ARG A 315 4.12 -50.85 -8.36
CA ARG A 315 3.94 -50.71 -6.92
C ARG A 315 5.24 -50.26 -6.25
N GLY A 316 5.86 -49.25 -6.84
CA GLY A 316 7.10 -48.73 -6.30
C GLY A 316 7.56 -47.51 -7.08
N LYS A 317 8.45 -46.75 -6.45
CA LYS A 317 8.98 -45.52 -7.01
C LYS A 317 10.49 -45.50 -6.85
N SER A 318 11.11 -44.42 -7.31
CA SER A 318 12.56 -44.26 -7.22
C SER A 318 12.93 -43.48 -5.96
N ASP A 319 14.16 -43.67 -5.51
CA ASP A 319 14.68 -42.94 -4.37
C ASP A 319 15.45 -41.68 -4.78
N ARG A 320 15.93 -41.61 -6.01
CA ARG A 320 16.65 -40.47 -6.54
C ARG A 320 15.92 -39.93 -7.77
N ILE A 321 16.37 -38.76 -8.23
CA ILE A 321 15.86 -38.21 -9.48
C ILE A 321 16.47 -38.98 -10.64
N ARG A 322 15.63 -39.42 -11.57
CA ARG A 322 16.08 -40.10 -12.77
C ARG A 322 16.17 -39.11 -13.92
N GLU A 323 17.19 -39.27 -14.77
CA GLU A 323 17.41 -38.33 -15.85
C GLU A 323 16.23 -38.34 -16.83
N TYR A 324 15.80 -39.52 -17.23
CA TYR A 324 14.69 -39.60 -18.18
C TYR A 324 13.37 -39.81 -17.46
N PRO A 325 12.28 -39.27 -17.99
CA PRO A 325 10.97 -39.42 -17.34
C PRO A 325 10.60 -40.89 -17.16
N TRP A 326 10.00 -41.19 -16.02
CA TRP A 326 9.60 -42.55 -15.66
C TRP A 326 8.19 -42.50 -15.11
N GLN A 327 7.64 -43.68 -14.83
CA GLN A 327 6.25 -43.80 -14.40
C GLN A 327 6.14 -44.84 -13.28
N THR A 328 5.26 -44.56 -12.33
CA THR A 328 4.89 -45.52 -11.28
C THR A 328 3.44 -45.92 -11.49
N ASP A 329 3.19 -47.22 -11.61
CA ASP A 329 1.84 -47.75 -11.71
C ASP A 329 1.51 -48.50 -10.43
N THR A 330 0.36 -48.18 -9.84
CA THR A 330 -0.06 -48.80 -8.59
C THR A 330 -1.58 -48.74 -8.52
N SER A 331 -2.13 -49.58 -7.63
CA SER A 331 -3.57 -49.71 -7.48
C SER A 331 -4.04 -49.01 -6.21
N VAL A 332 -5.26 -48.47 -6.26
CA VAL A 332 -5.88 -47.94 -5.06
C VAL A 332 -6.09 -49.06 -4.04
N GLY A 333 -6.42 -50.25 -4.52
CA GLY A 333 -6.51 -51.40 -3.64
C GLY A 333 -5.13 -52.00 -3.39
N LYS A 334 -4.91 -52.41 -2.14
CA LYS A 334 -3.60 -52.93 -1.75
C LYS A 334 -3.39 -54.36 -2.24
N LYS A 335 -4.46 -55.12 -2.43
CA LYS A 335 -4.33 -56.53 -2.77
C LYS A 335 -4.37 -56.78 -4.27
N SER A 336 -5.40 -56.29 -4.95
CA SER A 336 -5.64 -56.63 -6.34
C SER A 336 -5.76 -55.37 -7.19
N TRP A 337 -5.54 -55.55 -8.49
CA TRP A 337 -5.77 -54.46 -9.44
C TRP A 337 -7.22 -54.43 -9.89
N SER A 338 -7.75 -55.56 -10.34
CA SER A 338 -9.16 -55.67 -10.63
C SER A 338 -9.96 -55.75 -9.33
N TYR A 339 -11.27 -55.67 -9.46
CA TYR A 339 -12.14 -55.70 -8.29
C TYR A 339 -12.15 -57.10 -7.68
N CYS A 340 -12.17 -57.14 -6.34
CA CYS A 340 -12.29 -58.40 -5.62
C CYS A 340 -12.93 -58.12 -4.26
N VAL A 341 -13.70 -59.09 -3.78
CA VAL A 341 -14.37 -58.95 -2.49
C VAL A 341 -13.33 -58.87 -1.39
N GLY A 342 -13.50 -57.94 -0.47
CA GLY A 342 -12.58 -57.78 0.64
C GLY A 342 -11.29 -57.08 0.28
N GLU A 343 -11.36 -56.01 -0.51
CA GLU A 343 -10.20 -55.24 -0.90
C GLU A 343 -9.99 -54.08 0.05
N GLU A 344 -8.76 -53.92 0.55
CA GLU A 344 -8.41 -52.81 1.41
C GLU A 344 -7.83 -51.70 0.55
N ASN A 345 -8.58 -50.61 0.40
CA ASN A 345 -8.16 -49.50 -0.44
C ASN A 345 -7.24 -48.56 0.32
N LYS A 346 -6.32 -47.95 -0.40
CA LYS A 346 -5.38 -47.00 0.20
C LYS A 346 -6.09 -45.69 0.55
N SER A 347 -5.49 -44.96 1.48
CA SER A 347 -6.02 -43.67 1.88
C SER A 347 -5.58 -42.58 0.90
N PRO A 348 -6.34 -41.49 0.81
CA PRO A 348 -5.89 -40.38 -0.06
C PRO A 348 -4.54 -39.81 0.33
N ASP A 349 -4.22 -39.76 1.64
CA ASP A 349 -2.94 -39.20 2.06
C ASP A 349 -1.78 -40.13 1.71
N HIS A 350 -2.02 -41.45 1.76
CA HIS A 350 -0.99 -42.40 1.33
C HIS A 350 -0.64 -42.18 -0.13
N ILE A 351 -1.64 -42.01 -0.98
CA ILE A 351 -1.39 -41.88 -2.41
C ILE A 351 -0.83 -40.50 -2.75
N ILE A 352 -1.33 -39.45 -2.08
CA ILE A 352 -0.90 -38.10 -2.40
C ILE A 352 0.52 -37.85 -1.91
N ASP A 353 0.88 -38.41 -0.75
CA ASP A 353 2.24 -38.28 -0.27
C ASP A 353 3.22 -38.97 -1.22
N ASP A 354 2.85 -40.13 -1.74
CA ASP A 354 3.70 -40.81 -2.72
C ASP A 354 3.65 -40.13 -4.08
N PHE A 355 2.50 -39.56 -4.44
CA PHE A 355 2.38 -38.89 -5.74
C PHE A 355 3.33 -37.71 -5.84
N VAL A 356 3.41 -36.89 -4.78
CA VAL A 356 4.33 -35.75 -4.79
C VAL A 356 5.77 -36.24 -4.81
N ASP A 357 6.08 -37.31 -4.07
CA ASP A 357 7.42 -37.86 -4.09
C ASP A 357 7.79 -38.36 -5.48
N ILE A 358 6.84 -38.99 -6.18
CA ILE A 358 7.10 -39.48 -7.53
C ILE A 358 7.35 -38.32 -8.48
N VAL A 359 6.53 -37.26 -8.39
CA VAL A 359 6.68 -36.13 -9.30
C VAL A 359 7.98 -35.38 -9.04
N SER A 360 8.40 -35.30 -7.77
CA SER A 360 9.63 -34.60 -7.45
C SER A 360 10.86 -35.27 -8.04
N LYS A 361 10.77 -36.54 -8.43
CA LYS A 361 11.88 -37.27 -9.02
C LYS A 361 11.67 -37.51 -10.52
N ASN A 362 10.92 -36.62 -11.18
CA ASN A 362 10.60 -36.70 -12.60
C ASN A 362 9.82 -37.97 -12.94
N GLY A 363 9.03 -38.47 -11.98
CA GLY A 363 8.17 -39.60 -12.25
C GLY A 363 6.71 -39.20 -12.31
N ASN A 364 5.90 -39.99 -13.01
CA ASN A 364 4.47 -39.74 -13.11
C ASN A 364 3.70 -40.94 -12.57
N LEU A 365 2.56 -40.67 -11.94
CA LEU A 365 1.79 -41.70 -11.25
C LEU A 365 0.67 -42.21 -12.15
N LEU A 366 0.60 -43.53 -12.30
CA LEU A 366 -0.48 -44.20 -13.01
C LEU A 366 -1.27 -44.99 -11.97
N LEU A 367 -2.33 -44.36 -11.45
CA LEU A 367 -3.13 -44.95 -10.37
C LEU A 367 -4.20 -45.85 -10.95
N ASN A 368 -4.37 -47.03 -10.35
CA ASN A 368 -5.28 -48.04 -10.86
C ASN A 368 -6.56 -48.12 -10.03
N ILE A 369 -7.68 -48.27 -10.70
CA ILE A 369 -8.96 -48.54 -10.06
C ILE A 369 -9.52 -49.84 -10.66
N GLY A 370 -10.30 -50.54 -9.86
CA GLY A 370 -10.88 -51.80 -10.28
C GLY A 370 -12.40 -51.80 -10.19
N PRO A 371 -13.06 -51.52 -11.31
CA PRO A 371 -14.52 -51.46 -11.30
C PRO A 371 -15.12 -52.84 -11.08
N LYS A 372 -16.34 -52.84 -10.54
CA LYS A 372 -17.07 -54.09 -10.35
C LYS A 372 -17.41 -54.71 -11.72
N ALA A 373 -17.92 -55.95 -11.67
CA ALA A 373 -18.13 -56.71 -12.90
C ALA A 373 -19.12 -56.01 -13.82
N ASP A 374 -20.15 -55.38 -13.27
CA ASP A 374 -21.14 -54.70 -14.09
C ASP A 374 -20.65 -53.37 -14.65
N GLY A 375 -19.47 -52.91 -14.24
CA GLY A 375 -18.93 -51.65 -14.69
C GLY A 375 -19.05 -50.51 -13.72
N THR A 376 -19.42 -50.78 -12.47
CA THR A 376 -19.58 -49.72 -11.47
C THR A 376 -18.28 -49.54 -10.70
N ILE A 377 -17.77 -48.32 -10.68
CA ILE A 377 -16.61 -47.98 -9.86
C ILE A 377 -17.09 -47.85 -8.41
N THR A 378 -16.37 -48.49 -7.50
CA THR A 378 -16.77 -48.50 -6.10
C THR A 378 -16.75 -47.10 -5.51
N ASP A 379 -17.56 -46.91 -4.46
CA ASP A 379 -17.63 -45.60 -3.82
C ASP A 379 -16.31 -45.22 -3.16
N GLU A 380 -15.60 -46.21 -2.61
CA GLU A 380 -14.35 -45.92 -1.92
C GLU A 380 -13.28 -45.43 -2.91
N GLN A 381 -13.22 -46.04 -4.09
CA GLN A 381 -12.24 -45.61 -5.09
C GLN A 381 -12.65 -44.32 -5.78
N LYS A 382 -13.95 -44.01 -5.82
CA LYS A 382 -14.37 -42.70 -6.33
C LYS A 382 -14.00 -41.60 -5.35
N ASN A 383 -14.17 -41.84 -4.05
CA ASN A 383 -13.78 -40.87 -3.04
C ASN A 383 -12.28 -40.64 -3.02
N VAL A 384 -11.50 -41.70 -3.28
CA VAL A 384 -10.05 -41.55 -3.33
C VAL A 384 -9.65 -40.63 -4.49
N LEU A 385 -10.20 -40.90 -5.68
CA LEU A 385 -9.88 -40.07 -6.84
C LEU A 385 -10.38 -38.65 -6.65
N ALA A 386 -11.54 -38.48 -6.01
CA ALA A 386 -12.08 -37.14 -5.80
C ALA A 386 -11.19 -36.31 -4.87
N GLU A 387 -10.64 -36.93 -3.83
CA GLU A 387 -9.76 -36.21 -2.92
C GLU A 387 -8.46 -35.81 -3.60
N ILE A 388 -7.97 -36.64 -4.53
CA ILE A 388 -6.77 -36.27 -5.29
C ILE A 388 -7.08 -35.08 -6.20
N GLY A 389 -8.25 -35.09 -6.84
CA GLY A 389 -8.63 -33.96 -7.69
C GLY A 389 -8.87 -32.70 -6.89
N LYS A 390 -9.50 -32.82 -5.73
CA LYS A 390 -9.69 -31.66 -4.87
C LYS A 390 -8.36 -31.11 -4.37
N TRP A 391 -7.39 -32.00 -4.11
CA TRP A 391 -6.07 -31.54 -3.71
C TRP A 391 -5.31 -30.94 -4.90
N LEU A 392 -5.53 -31.47 -6.10
CA LEU A 392 -4.87 -30.93 -7.29
C LEU A 392 -5.49 -29.61 -7.71
N LYS A 393 -6.77 -29.39 -7.42
CA LYS A 393 -7.41 -28.13 -7.79
C LYS A 393 -6.75 -26.95 -7.08
N THR A 394 -6.15 -27.19 -5.92
CA THR A 394 -5.49 -26.14 -5.14
C THR A 394 -3.98 -26.12 -5.35
N ASN A 395 -3.33 -27.28 -5.38
CA ASN A 395 -1.88 -27.37 -5.46
C ASN A 395 -1.38 -27.81 -6.83
N GLY A 396 -2.24 -27.76 -7.86
CA GLY A 396 -1.86 -28.27 -9.17
C GLY A 396 -0.75 -27.48 -9.84
N GLU A 397 -0.51 -26.24 -9.41
CA GLU A 397 0.53 -25.43 -10.05
C GLU A 397 1.93 -25.98 -9.80
N ALA A 398 2.12 -26.72 -8.72
CA ALA A 398 3.42 -27.31 -8.42
C ALA A 398 3.59 -28.70 -9.03
N ILE A 399 2.56 -29.23 -9.70
CA ILE A 399 2.59 -30.57 -10.26
C ILE A 399 2.60 -30.54 -11.79
N TYR A 400 1.53 -30.02 -12.39
CA TYR A 400 1.40 -30.01 -13.84
C TYR A 400 2.51 -29.18 -14.48
N GLY A 401 3.13 -29.75 -15.52
CA GLY A 401 4.18 -29.06 -16.25
C GLY A 401 5.44 -28.77 -15.46
N SER A 402 5.61 -29.38 -14.29
CA SER A 402 6.78 -29.10 -13.45
C SER A 402 7.94 -30.02 -13.80
N ARG A 403 9.11 -29.68 -13.27
CA ARG A 403 10.33 -30.44 -13.45
C ARG A 403 11.01 -30.55 -12.09
N PRO A 404 11.93 -31.49 -11.92
CA PRO A 404 12.64 -31.60 -10.64
C PRO A 404 13.55 -30.40 -10.40
N TRP A 405 13.84 -30.18 -9.11
CA TRP A 405 14.76 -29.14 -8.69
C TRP A 405 16.16 -29.75 -8.59
N VAL A 406 17.09 -29.07 -7.90
CA VAL A 406 18.43 -29.62 -7.74
C VAL A 406 18.39 -30.88 -6.88
N ILE A 407 17.53 -30.90 -5.87
CA ILE A 407 17.37 -32.03 -4.97
C ILE A 407 15.89 -32.34 -4.84
N ALA A 408 15.57 -33.61 -4.71
CA ALA A 408 14.17 -34.03 -4.68
C ALA A 408 13.56 -33.86 -3.30
N SER A 409 14.24 -34.34 -2.27
CA SER A 409 13.67 -34.42 -0.94
C SER A 409 14.67 -33.98 0.11
N GLU A 410 14.13 -33.62 1.27
CA GLU A 410 14.93 -33.34 2.46
C GLU A 410 14.08 -33.63 3.69
N GLY A 411 14.74 -34.03 4.77
CA GLY A 411 14.06 -34.38 6.00
C GLY A 411 14.56 -35.69 6.53
N HIS A 412 13.80 -36.26 7.48
CA HIS A 412 14.20 -37.48 8.16
C HIS A 412 13.82 -38.74 7.38
N ASN A 413 12.56 -38.86 6.99
CA ASN A 413 12.05 -40.07 6.35
C ASN A 413 12.25 -39.98 4.84
N ALA A 414 12.97 -40.95 4.28
CA ALA A 414 13.22 -40.99 2.85
C ALA A 414 12.06 -41.63 2.07
N GLY A 415 11.26 -42.47 2.73
CA GLY A 415 10.14 -43.10 2.07
C GLY A 415 10.51 -44.43 1.42
N THR A 416 9.48 -45.07 0.87
CA THR A 416 9.68 -46.33 0.18
C THR A 416 10.25 -46.11 -1.21
N ALA A 417 10.89 -47.16 -1.73
CA ALA A 417 11.45 -47.13 -3.08
C ALA A 417 11.74 -48.56 -3.51
N GLY A 418 11.45 -48.85 -4.77
CA GLY A 418 11.75 -50.15 -5.35
C GLY A 418 10.50 -50.92 -5.73
N TYR A 419 10.74 -51.98 -6.51
CA TYR A 419 9.66 -52.81 -7.02
C TYR A 419 8.92 -53.51 -5.89
N MET A 420 7.60 -53.31 -5.84
CA MET A 420 6.71 -53.95 -4.86
C MET A 420 7.01 -53.46 -3.44
N THR A 421 6.95 -52.14 -3.26
CA THR A 421 7.09 -51.56 -1.93
C THR A 421 6.08 -50.45 -1.67
N ASP A 422 5.00 -50.36 -2.47
CA ASP A 422 4.10 -49.21 -2.38
C ASP A 422 3.18 -49.29 -1.17
N ASN A 423 2.84 -50.51 -0.72
CA ASN A 423 1.83 -50.66 0.31
C ASN A 423 2.27 -50.10 1.66
N THR A 424 3.56 -49.94 1.88
CA THR A 424 4.05 -49.36 3.14
C THR A 424 3.87 -47.85 3.09
N LYS A 425 3.02 -47.33 3.97
CA LYS A 425 2.76 -45.90 4.07
C LYS A 425 3.80 -45.27 4.98
N THR A 426 4.61 -44.36 4.44
CA THR A 426 5.61 -43.66 5.23
C THR A 426 4.94 -42.57 6.06
N GLU A 427 5.30 -42.51 7.35
CA GLU A 427 4.73 -41.50 8.25
C GLU A 427 5.62 -40.26 8.18
N TYR A 428 5.16 -39.27 7.42
CA TYR A 428 5.92 -38.04 7.21
C TYR A 428 5.54 -36.99 8.24
N THR A 429 6.47 -36.07 8.48
CA THR A 429 6.25 -34.86 9.26
C THR A 429 6.37 -33.65 8.33
N ALA A 430 6.12 -32.46 8.89
CA ALA A 430 6.21 -31.25 8.09
C ALA A 430 7.64 -30.95 7.65
N ASP A 431 8.64 -31.53 8.33
CA ASP A 431 10.04 -31.35 7.94
C ASP A 431 10.41 -32.16 6.70
N ASP A 432 9.59 -33.13 6.32
CA ASP A 432 9.83 -33.89 5.09
C ASP A 432 9.27 -33.09 3.92
N ILE A 433 10.16 -32.60 3.06
CA ILE A 433 9.81 -31.64 2.02
C ILE A 433 10.20 -32.20 0.66
N ARG A 434 9.30 -32.08 -0.31
CA ARG A 434 9.56 -32.43 -1.69
C ARG A 434 9.58 -31.17 -2.54
N PHE A 435 10.41 -31.17 -3.58
CA PHE A 435 10.64 -29.98 -4.40
C PHE A 435 10.24 -30.23 -5.84
N THR A 436 9.57 -29.24 -6.44
CA THR A 436 9.33 -29.19 -7.87
C THR A 436 9.59 -27.76 -8.34
N THR A 437 9.92 -27.61 -9.61
CA THR A 437 10.16 -26.31 -10.21
C THR A 437 9.39 -26.18 -11.52
N CYS A 438 8.97 -24.96 -11.82
CA CYS A 438 8.23 -24.69 -13.05
C CYS A 438 8.31 -23.20 -13.35
N ASP A 439 8.84 -22.86 -14.53
CA ASP A 439 9.01 -21.46 -14.94
C ASP A 439 9.81 -20.68 -13.89
N ASN A 440 10.91 -21.29 -13.45
CA ASN A 440 11.88 -20.71 -12.53
C ASN A 440 11.36 -20.62 -11.10
N ASN A 441 10.06 -20.89 -10.89
CA ASN A 441 9.51 -20.88 -9.54
C ASN A 441 9.95 -22.12 -8.77
N LEU A 442 10.09 -21.97 -7.46
CA LEU A 442 10.45 -23.07 -6.58
C LEU A 442 9.26 -23.44 -5.71
N TYR A 443 8.92 -24.73 -5.71
CA TYR A 443 7.77 -25.25 -4.96
C TYR A 443 8.27 -26.24 -3.92
N ALA A 444 8.06 -25.92 -2.65
CA ALA A 444 8.43 -26.79 -1.54
C ALA A 444 7.16 -27.37 -0.93
N VAL A 445 7.01 -28.68 -1.02
CA VAL A 445 5.79 -29.38 -0.61
C VAL A 445 6.08 -30.09 0.70
N SER A 446 5.41 -29.66 1.77
CA SER A 446 5.49 -30.36 3.04
C SER A 446 4.47 -31.50 3.06
N LEU A 447 4.94 -32.71 3.35
CA LEU A 447 4.09 -33.88 3.33
C LEU A 447 3.26 -34.04 4.61
N ALA A 448 3.21 -33.01 5.45
CA ALA A 448 2.38 -33.03 6.64
C ALA A 448 2.21 -31.59 7.11
N TRP A 449 1.30 -31.39 8.07
CA TRP A 449 1.00 -30.07 8.59
C TRP A 449 1.69 -29.84 9.92
N THR A 450 2.02 -28.58 10.18
CA THR A 450 2.49 -28.14 11.48
C THR A 450 1.97 -26.73 11.73
N ASP A 451 1.77 -26.41 13.01
CA ASP A 451 1.40 -25.06 13.40
C ASP A 451 2.61 -24.19 13.70
N GLY A 452 3.80 -24.78 13.76
CA GLY A 452 5.02 -24.02 13.94
C GLY A 452 5.67 -23.66 12.62
N SER A 453 6.95 -24.02 12.45
CA SER A 453 7.70 -23.65 11.26
C SER A 453 8.60 -24.80 10.85
N VAL A 454 9.00 -24.79 9.58
CA VAL A 454 10.00 -25.69 9.05
C VAL A 454 11.13 -24.85 8.46
N THR A 455 12.28 -25.49 8.27
CA THR A 455 13.45 -24.84 7.68
C THR A 455 13.87 -25.64 6.46
N ILE A 456 13.80 -25.00 5.29
CA ILE A 456 14.20 -25.63 4.03
C ILE A 456 15.72 -25.64 4.00
N LYS A 457 16.32 -26.76 4.41
CA LYS A 457 17.77 -26.85 4.53
C LYS A 457 18.47 -26.84 3.18
N SER A 458 17.75 -27.14 2.10
CA SER A 458 18.37 -27.14 0.77
C SER A 458 18.77 -25.74 0.32
N LEU A 459 18.27 -24.70 0.98
CA LEU A 459 18.63 -23.33 0.68
C LEU A 459 19.62 -22.75 1.67
N ALA A 460 20.36 -23.61 2.37
CA ALA A 460 21.39 -23.14 3.28
C ALA A 460 22.50 -22.42 2.51
N THR A 461 23.24 -21.57 3.22
CA THR A 461 24.22 -20.70 2.57
C THR A 461 25.31 -21.48 1.84
N LYS A 462 25.60 -22.71 2.26
CA LYS A 462 26.65 -23.47 1.60
C LYS A 462 26.24 -23.99 0.23
N TYR A 463 24.93 -24.13 -0.02
CA TYR A 463 24.44 -24.54 -1.32
C TYR A 463 24.19 -23.39 -2.28
N CYS A 464 24.21 -22.15 -1.79
CA CYS A 464 23.73 -21.00 -2.55
C CYS A 464 24.86 -20.02 -2.83
N ARG A 465 24.67 -19.22 -3.88
CA ARG A 465 25.55 -18.10 -4.20
C ARG A 465 24.66 -16.93 -4.60
N ASN A 466 24.59 -15.91 -3.74
CA ASN A 466 23.81 -14.69 -4.00
C ASN A 466 22.33 -15.03 -4.24
N VAL A 467 21.75 -15.76 -3.30
CA VAL A 467 20.34 -16.13 -3.37
C VAL A 467 19.52 -15.11 -2.59
N GLU A 468 18.53 -14.52 -3.24
CA GLU A 468 17.66 -13.51 -2.64
C GLU A 468 16.22 -13.99 -2.78
N ILE A 469 15.53 -14.14 -1.65
CA ILE A 469 14.14 -14.59 -1.65
C ILE A 469 13.24 -13.40 -2.00
N GLU A 470 12.44 -13.56 -3.05
CA GLU A 470 11.56 -12.49 -3.51
C GLU A 470 10.15 -12.61 -2.97
N SER A 471 9.61 -13.83 -2.86
CA SER A 471 8.27 -14.00 -2.32
C SER A 471 8.12 -15.44 -1.82
N VAL A 472 7.33 -15.59 -0.76
CA VAL A 472 6.99 -16.90 -0.20
C VAL A 472 5.48 -16.99 -0.12
N GLU A 473 4.94 -18.11 -0.61
CA GLU A 473 3.51 -18.24 -0.86
C GLU A 473 3.10 -19.68 -0.59
N MET A 474 1.95 -19.87 0.05
CA MET A 474 1.33 -21.19 0.15
C MET A 474 0.12 -21.22 -0.77
N LEU A 475 0.11 -22.16 -1.71
CA LEU A 475 -0.98 -22.24 -2.67
C LEU A 475 -2.30 -22.55 -1.97
N GLY A 476 -3.31 -21.72 -2.23
CA GLY A 476 -4.62 -21.89 -1.64
C GLY A 476 -4.84 -21.15 -0.35
N SER A 477 -3.88 -20.35 0.10
CA SER A 477 -4.00 -19.59 1.34
C SER A 477 -3.87 -18.11 1.05
N SER A 478 -4.76 -17.32 1.66
CA SER A 478 -4.72 -15.87 1.53
C SER A 478 -3.86 -15.21 2.61
N GLU A 479 -3.32 -15.99 3.53
CA GLU A 479 -2.48 -15.44 4.60
C GLU A 479 -1.08 -15.14 4.08
N LYS A 480 -0.50 -14.05 4.56
CA LYS A 480 0.88 -13.73 4.26
C LYS A 480 1.81 -14.62 5.08
N ILE A 481 2.74 -15.28 4.40
CA ILE A 481 3.63 -16.23 5.05
C ILE A 481 4.86 -15.49 5.57
N ASP A 482 5.13 -15.65 6.86
CA ASP A 482 6.33 -15.09 7.45
C ASP A 482 7.51 -16.01 7.20
N TYR A 483 8.60 -15.47 6.68
CA TYR A 483 9.79 -16.25 6.37
C TYR A 483 11.03 -15.49 6.81
N LYS A 484 12.12 -16.25 6.96
CA LYS A 484 13.40 -15.68 7.38
C LYS A 484 14.52 -16.52 6.79
N MET A 485 15.38 -15.89 5.99
CA MET A 485 16.52 -16.58 5.40
C MET A 485 17.67 -16.57 6.40
N THR A 486 18.14 -17.75 6.77
CA THR A 486 19.25 -17.92 7.72
C THR A 486 20.37 -18.71 7.06
N ASP A 487 21.43 -18.94 7.82
CA ASP A 487 22.54 -19.75 7.31
C ASP A 487 22.17 -21.22 7.24
N GLU A 488 21.24 -21.67 8.09
CA GLU A 488 20.80 -23.06 8.06
C GLU A 488 19.77 -23.34 6.98
N GLY A 489 19.18 -22.32 6.40
CA GLY A 489 18.18 -22.47 5.36
C GLY A 489 17.11 -21.40 5.50
N LEU A 490 16.04 -21.57 4.74
CA LEU A 490 14.92 -20.62 4.74
C LEU A 490 13.87 -21.12 5.73
N VAL A 491 13.74 -20.41 6.85
CA VAL A 491 12.71 -20.72 7.83
C VAL A 491 11.38 -20.20 7.31
N VAL A 492 10.40 -21.10 7.22
CA VAL A 492 9.06 -20.76 6.72
C VAL A 492 8.04 -21.10 7.79
N ASN A 493 7.21 -20.13 8.13
CA ASN A 493 6.17 -20.30 9.15
C ASN A 493 4.84 -20.62 8.48
N PHE A 494 4.22 -21.71 8.91
CA PHE A 494 2.96 -22.13 8.32
C PHE A 494 1.85 -21.14 8.65
N PRO A 495 0.82 -21.05 7.80
CA PRO A 495 -0.34 -20.20 8.13
C PRO A 495 -1.21 -20.84 9.19
N LYS A 496 -2.31 -20.18 9.56
CA LYS A 496 -3.15 -20.67 10.64
C LYS A 496 -4.26 -21.61 10.18
N ASN A 497 -4.61 -21.59 8.90
CA ASN A 497 -5.69 -22.43 8.38
C ASN A 497 -5.18 -23.22 7.19
N LYS A 498 -5.49 -24.52 7.18
CA LYS A 498 -5.05 -25.39 6.10
C LYS A 498 -5.83 -25.08 4.82
N PRO A 499 -5.16 -24.85 3.69
CA PRO A 499 -5.88 -24.81 2.41
C PRO A 499 -6.45 -26.17 2.06
N THR A 500 -5.62 -27.21 2.16
CA THR A 500 -6.03 -28.59 1.94
C THR A 500 -5.36 -29.47 3.01
N GLU A 501 -5.63 -30.77 2.93
CA GLU A 501 -5.00 -31.75 3.80
C GLU A 501 -3.82 -32.39 3.07
N TYR A 502 -3.37 -33.54 3.56
CA TYR A 502 -2.43 -34.41 2.85
C TYR A 502 -1.07 -33.74 2.65
N ALA A 503 -0.98 -32.80 1.71
CA ALA A 503 0.26 -32.12 1.42
C ALA A 503 0.01 -30.61 1.32
N HIS A 504 1.06 -29.83 1.58
CA HIS A 504 0.96 -28.38 1.64
C HIS A 504 2.15 -27.78 0.92
N VAL A 505 1.87 -26.91 -0.05
CA VAL A 505 2.87 -26.44 -1.01
C VAL A 505 3.24 -25.00 -0.68
N PHE A 506 4.54 -24.73 -0.64
CA PHE A 506 5.07 -23.38 -0.55
C PHE A 506 5.65 -22.98 -1.90
N LYS A 507 5.19 -21.85 -2.44
CA LYS A 507 5.68 -21.32 -3.71
C LYS A 507 6.69 -20.22 -3.41
N ILE A 508 7.93 -20.44 -3.83
CA ILE A 508 9.05 -19.54 -3.53
C ILE A 508 9.56 -18.96 -4.83
N LYS A 509 9.60 -17.64 -4.91
CA LYS A 509 10.23 -16.92 -6.02
C LYS A 509 11.59 -16.41 -5.55
N LEU A 510 12.64 -16.80 -6.27
CA LEU A 510 14.00 -16.47 -5.83
C LEU A 510 14.90 -16.34 -7.04
N LYS A 511 16.02 -15.66 -6.83
CA LYS A 511 17.11 -15.60 -7.79
C LYS A 511 18.39 -16.08 -7.11
N GLY A 512 19.41 -16.32 -7.93
CA GLY A 512 20.66 -16.88 -7.45
C GLY A 512 20.86 -18.30 -7.95
N VAL A 513 22.03 -18.85 -7.62
CA VAL A 513 22.43 -20.17 -8.08
C VAL A 513 22.47 -21.10 -6.87
N VAL A 514 21.86 -22.28 -7.02
CA VAL A 514 21.77 -23.26 -5.95
C VAL A 514 22.36 -24.57 -6.45
N VAL A 515 23.20 -25.20 -5.61
CA VAL A 515 23.72 -26.53 -5.88
C VAL A 515 23.05 -27.50 -4.92
N SER A 516 23.01 -28.76 -5.33
CA SER A 516 22.46 -29.83 -4.50
C SER A 516 23.58 -30.55 -3.76
N LYS A 517 23.20 -31.22 -2.67
CA LYS A 517 24.16 -32.03 -1.95
C LYS A 517 24.54 -33.23 -2.80
N PRO A 518 25.83 -33.53 -2.95
CA PRO A 518 26.24 -34.56 -3.91
C PRO A 518 25.84 -35.96 -3.47
N LEU A 519 25.59 -36.80 -4.48
CA LEU A 519 25.33 -38.21 -4.27
C LEU A 519 26.44 -39.03 -4.94
N TYR A 520 26.78 -40.16 -4.33
CA TYR A 520 27.96 -40.92 -4.70
C TYR A 520 27.56 -42.32 -5.17
N ASP A 521 28.26 -42.80 -6.19
CA ASP A 521 28.09 -44.16 -6.70
C ASP A 521 29.47 -44.77 -6.91
N LYS A 522 29.50 -46.10 -6.96
CA LYS A 522 30.74 -46.85 -6.99
C LYS A 522 31.14 -47.21 -8.41
N VAL A 523 32.43 -47.02 -8.72
CA VAL A 523 33.03 -47.47 -9.97
C VAL A 523 34.39 -48.09 -9.65
N ASP A 524 35.06 -48.60 -10.69
CA ASP A 524 36.32 -49.30 -10.50
C ASP A 524 37.40 -48.34 -10.03
N ASN A 525 37.91 -48.56 -8.82
CA ASN A 525 39.00 -47.77 -8.25
C ASN A 525 38.65 -46.29 -8.19
N GLY A 526 37.39 -45.99 -7.92
CA GLY A 526 36.96 -44.61 -7.85
C GLY A 526 35.51 -44.51 -7.42
N CYS A 527 34.95 -43.32 -7.63
CA CYS A 527 33.56 -43.06 -7.30
C CYS A 527 33.00 -42.02 -8.26
N LEU A 528 31.68 -42.05 -8.44
CA LEU A 528 30.98 -41.12 -9.32
C LEU A 528 30.20 -40.13 -8.47
N ILE A 529 30.37 -38.84 -8.76
CA ILE A 529 29.71 -37.77 -8.03
C ILE A 529 28.71 -37.10 -8.96
N THR A 530 27.46 -37.02 -8.54
CA THR A 530 26.40 -36.42 -9.33
C THR A 530 25.78 -35.28 -8.55
N VAL A 531 25.70 -34.10 -9.19
CA VAL A 531 25.09 -32.93 -8.59
C VAL A 531 24.19 -32.28 -9.64
N ARG A 532 23.29 -31.42 -9.16
CA ARG A 532 22.43 -30.61 -10.02
C ARG A 532 22.58 -29.15 -9.61
N VAL A 533 22.67 -28.28 -10.60
CA VAL A 533 22.83 -26.84 -10.38
C VAL A 533 21.67 -26.12 -11.04
N ALA A 534 21.00 -25.25 -10.30
CA ALA A 534 19.89 -24.45 -10.80
C ALA A 534 20.26 -22.98 -10.72
N ASN A 535 20.31 -22.32 -11.87
CA ASN A 535 20.56 -20.89 -11.95
C ASN A 535 19.21 -20.19 -12.06
N HIS A 536 18.77 -19.58 -10.96
CA HIS A 536 17.50 -18.87 -10.92
C HIS A 536 17.63 -17.41 -11.33
N ASN A 537 18.81 -16.98 -11.79
CA ASN A 537 19.00 -15.60 -12.19
C ASN A 537 18.51 -15.39 -13.63
N ALA A 538 18.32 -14.12 -13.97
CA ALA A 538 17.90 -13.75 -15.32
C ALA A 538 19.06 -13.65 -16.30
N GLU A 539 20.30 -13.80 -15.84
CA GLU A 539 21.47 -13.78 -16.69
C GLU A 539 22.31 -15.03 -16.42
N ASP A 540 23.19 -15.35 -17.38
CA ASP A 540 23.98 -16.56 -17.30
C ASP A 540 24.97 -16.49 -16.13
N ALA A 541 25.40 -17.67 -15.69
CA ALA A 541 26.29 -17.78 -14.54
C ALA A 541 27.30 -18.88 -14.79
N ASN A 542 28.54 -18.63 -14.36
CA ASN A 542 29.62 -19.61 -14.44
C ASN A 542 29.84 -20.23 -13.07
N VAL A 543 29.88 -21.57 -13.02
CA VAL A 543 29.92 -22.31 -11.76
C VAL A 543 31.12 -23.24 -11.79
N THR A 544 31.88 -23.26 -10.70
CA THR A 544 33.03 -24.14 -10.55
C THR A 544 32.73 -25.15 -9.44
N LEU A 545 32.80 -26.43 -9.78
CA LEU A 545 32.54 -27.51 -8.83
C LEU A 545 33.82 -28.31 -8.62
N LYS A 546 34.12 -28.62 -7.36
CA LYS A 546 35.32 -29.35 -7.00
C LYS A 546 34.96 -30.49 -6.06
N SER A 547 35.48 -31.68 -6.34
CA SER A 547 35.24 -32.87 -5.53
C SER A 547 36.59 -33.44 -5.09
N VAL A 548 36.80 -33.51 -3.78
CA VAL A 548 38.04 -34.03 -3.21
C VAL A 548 37.70 -35.31 -2.46
N VAL A 549 38.11 -36.44 -3.01
CA VAL A 549 37.85 -37.75 -2.42
C VAL A 549 39.19 -38.47 -2.27
N ASP A 550 39.52 -38.84 -1.02
CA ASP A 550 40.76 -39.55 -0.71
C ASP A 550 41.99 -38.81 -1.22
N GLY A 551 41.94 -37.48 -1.13
CA GLY A 551 43.00 -36.63 -1.62
C GLY A 551 42.96 -36.34 -3.11
N ASN A 552 42.33 -37.20 -3.90
CA ASN A 552 42.23 -36.96 -5.34
C ASN A 552 41.29 -35.80 -5.61
N GLU A 553 41.77 -34.83 -6.38
CA GLU A 553 41.03 -33.59 -6.64
C GLU A 553 40.65 -33.52 -8.10
N VAL A 554 39.36 -33.35 -8.37
CA VAL A 554 38.83 -33.18 -9.72
C VAL A 554 37.91 -31.97 -9.71
N SER A 555 38.04 -31.12 -10.72
CA SER A 555 37.24 -29.91 -10.83
C SER A 555 36.60 -29.83 -12.20
N THR A 556 35.53 -29.06 -12.29
CA THR A 556 34.87 -28.78 -13.56
C THR A 556 34.19 -27.42 -13.49
N GLN A 557 34.32 -26.65 -14.56
CA GLN A 557 33.66 -25.36 -14.69
C GLN A 557 32.51 -25.51 -15.69
N VAL A 558 31.32 -25.10 -15.29
CA VAL A 558 30.12 -25.25 -16.10
C VAL A 558 29.43 -23.89 -16.22
N ALA A 559 28.90 -23.61 -17.41
CA ALA A 559 28.16 -22.38 -17.66
C ALA A 559 26.67 -22.73 -17.71
N VAL A 560 25.94 -22.27 -16.70
CA VAL A 560 24.50 -22.53 -16.58
C VAL A 560 23.75 -21.32 -17.13
N LYS A 561 22.92 -21.55 -18.14
CA LYS A 561 22.18 -20.45 -18.75
C LYS A 561 21.09 -19.95 -17.81
N ALA A 562 20.55 -18.78 -18.13
CA ALA A 562 19.60 -18.11 -17.25
C ALA A 562 18.33 -18.93 -17.10
N LYS A 563 17.87 -19.08 -15.87
CA LYS A 563 16.63 -19.78 -15.53
C LYS A 563 16.62 -21.20 -16.10
N SER A 564 17.63 -21.97 -15.70
CA SER A 564 17.79 -23.33 -16.20
C SER A 564 18.49 -24.18 -15.14
N GLU A 565 18.51 -25.48 -15.40
CA GLU A 565 19.18 -26.45 -14.55
C GLU A 565 20.04 -27.37 -15.40
N GLN A 566 20.98 -28.06 -14.75
CA GLN A 566 21.90 -28.95 -15.44
C GLN A 566 22.37 -30.06 -14.52
N TRP A 567 22.52 -31.26 -15.08
CA TRP A 567 23.22 -32.33 -14.39
C TRP A 567 24.72 -32.12 -14.52
N VAL A 568 25.46 -32.43 -13.46
CA VAL A 568 26.91 -32.43 -13.51
C VAL A 568 27.42 -33.73 -12.89
N LYS A 569 28.15 -34.51 -13.68
CA LYS A 569 28.73 -35.76 -13.24
C LYS A 569 30.24 -35.65 -13.26
N MET A 570 30.88 -36.04 -12.16
CA MET A 570 32.33 -36.02 -12.03
C MET A 570 32.81 -37.37 -11.54
N GLN A 571 34.07 -37.68 -11.82
CA GLN A 571 34.66 -38.97 -11.46
C GLN A 571 35.97 -38.74 -10.72
N ASN A 572 36.07 -39.35 -9.55
CA ASN A 572 37.31 -39.35 -8.77
C ASN A 572 38.06 -40.65 -8.99
N LYS A 573 39.38 -40.57 -9.02
CA LYS A 573 40.24 -41.72 -9.28
C LYS A 573 41.08 -42.05 -8.06
N ASP A 574 41.69 -43.24 -8.09
CA ASP A 574 42.57 -43.72 -7.03
C ASP A 574 41.85 -43.79 -5.69
N VAL A 575 40.62 -44.29 -5.70
CA VAL A 575 39.83 -44.48 -4.49
C VAL A 575 39.77 -45.97 -4.22
N LYS A 576 40.44 -46.40 -3.14
CA LYS A 576 40.62 -47.82 -2.89
C LYS A 576 39.43 -48.44 -2.17
N SER A 577 38.83 -47.71 -1.23
CA SER A 577 37.74 -48.23 -0.41
C SER A 577 36.55 -47.28 -0.54
N PHE A 578 35.48 -47.75 -1.19
CA PHE A 578 34.30 -46.90 -1.38
C PHE A 578 33.56 -46.67 -0.06
N ASP A 579 33.46 -47.71 0.78
CA ASP A 579 32.73 -47.60 2.03
C ASP A 579 33.48 -46.82 3.11
N ASP A 580 34.77 -46.54 2.90
CA ASP A 580 35.58 -45.81 3.87
C ASP A 580 36.14 -44.52 3.28
N MET A 581 35.40 -43.90 2.36
CA MET A 581 35.88 -42.71 1.69
C MET A 581 35.86 -41.51 2.61
N SER A 582 36.70 -40.52 2.30
CA SER A 582 36.68 -39.21 2.92
C SER A 582 36.34 -38.21 1.81
N CYS A 583 35.09 -37.76 1.79
CA CYS A 583 34.56 -36.95 0.70
C CYS A 583 34.38 -35.51 1.12
N LYS A 584 34.77 -34.60 0.23
CA LYS A 584 34.54 -33.17 0.40
C LYS A 584 34.11 -32.58 -0.94
N PHE A 585 33.05 -31.78 -0.92
CA PHE A 585 32.53 -31.15 -2.13
C PHE A 585 32.51 -29.64 -1.93
N TYR A 586 33.04 -28.92 -2.91
CA TYR A 586 33.16 -27.47 -2.84
C TYR A 586 32.38 -26.82 -3.96
N PHE A 587 31.62 -25.78 -3.63
CA PHE A 587 30.86 -24.99 -4.59
C PHE A 587 31.45 -23.59 -4.60
N ASN A 588 32.25 -23.30 -5.62
CA ASN A 588 32.99 -22.04 -5.72
C ASN A 588 33.89 -21.83 -4.50
N ASP A 589 34.73 -22.83 -4.23
CA ASP A 589 35.70 -22.80 -3.13
C ASP A 589 35.03 -22.63 -1.77
N ASN A 590 33.81 -23.16 -1.63
CA ASN A 590 33.08 -23.16 -0.37
C ASN A 590 32.63 -24.57 -0.07
N LEU A 591 32.96 -25.07 1.12
CA LEU A 591 32.63 -26.44 1.49
C LEU A 591 31.12 -26.65 1.51
N THR A 592 30.66 -27.56 0.66
CA THR A 592 29.24 -27.90 0.55
C THR A 592 28.89 -29.20 1.28
N TYR A 593 29.75 -30.21 1.18
CA TYR A 593 29.49 -31.50 1.80
C TYR A 593 30.79 -32.08 2.32
N GLU A 594 30.69 -32.81 3.44
CA GLU A 594 31.84 -33.46 4.05
C GLU A 594 31.33 -34.48 5.07
N ASN A 595 31.97 -35.66 5.09
CA ASN A 595 31.64 -36.71 6.04
C ASN A 595 32.82 -36.93 6.98
N GLU A 596 33.06 -35.92 7.83
CA GLU A 596 34.17 -35.97 8.77
C GLU A 596 33.99 -37.07 9.80
N ASP B 32 12.15 8.84 -12.71
CA ASP B 32 11.64 7.74 -11.90
C ASP B 32 12.23 6.41 -12.37
N SER B 33 12.48 6.31 -13.68
CA SER B 33 13.09 5.10 -14.25
C SER B 33 14.61 5.13 -14.18
N THR B 34 15.23 6.31 -14.27
CA THR B 34 16.65 6.46 -14.01
C THR B 34 17.01 6.16 -12.56
N VAL B 35 16.01 5.93 -11.70
CA VAL B 35 16.18 5.81 -10.26
C VAL B 35 16.32 4.36 -9.86
N SER B 36 15.23 3.58 -9.99
CA SER B 36 15.30 2.16 -9.70
C SER B 36 16.17 1.39 -10.68
N LEU B 37 16.80 2.09 -11.63
CA LEU B 37 17.72 1.46 -12.57
C LEU B 37 18.95 0.95 -11.83
N LYS B 38 19.32 -0.31 -12.11
CA LYS B 38 20.49 -0.94 -11.53
C LYS B 38 21.52 -1.22 -12.63
N GLY B 39 22.80 -1.20 -12.23
CA GLY B 39 23.85 -1.45 -13.19
C GLY B 39 23.82 -2.87 -13.74
N THR B 40 23.53 -3.84 -12.88
CA THR B 40 23.47 -5.25 -13.29
C THR B 40 22.05 -5.63 -13.71
N ASP B 41 21.43 -4.80 -14.54
CA ASP B 41 20.11 -5.07 -15.08
C ASP B 41 20.23 -5.70 -16.46
N VAL B 42 19.20 -6.48 -16.83
CA VAL B 42 19.21 -7.12 -18.13
C VAL B 42 18.88 -6.11 -19.22
N PHE B 43 17.80 -5.36 -19.05
CA PHE B 43 17.30 -4.43 -20.06
C PHE B 43 17.66 -3.00 -19.69
N LYS B 44 18.19 -2.27 -20.65
CA LYS B 44 18.41 -0.83 -20.55
C LYS B 44 17.39 -0.11 -21.42
N ALA B 45 17.36 1.22 -21.29
CA ALA B 45 16.32 2.03 -21.92
C ALA B 45 16.71 2.44 -23.34
N ASP B 46 16.97 1.42 -24.18
CA ASP B 46 17.22 1.65 -25.59
C ASP B 46 16.84 0.39 -26.37
N SER B 47 16.53 0.59 -27.66
CA SER B 47 16.01 -0.51 -28.47
C SER B 47 17.03 -1.60 -28.70
N ALA B 48 18.31 -1.26 -28.75
CA ALA B 48 19.35 -2.27 -28.97
C ALA B 48 19.43 -3.24 -27.80
N SER B 49 19.36 -2.72 -26.57
CA SER B 49 19.41 -3.59 -25.40
C SER B 49 18.18 -4.48 -25.30
N ILE B 50 17.02 -3.97 -25.74
CA ILE B 50 15.80 -4.78 -25.70
C ILE B 50 15.88 -5.90 -26.73
N ALA B 51 16.35 -5.59 -27.95
CA ALA B 51 16.40 -6.59 -29.01
C ALA B 51 17.38 -7.71 -28.69
N GLN B 52 18.38 -7.44 -27.85
CA GLN B 52 19.39 -8.44 -27.53
C GLN B 52 18.89 -9.48 -26.53
N ASN B 53 17.82 -9.19 -25.80
CA ASN B 53 17.36 -10.08 -24.74
C ASN B 53 15.86 -10.39 -24.76
N TYR B 54 15.04 -9.59 -25.45
CA TYR B 54 13.60 -9.81 -25.44
C TYR B 54 13.15 -10.60 -26.66
N THR B 55 12.21 -11.51 -26.44
CA THR B 55 11.52 -12.22 -27.50
C THR B 55 10.04 -12.25 -27.18
N ILE B 56 9.21 -12.14 -28.20
CA ILE B 56 7.75 -12.13 -28.03
C ILE B 56 7.33 -13.47 -27.44
N PRO B 57 6.63 -13.47 -26.31
CA PRO B 57 6.40 -14.73 -25.57
C PRO B 57 5.48 -15.68 -26.33
N GLU B 58 5.52 -16.95 -25.90
CA GLU B 58 4.78 -17.99 -26.58
C GLU B 58 3.29 -17.93 -26.26
N TRP B 59 2.93 -17.46 -25.07
CA TRP B 59 1.52 -17.44 -24.68
C TRP B 59 0.71 -16.48 -25.55
N PHE B 60 1.32 -15.37 -25.98
CA PHE B 60 0.60 -14.44 -26.84
C PHE B 60 0.39 -15.01 -28.24
N LYS B 61 1.37 -15.78 -28.74
CA LYS B 61 1.21 -16.44 -30.04
C LYS B 61 0.08 -17.45 -30.00
N ASP B 62 -0.07 -18.16 -28.88
CA ASP B 62 -1.06 -19.22 -28.76
C ASP B 62 -2.43 -18.70 -28.29
N ALA B 63 -2.49 -17.49 -27.75
CA ALA B 63 -3.74 -17.00 -27.18
C ALA B 63 -4.72 -16.58 -28.28
N LYS B 64 -4.24 -15.81 -29.26
CA LYS B 64 -5.01 -15.37 -30.43
C LYS B 64 -6.11 -14.37 -30.08
N PHE B 65 -6.89 -14.63 -29.03
CA PHE B 65 -8.11 -13.88 -28.76
C PHE B 65 -8.02 -13.18 -27.41
N GLY B 66 -8.37 -11.89 -27.40
CA GLY B 66 -8.47 -11.14 -26.16
C GLY B 66 -9.65 -10.17 -26.22
N ILE B 67 -10.08 -9.73 -25.04
CA ILE B 67 -11.23 -8.85 -24.91
C ILE B 67 -10.78 -7.50 -24.41
N PHE B 68 -11.03 -6.46 -25.21
CA PHE B 68 -10.84 -5.07 -24.81
C PHE B 68 -12.12 -4.57 -24.15
N ILE B 69 -11.97 -3.71 -23.13
CA ILE B 69 -13.13 -3.16 -22.44
C ILE B 69 -12.89 -1.66 -22.21
N HIS B 70 -13.73 -0.83 -22.80
CA HIS B 70 -13.67 0.62 -22.61
C HIS B 70 -14.80 1.02 -21.66
N TRP B 71 -14.43 1.48 -20.47
CA TRP B 71 -15.41 1.76 -19.43
C TRP B 71 -14.83 2.78 -18.47
N GLY B 72 -15.53 3.89 -18.27
CA GLY B 72 -15.04 4.91 -17.37
C GLY B 72 -16.05 6.02 -17.17
N VAL B 73 -15.54 7.19 -16.79
CA VAL B 73 -16.40 8.34 -16.55
C VAL B 73 -17.14 8.76 -17.81
N TYR B 74 -16.51 8.57 -18.98
CA TYR B 74 -17.13 8.91 -20.25
C TYR B 74 -18.37 8.10 -20.54
N SER B 75 -18.63 7.02 -19.78
CA SER B 75 -19.80 6.19 -20.01
C SER B 75 -21.07 6.78 -19.41
N VAL B 76 -20.96 7.75 -18.51
CA VAL B 76 -22.13 8.35 -17.86
C VAL B 76 -22.93 9.18 -18.85
N PRO B 77 -22.32 10.12 -19.60
CA PRO B 77 -23.13 10.83 -20.61
C PRO B 77 -23.55 9.95 -21.76
N ALA B 78 -22.68 9.03 -22.19
CA ALA B 78 -22.99 8.05 -23.24
C ALA B 78 -23.46 8.74 -24.51
N TYR B 79 -22.76 9.81 -24.91
CA TYR B 79 -23.09 10.59 -26.09
C TYR B 79 -21.90 10.62 -27.02
N GLY B 80 -22.10 10.13 -28.25
CA GLY B 80 -21.05 10.13 -29.24
C GLY B 80 -20.04 9.01 -29.06
N SER B 81 -18.99 9.26 -28.30
CA SER B 81 -17.95 8.28 -28.06
C SER B 81 -17.24 8.63 -26.76
N GLU B 82 -16.12 7.97 -26.49
CA GLU B 82 -15.31 8.21 -25.30
C GLU B 82 -14.48 9.48 -25.40
N TRP B 83 -14.51 10.18 -26.54
CA TRP B 83 -13.86 11.47 -26.69
C TRP B 83 -14.71 12.62 -26.17
N TYR B 84 -15.74 12.32 -25.38
CA TYR B 84 -16.60 13.36 -24.83
C TYR B 84 -15.80 14.36 -24.01
N SER B 85 -14.78 13.89 -23.29
CA SER B 85 -13.98 14.79 -22.46
C SER B 85 -13.19 15.79 -23.28
N ARG B 86 -12.85 15.43 -24.52
CA ARG B 86 -12.08 16.33 -25.38
C ARG B 86 -12.97 17.39 -26.02
N TRP B 87 -14.07 16.95 -26.65
CA TRP B 87 -14.88 17.85 -27.46
C TRP B 87 -15.84 18.70 -26.65
N MET B 88 -16.15 18.33 -25.40
CA MET B 88 -17.09 19.11 -24.61
C MET B 88 -16.53 20.48 -24.23
N TYR B 89 -15.23 20.70 -24.37
CA TYR B 89 -14.62 21.98 -24.04
C TYR B 89 -14.29 22.83 -25.26
N LYS B 90 -14.52 22.31 -26.46
CA LYS B 90 -14.30 23.08 -27.69
C LYS B 90 -15.61 23.77 -28.06
N GLU B 91 -15.66 25.08 -27.81
CA GLU B 91 -16.89 25.84 -28.05
C GLU B 91 -17.33 25.73 -29.50
N GLY B 92 -18.61 25.45 -29.70
CA GLY B 92 -19.18 25.27 -31.02
C GLY B 92 -19.29 23.83 -31.47
N HIS B 93 -18.53 22.92 -30.85
CA HIS B 93 -18.60 21.52 -31.21
C HIS B 93 -19.96 20.95 -30.80
N PRO B 94 -20.53 20.03 -31.59
CA PRO B 94 -21.82 19.43 -31.21
C PRO B 94 -21.83 18.84 -29.81
N ILE B 95 -20.74 18.21 -29.38
CA ILE B 95 -20.69 17.65 -28.02
C ILE B 95 -20.69 18.77 -26.99
N ASN B 96 -19.98 19.87 -27.27
CA ASN B 96 -20.00 21.01 -26.36
C ASN B 96 -21.37 21.66 -26.32
N LYS B 97 -22.01 21.82 -27.48
CA LYS B 97 -23.37 22.36 -27.52
C LYS B 97 -24.35 21.43 -26.83
N TYR B 98 -24.11 20.11 -26.92
CA TYR B 98 -24.96 19.16 -26.22
C TYR B 98 -24.79 19.27 -24.71
N HIS B 99 -23.54 19.43 -24.25
CA HIS B 99 -23.27 19.45 -22.81
C HIS B 99 -23.85 20.69 -22.15
N VAL B 100 -23.77 21.84 -22.82
CA VAL B 100 -24.21 23.10 -22.22
C VAL B 100 -25.71 23.05 -21.93
N GLN B 101 -26.49 22.48 -22.85
CA GLN B 101 -27.94 22.43 -22.65
C GLN B 101 -28.36 21.24 -21.80
N THR B 102 -27.62 20.14 -21.85
CA THR B 102 -28.03 18.94 -21.11
C THR B 102 -27.63 19.01 -19.65
N TYR B 103 -26.40 19.43 -19.36
CA TYR B 103 -25.88 19.42 -18.00
C TYR B 103 -25.55 20.79 -17.44
N GLY B 104 -25.22 21.77 -18.28
CA GLY B 104 -24.96 23.11 -17.81
C GLY B 104 -23.72 23.72 -18.44
N PRO B 105 -23.45 24.99 -18.13
CA PRO B 105 -22.25 25.63 -18.67
C PRO B 105 -20.98 24.99 -18.14
N LEU B 106 -19.90 25.16 -18.89
CA LEU B 106 -18.64 24.50 -18.55
C LEU B 106 -18.06 25.03 -17.25
N THR B 107 -18.38 26.26 -16.87
CA THR B 107 -17.91 26.81 -15.61
C THR B 107 -18.70 26.31 -14.41
N LYS B 108 -19.84 25.67 -14.63
CA LYS B 108 -20.65 25.10 -13.56
C LYS B 108 -20.63 23.58 -13.54
N PHE B 109 -20.73 22.93 -14.70
CA PHE B 109 -20.73 21.48 -14.80
C PHE B 109 -19.60 21.08 -15.76
N GLY B 110 -18.45 20.70 -15.20
CA GLY B 110 -17.35 20.21 -15.99
C GLY B 110 -17.35 18.69 -16.11
N TYR B 111 -16.30 18.17 -16.74
CA TYR B 111 -16.18 16.73 -16.87
C TYR B 111 -15.97 16.05 -15.51
N LYS B 112 -15.37 16.76 -14.56
CA LYS B 112 -15.18 16.21 -13.22
C LYS B 112 -16.50 15.96 -12.51
N ASP B 113 -17.56 16.68 -12.89
CA ASP B 113 -18.84 16.53 -12.23
C ASP B 113 -19.61 15.30 -12.67
N PHE B 114 -19.14 14.59 -13.70
CA PHE B 114 -19.71 13.29 -14.03
C PHE B 114 -19.31 12.22 -13.02
N ILE B 115 -18.23 12.44 -12.27
CA ILE B 115 -17.71 11.39 -11.39
C ILE B 115 -18.69 11.01 -10.29
N PRO B 116 -19.35 11.94 -9.58
CA PRO B 116 -20.35 11.50 -8.60
C PRO B 116 -21.47 10.66 -9.21
N MET B 117 -21.82 10.90 -10.48
CA MET B 117 -22.83 10.09 -11.15
C MET B 117 -22.32 8.72 -11.57
N PHE B 118 -21.02 8.49 -11.53
CA PHE B 118 -20.42 7.23 -11.97
C PHE B 118 -20.37 6.23 -10.80
N LYS B 119 -21.56 5.86 -10.33
CA LYS B 119 -21.65 5.00 -9.15
C LYS B 119 -21.34 3.54 -9.48
N ALA B 120 -21.55 3.11 -10.72
CA ALA B 120 -21.31 1.74 -11.15
C ALA B 120 -22.04 0.75 -10.25
N GLU B 121 -23.37 0.92 -10.18
CA GLU B 121 -24.17 0.19 -9.21
C GLU B 121 -24.31 -1.29 -9.58
N ASN B 122 -24.19 -1.62 -10.87
CA ASN B 122 -24.37 -3.00 -11.33
C ASN B 122 -23.07 -3.64 -11.78
N PHE B 123 -21.93 -3.16 -11.29
CA PHE B 123 -20.64 -3.72 -11.69
C PHE B 123 -20.37 -5.01 -10.94
N ASN B 124 -19.79 -5.97 -11.65
CA ASN B 124 -19.38 -7.24 -11.05
C ASN B 124 -18.22 -7.79 -11.86
N ALA B 125 -17.06 -7.95 -11.21
CA ALA B 125 -15.87 -8.41 -11.92
C ALA B 125 -16.03 -9.85 -12.39
N ASP B 126 -16.63 -10.70 -11.57
CA ASP B 126 -16.85 -12.09 -11.99
C ASP B 126 -17.79 -12.16 -13.19
N GLU B 127 -18.86 -11.36 -13.17
CA GLU B 127 -19.80 -11.36 -14.28
C GLU B 127 -19.13 -10.90 -15.58
N TRP B 128 -18.20 -9.95 -15.47
CA TRP B 128 -17.44 -9.53 -16.64
C TRP B 128 -16.57 -10.68 -17.16
N LEU B 129 -15.88 -11.37 -16.24
CA LEU B 129 -15.00 -12.46 -16.65
C LEU B 129 -15.80 -13.66 -17.16
N ALA B 130 -17.02 -13.84 -16.67
CA ALA B 130 -17.86 -14.92 -17.18
C ALA B 130 -18.26 -14.66 -18.64
N VAL B 131 -18.48 -13.39 -18.99
CA VAL B 131 -18.78 -13.05 -20.37
C VAL B 131 -17.53 -13.15 -21.23
N VAL B 132 -16.38 -12.73 -20.70
CA VAL B 132 -15.13 -12.84 -21.43
C VAL B 132 -14.77 -14.30 -21.66
N LYS B 133 -14.88 -15.14 -20.62
CA LYS B 133 -14.56 -16.55 -20.76
C LYS B 133 -15.53 -17.26 -21.70
N SER B 134 -16.80 -16.80 -21.75
CA SER B 134 -17.77 -17.42 -22.65
C SER B 134 -17.42 -17.22 -24.12
N SER B 135 -16.66 -16.17 -24.44
CA SER B 135 -16.29 -15.90 -25.82
C SER B 135 -15.09 -16.71 -26.30
N GLY B 136 -14.45 -17.46 -25.40
CA GLY B 136 -13.24 -18.19 -25.75
C GLY B 136 -11.98 -17.36 -25.72
N ALA B 137 -12.05 -16.11 -25.29
CA ALA B 137 -10.86 -15.27 -25.20
C ALA B 137 -9.89 -15.82 -24.16
N GLN B 138 -8.60 -15.54 -24.37
CA GLN B 138 -7.55 -16.03 -23.50
C GLN B 138 -6.95 -14.96 -22.62
N TYR B 139 -7.25 -13.69 -22.86
CA TYR B 139 -6.78 -12.61 -22.00
C TYR B 139 -7.77 -11.46 -22.03
N ILE B 140 -7.72 -10.63 -21.00
CA ILE B 140 -8.60 -9.48 -20.86
C ILE B 140 -7.74 -8.23 -20.71
N VAL B 141 -8.18 -7.14 -21.35
CA VAL B 141 -7.44 -5.89 -21.31
C VAL B 141 -8.41 -4.75 -20.95
N PRO B 142 -8.67 -4.51 -19.68
CA PRO B 142 -9.45 -3.32 -19.31
C PRO B 142 -8.62 -2.06 -19.45
N VAL B 143 -9.30 -0.92 -19.36
CA VAL B 143 -8.64 0.38 -19.39
C VAL B 143 -8.38 0.82 -17.96
N ALA B 144 -7.10 0.91 -17.59
CA ALA B 144 -6.75 1.41 -16.28
C ALA B 144 -6.90 2.93 -16.19
N GLU B 145 -6.63 3.63 -17.29
CA GLU B 145 -6.81 5.08 -17.34
C GLU B 145 -6.86 5.50 -18.80
N HIS B 146 -7.91 6.23 -19.18
CA HIS B 146 -8.08 6.68 -20.55
C HIS B 146 -7.42 8.05 -20.71
N HIS B 147 -7.84 8.82 -21.71
CA HIS B 147 -7.28 10.15 -21.92
C HIS B 147 -7.79 11.16 -20.91
N ASP B 148 -8.90 10.86 -20.23
CA ASP B 148 -9.59 11.84 -19.39
C ASP B 148 -8.92 12.06 -18.04
N GLY B 149 -7.79 11.41 -17.76
CA GLY B 149 -7.08 11.62 -16.53
C GLY B 149 -7.69 10.98 -15.30
N PHE B 150 -8.65 10.07 -15.47
CA PHE B 150 -9.31 9.42 -14.35
C PHE B 150 -8.78 8.00 -14.20
N ALA B 151 -8.15 7.72 -13.07
CA ALA B 151 -7.59 6.40 -12.82
C ALA B 151 -8.68 5.43 -12.39
N MET B 152 -8.69 4.24 -12.99
CA MET B 152 -9.66 3.20 -12.68
C MET B 152 -9.11 2.17 -11.69
N TYR B 153 -8.18 2.57 -10.83
CA TYR B 153 -7.50 1.64 -9.95
C TYR B 153 -7.06 2.37 -8.69
N SER B 154 -6.42 1.62 -7.79
CA SER B 154 -5.90 2.18 -6.55
C SER B 154 -4.62 2.95 -6.87
N SER B 155 -4.74 4.26 -7.03
CA SER B 155 -3.63 5.12 -7.42
C SER B 155 -3.33 6.12 -6.32
N THR B 156 -2.10 6.09 -5.81
CA THR B 156 -1.66 7.10 -4.86
C THR B 156 -1.21 8.37 -5.56
N PHE B 157 -0.71 8.26 -6.78
CA PHE B 157 -0.22 9.42 -7.52
C PHE B 157 -1.36 10.23 -8.12
N ASN B 158 -2.40 9.56 -8.63
CA ASN B 158 -3.54 10.22 -9.23
C ASN B 158 -4.65 10.31 -8.19
N LYS B 159 -4.94 11.54 -7.73
CA LYS B 159 -6.02 11.73 -6.76
C LYS B 159 -7.39 11.51 -7.38
N TRP B 160 -7.51 11.57 -8.71
CA TRP B 160 -8.77 11.30 -9.40
C TRP B 160 -8.79 9.82 -9.77
N ASN B 161 -9.17 9.00 -8.80
CA ASN B 161 -9.18 7.55 -8.96
C ASN B 161 -10.57 7.01 -8.62
N ALA B 162 -10.78 5.74 -8.95
CA ALA B 162 -12.07 5.09 -8.74
C ALA B 162 -12.24 4.53 -7.33
N VAL B 163 -11.18 4.55 -6.51
CA VAL B 163 -11.30 4.06 -5.14
C VAL B 163 -11.91 5.13 -4.24
N ASP B 164 -11.45 6.37 -4.37
CA ASP B 164 -11.94 7.46 -3.54
C ASP B 164 -13.18 8.14 -4.10
N MET B 165 -13.41 8.04 -5.41
CA MET B 165 -14.55 8.69 -6.04
C MET B 165 -15.20 7.74 -7.03
N GLY B 166 -16.43 8.07 -7.42
CA GLY B 166 -17.15 7.31 -8.41
C GLY B 166 -17.58 5.95 -7.91
N PRO B 167 -17.05 4.89 -8.52
CA PRO B 167 -17.45 3.53 -8.12
C PRO B 167 -17.06 3.17 -6.69
N LYS B 168 -16.11 3.89 -6.09
CA LYS B 168 -15.65 3.64 -4.73
C LYS B 168 -15.14 2.20 -4.58
N ARG B 169 -14.31 1.77 -5.54
CA ARG B 169 -13.74 0.43 -5.52
C ARG B 169 -12.62 0.36 -6.53
N ASP B 170 -11.69 -0.56 -6.28
CA ASP B 170 -10.54 -0.80 -7.17
C ASP B 170 -11.01 -1.68 -8.32
N ILE B 171 -11.35 -1.04 -9.45
CA ILE B 171 -11.88 -1.79 -10.58
C ILE B 171 -10.82 -2.74 -11.15
N ILE B 172 -9.60 -2.24 -11.31
CA ILE B 172 -8.52 -3.08 -11.85
C ILE B 172 -8.18 -4.19 -10.87
N GLY B 173 -8.18 -3.88 -9.57
CA GLY B 173 -7.88 -4.91 -8.57
C GLY B 173 -8.92 -6.00 -8.53
N GLU B 174 -10.19 -5.63 -8.65
CA GLU B 174 -11.24 -6.65 -8.65
C GLU B 174 -11.26 -7.43 -9.95
N LEU B 175 -10.94 -6.78 -11.08
CA LEU B 175 -10.86 -7.50 -12.35
C LEU B 175 -9.69 -8.47 -12.37
N LYS B 176 -8.59 -8.14 -11.69
CA LYS B 176 -7.46 -9.06 -11.62
C LYS B 176 -7.81 -10.31 -10.82
N GLU B 177 -8.54 -10.14 -9.71
CA GLU B 177 -8.94 -11.29 -8.91
C GLU B 177 -9.89 -12.18 -9.68
N ALA B 178 -10.81 -11.59 -10.45
CA ALA B 178 -11.75 -12.39 -11.23
C ALA B 178 -11.05 -13.07 -12.40
N THR B 179 -10.03 -12.44 -12.97
CA THR B 179 -9.30 -13.06 -14.08
C THR B 179 -8.53 -14.29 -13.61
N LYS B 180 -7.94 -14.23 -12.42
CA LYS B 180 -7.20 -15.37 -11.89
C LYS B 180 -8.13 -16.55 -11.62
N LYS B 181 -9.34 -16.28 -11.14
CA LYS B 181 -10.30 -17.34 -10.89
C LYS B 181 -10.90 -17.89 -12.17
N ALA B 182 -10.93 -17.09 -13.25
CA ALA B 182 -11.45 -17.56 -14.51
C ALA B 182 -10.44 -18.34 -15.33
N GLY B 183 -9.17 -18.34 -14.92
CA GLY B 183 -8.15 -19.07 -15.65
C GLY B 183 -7.58 -18.34 -16.84
N LEU B 184 -7.76 -17.03 -16.92
CA LEU B 184 -7.28 -16.22 -18.03
C LEU B 184 -6.08 -15.40 -17.59
N ARG B 185 -5.47 -14.70 -18.55
CA ARG B 185 -4.32 -13.86 -18.31
C ARG B 185 -4.74 -12.40 -18.25
N PHE B 186 -4.22 -11.68 -17.26
CA PHE B 186 -4.65 -10.31 -16.99
C PHE B 186 -3.74 -9.31 -17.67
N GLY B 187 -4.35 -8.39 -18.43
CA GLY B 187 -3.65 -7.25 -18.99
C GLY B 187 -4.40 -5.97 -18.67
N LEU B 188 -3.88 -4.87 -19.21
CA LEU B 188 -4.54 -3.58 -19.06
C LEU B 188 -3.98 -2.61 -20.09
N SER B 189 -4.71 -1.52 -20.30
CA SER B 189 -4.35 -0.50 -21.28
C SER B 189 -4.22 0.85 -20.61
N SER B 190 -3.27 1.64 -21.06
CA SER B 190 -3.01 2.98 -20.53
C SER B 190 -3.13 4.00 -21.67
N HIS B 191 -3.94 5.04 -21.43
CA HIS B 191 -4.12 6.12 -22.40
C HIS B 191 -3.73 7.46 -21.81
N ARG B 192 -2.94 7.48 -20.74
CA ARG B 192 -2.61 8.74 -20.07
C ARG B 192 -1.69 9.63 -20.91
N CYS B 193 -0.98 9.06 -21.88
CA CYS B 193 -0.06 9.86 -22.68
C CYS B 193 -0.78 11.00 -23.40
N GLU B 194 -2.03 10.79 -23.78
CA GLU B 194 -2.81 11.82 -24.45
C GLU B 194 -3.43 12.82 -23.47
N ASN B 195 -3.33 12.58 -22.16
CA ASN B 195 -3.91 13.48 -21.18
C ASN B 195 -3.16 14.81 -21.11
N ALA B 196 -1.93 14.87 -21.62
CA ALA B 196 -1.18 16.12 -21.60
C ALA B 196 -1.80 17.19 -22.49
N TRP B 197 -2.62 16.80 -23.46
CA TRP B 197 -3.21 17.74 -24.40
C TRP B 197 -4.70 17.56 -24.62
N PHE B 198 -5.34 16.60 -23.94
CA PHE B 198 -6.72 16.26 -24.25
C PHE B 198 -7.69 17.39 -23.89
N TYR B 199 -7.34 18.21 -22.91
CA TYR B 199 -8.20 19.32 -22.47
C TYR B 199 -7.64 20.66 -22.91
N GLU B 200 -7.09 20.73 -24.12
CA GLU B 200 -6.50 21.98 -24.59
C GLU B 200 -7.56 23.02 -24.94
N TYR B 201 -8.74 22.58 -25.35
CA TYR B 201 -9.79 23.53 -25.72
C TYR B 201 -10.44 24.17 -24.51
N GLY B 202 -10.25 23.60 -23.32
CA GLY B 202 -10.74 24.22 -22.10
C GLY B 202 -10.04 25.51 -21.75
N MET B 203 -8.84 25.74 -22.30
CA MET B 203 -8.12 26.97 -22.06
C MET B 203 -8.55 28.10 -22.99
N GLU B 204 -9.25 27.77 -24.08
CA GLU B 204 -9.69 28.77 -25.05
C GLU B 204 -11.07 29.34 -24.74
N THR B 205 -11.79 28.76 -23.79
CA THR B 205 -13.15 29.16 -23.45
C THR B 205 -13.33 29.04 -21.95
N PRO B 206 -14.00 30.02 -21.31
CA PRO B 206 -14.23 29.94 -19.86
C PRO B 206 -14.81 28.59 -19.42
N SER B 207 -14.03 27.87 -18.61
CA SER B 207 -14.41 26.55 -18.14
C SER B 207 -13.65 26.27 -16.85
N ASP B 208 -13.91 25.10 -16.27
CA ASP B 208 -13.18 24.69 -15.08
C ASP B 208 -11.78 24.17 -15.38
N VAL B 209 -11.46 23.93 -16.65
CA VAL B 209 -10.11 23.53 -17.03
C VAL B 209 -9.12 24.64 -16.73
N GLN B 210 -9.54 25.89 -16.87
CA GLN B 210 -8.65 27.02 -16.62
C GLN B 210 -8.22 27.10 -15.16
N ASP B 211 -8.93 26.44 -14.25
CA ASP B 211 -8.47 26.27 -12.87
C ASP B 211 -7.34 25.26 -12.88
N THR B 212 -6.11 25.74 -12.92
CA THR B 212 -4.95 24.86 -13.02
C THR B 212 -4.69 24.05 -11.76
N THR B 213 -5.44 24.30 -10.68
CA THR B 213 -5.30 23.47 -9.49
C THR B 213 -5.90 22.09 -9.69
N ILE B 214 -6.75 21.91 -10.71
CA ILE B 214 -7.38 20.63 -10.98
C ILE B 214 -6.41 19.80 -11.83
N THR B 215 -5.78 18.80 -11.22
CA THR B 215 -4.82 17.95 -11.91
C THR B 215 -5.48 16.94 -12.83
N LEU B 216 -6.81 16.81 -12.79
CA LEU B 216 -7.48 15.84 -13.64
C LEU B 216 -7.35 16.17 -15.12
N TYR B 217 -7.22 17.45 -15.45
CA TYR B 217 -7.28 17.92 -16.83
C TYR B 217 -5.92 17.97 -17.52
N GLY B 218 -4.86 17.50 -16.86
CA GLY B 218 -3.58 17.31 -17.53
C GLY B 218 -2.80 18.60 -17.74
N GLU B 219 -1.85 18.52 -18.68
CA GLU B 219 -0.93 19.61 -18.96
C GLU B 219 -1.55 20.71 -19.82
N ARG B 220 -2.65 20.41 -20.51
CA ARG B 220 -3.36 21.40 -21.33
C ARG B 220 -2.48 21.96 -22.44
N LEU B 221 -1.65 21.10 -23.02
CA LEU B 221 -0.80 21.48 -24.15
C LEU B 221 -1.56 21.30 -25.46
N HIS B 222 -0.92 21.71 -26.55
CA HIS B 222 -1.52 21.56 -27.87
C HIS B 222 -1.30 20.15 -28.40
N GLU B 223 -2.25 19.68 -29.20
CA GLU B 223 -2.15 18.35 -29.78
C GLU B 223 -1.02 18.30 -30.79
N PRO B 224 -0.20 17.25 -30.78
CA PRO B 224 0.88 17.15 -31.77
C PRO B 224 0.34 16.98 -33.18
N GLU B 225 1.07 17.55 -34.14
CA GLU B 225 0.65 17.52 -35.53
C GLU B 225 0.90 16.13 -36.13
N GLY B 226 0.71 16.00 -37.44
CA GLY B 226 0.88 14.72 -38.09
C GLY B 226 -0.32 13.82 -37.93
N GLN B 227 -1.18 13.79 -38.94
CA GLN B 227 -2.39 12.97 -38.86
C GLN B 227 -2.06 11.50 -39.06
N GLY B 228 -2.82 10.65 -38.38
CA GLY B 228 -2.67 9.21 -38.53
C GLY B 228 -1.62 8.63 -37.62
N MET B 229 -1.09 7.48 -38.05
CA MET B 229 -0.10 6.74 -37.27
C MET B 229 1.30 7.14 -37.74
N THR B 230 1.74 8.30 -37.23
CA THR B 230 3.06 8.82 -37.58
C THR B 230 3.76 9.31 -36.33
N PRO B 231 5.06 9.03 -36.19
CA PRO B 231 5.82 9.57 -35.05
C PRO B 231 6.13 11.05 -35.17
N TYR B 232 5.99 11.63 -36.36
CA TYR B 232 6.22 13.05 -36.56
C TYR B 232 5.19 13.87 -35.80
N CYS B 233 5.66 14.93 -35.13
CA CYS B 233 4.81 15.73 -34.27
C CYS B 233 4.69 17.19 -34.69
N GLY B 234 5.65 17.72 -35.46
CA GLY B 234 5.54 19.10 -35.92
C GLY B 234 5.92 20.12 -34.86
N LYS B 235 5.25 21.27 -34.91
CA LYS B 235 5.56 22.36 -33.99
C LYS B 235 5.26 21.98 -32.54
N TYR B 236 4.23 21.17 -32.31
CA TYR B 236 3.82 20.79 -30.97
C TYR B 236 4.36 19.40 -30.65
N GLU B 237 5.01 19.27 -29.49
CA GLU B 237 5.60 18.01 -29.09
C GLU B 237 4.56 17.02 -28.59
N GLY B 238 3.50 17.51 -27.95
CA GLY B 238 2.50 16.64 -27.37
C GLY B 238 2.81 16.15 -25.97
N SER B 239 3.89 16.64 -25.37
CA SER B 239 4.28 16.26 -24.02
C SER B 239 5.36 17.22 -23.55
N ASN B 240 5.48 17.34 -22.23
CA ASN B 240 6.53 18.16 -21.64
C ASN B 240 7.32 17.34 -20.62
N GLU B 241 8.19 18.01 -19.85
CA GLU B 241 9.03 17.29 -18.90
C GLU B 241 8.19 16.64 -17.80
N ARG B 242 7.12 17.31 -17.36
CA ARG B 242 6.36 16.83 -16.22
C ARG B 242 5.46 15.66 -16.61
N SER B 243 4.78 15.76 -17.75
CA SER B 243 3.89 14.68 -18.16
C SER B 243 4.66 13.40 -18.42
N ARG B 244 5.89 13.53 -18.96
CA ARG B 244 6.72 12.34 -19.14
C ARG B 244 7.17 11.77 -17.80
N ARG B 245 7.39 12.63 -16.81
CA ARG B 245 7.67 12.16 -15.46
C ARG B 245 6.47 11.41 -14.89
N GLN B 246 5.27 11.99 -15.03
CA GLN B 246 4.07 11.36 -14.48
C GLN B 246 3.71 10.08 -15.22
N PHE B 247 4.03 9.99 -16.52
CA PHE B 247 3.77 8.77 -17.27
C PHE B 247 4.57 7.60 -16.70
N LEU B 248 5.85 7.82 -16.39
CA LEU B 248 6.66 6.76 -15.81
C LEU B 248 6.11 6.33 -14.46
N MET B 249 5.78 7.29 -13.60
CA MET B 249 5.19 6.96 -12.31
C MET B 249 3.83 6.31 -12.46
N HIS B 250 3.07 6.69 -13.50
CA HIS B 250 1.77 6.07 -13.74
C HIS B 250 1.94 4.61 -14.14
N THR B 251 2.86 4.32 -15.07
CA THR B 251 3.10 2.95 -15.48
C THR B 251 3.74 2.14 -14.36
N TYR B 252 4.61 2.77 -13.58
CA TYR B 252 5.23 2.09 -12.43
C TYR B 252 4.18 1.66 -11.42
N GLU B 253 3.11 2.44 -11.27
CA GLU B 253 2.05 2.06 -10.35
C GLU B 253 1.26 0.86 -10.87
N LEU B 254 1.01 0.82 -12.18
CA LEU B 254 0.30 -0.32 -12.76
C LEU B 254 1.18 -1.57 -12.78
N ILE B 255 2.49 -1.39 -12.88
CA ILE B 255 3.39 -2.55 -12.94
C ILE B 255 3.50 -3.21 -11.58
N ASP B 256 3.67 -2.41 -10.52
CA ASP B 256 3.97 -2.98 -9.21
C ASP B 256 2.72 -3.50 -8.50
N LYS B 257 1.58 -2.82 -8.68
CA LYS B 257 0.40 -3.20 -7.90
C LYS B 257 -0.33 -4.40 -8.49
N TYR B 258 -0.42 -4.47 -9.82
CA TYR B 258 -1.24 -5.48 -10.47
C TYR B 258 -0.45 -6.48 -11.31
N GLN B 259 0.81 -6.20 -11.62
CA GLN B 259 1.68 -7.12 -12.35
C GLN B 259 1.02 -7.69 -13.60
N PRO B 260 0.65 -6.85 -14.57
CA PRO B 260 -0.05 -7.35 -15.75
C PRO B 260 0.90 -8.01 -16.73
N GLU B 261 0.39 -9.05 -17.39
CA GLU B 261 1.15 -9.75 -18.42
C GLU B 261 1.09 -9.06 -19.77
N LEU B 262 0.37 -7.95 -19.87
CA LEU B 262 0.24 -7.20 -21.12
C LEU B 262 -0.16 -5.78 -20.77
N ILE B 263 0.51 -4.80 -21.37
CA ILE B 263 0.16 -3.39 -21.20
C ILE B 263 -0.01 -2.77 -22.58
N TRP B 264 -1.18 -2.21 -22.83
CA TRP B 264 -1.55 -1.63 -24.12
C TRP B 264 -1.50 -0.11 -24.04
N PHE B 265 -0.91 0.52 -25.06
CA PHE B 265 -0.76 1.96 -25.08
C PHE B 265 -1.36 2.52 -26.37
N ASN B 266 -1.83 3.77 -26.29
CA ASN B 266 -2.44 4.41 -27.44
C ASN B 266 -1.37 5.09 -28.29
N TRP B 267 -1.80 5.89 -29.27
CA TRP B 267 -0.93 6.21 -30.40
C TRP B 267 0.13 7.25 -30.07
N THR B 268 -0.15 8.22 -29.19
CA THR B 268 0.83 9.28 -28.98
C THR B 268 2.08 8.83 -28.23
N VAL B 269 2.16 7.58 -27.76
CA VAL B 269 3.38 7.13 -27.12
C VAL B 269 4.50 6.95 -28.12
N GLY B 270 4.18 6.87 -29.41
CA GLY B 270 5.16 6.71 -30.46
C GLY B 270 5.72 7.99 -31.02
N LYS B 271 5.32 9.14 -30.50
CA LYS B 271 5.85 10.42 -30.99
C LYS B 271 7.33 10.53 -30.65
N TYR B 272 8.06 11.25 -31.51
CA TYR B 272 9.51 11.35 -31.37
C TYR B 272 9.94 11.90 -30.01
N PRO B 273 9.41 13.03 -29.51
CA PRO B 273 9.88 13.53 -28.21
C PRO B 273 9.55 12.61 -27.04
N PHE B 274 8.62 11.66 -27.23
CA PHE B 274 8.22 10.75 -26.17
C PHE B 274 8.96 9.42 -26.18
N GLN B 275 9.64 9.09 -27.28
CA GLN B 275 10.32 7.81 -27.38
C GLN B 275 11.38 7.58 -26.29
N PRO B 276 12.23 8.54 -25.92
CA PRO B 276 13.15 8.29 -24.81
C PRO B 276 12.45 7.98 -23.50
N THR B 277 11.28 8.57 -23.25
CA THR B 277 10.54 8.29 -22.02
C THR B 277 9.94 6.89 -22.06
N PHE B 278 9.39 6.48 -23.20
CA PHE B 278 8.76 5.17 -23.29
C PHE B 278 9.78 4.04 -23.21
N TYR B 279 10.98 4.25 -23.73
CA TYR B 279 12.02 3.23 -23.60
C TYR B 279 12.40 3.00 -22.15
N LYS B 280 12.26 4.02 -21.31
CA LYS B 280 12.49 3.84 -19.88
C LYS B 280 11.46 2.89 -19.28
N PHE B 281 10.20 2.99 -19.73
CA PHE B 281 9.17 2.09 -19.23
C PHE B 281 9.42 0.65 -19.68
N MET B 282 9.81 0.47 -20.94
CA MET B 282 9.97 -0.89 -21.48
C MET B 282 11.05 -1.66 -20.74
N ALA B 283 12.14 -0.98 -20.38
CA ALA B 283 13.21 -1.65 -19.66
C ALA B 283 12.77 -2.06 -18.26
N TYR B 284 12.04 -1.18 -17.57
CA TYR B 284 11.58 -1.51 -16.22
C TYR B 284 10.50 -2.57 -16.24
N TYR B 285 9.63 -2.56 -17.25
CA TYR B 285 8.59 -3.57 -17.35
C TYR B 285 9.18 -4.95 -17.59
N TYR B 286 10.10 -5.06 -18.55
CA TYR B 286 10.71 -6.35 -18.85
C TYR B 286 11.61 -6.84 -17.71
N ASN B 287 12.29 -5.92 -17.01
CA ASN B 287 13.11 -6.32 -15.88
C ASN B 287 12.24 -6.79 -14.71
N SER B 288 11.09 -6.15 -14.51
CA SER B 288 10.17 -6.62 -13.49
C SER B 288 9.58 -7.97 -13.86
N ALA B 289 9.27 -8.17 -15.14
CA ALA B 289 8.73 -9.45 -15.60
C ALA B 289 9.71 -10.59 -15.36
N LEU B 290 11.02 -10.31 -15.45
CA LEU B 290 12.01 -11.35 -15.16
C LEU B 290 11.97 -11.74 -13.69
N ASP B 291 11.77 -10.77 -12.79
CA ASP B 291 11.65 -11.09 -11.38
C ASP B 291 10.34 -11.81 -11.07
N TRP B 292 9.27 -11.49 -11.82
CA TRP B 292 7.99 -12.16 -11.62
C TRP B 292 8.01 -13.60 -12.10
N ASN B 293 9.02 -13.98 -12.89
CA ASN B 293 9.02 -15.25 -13.62
C ASN B 293 7.82 -15.34 -14.55
N LYS B 294 7.49 -14.20 -15.17
CA LYS B 294 6.43 -14.12 -16.17
C LYS B 294 6.98 -13.44 -17.42
N GLU B 295 6.31 -13.66 -18.54
CA GLU B 295 6.67 -13.05 -19.81
C GLU B 295 5.53 -12.14 -20.26
N VAL B 296 5.87 -10.90 -20.60
CA VAL B 296 4.86 -9.86 -20.81
C VAL B 296 4.83 -9.41 -22.26
N VAL B 297 3.91 -8.48 -22.57
CA VAL B 297 3.69 -7.99 -23.91
C VAL B 297 3.43 -6.49 -23.85
N VAL B 298 4.03 -5.74 -24.77
CA VAL B 298 3.82 -4.30 -24.89
C VAL B 298 3.20 -4.02 -26.24
N ASN B 299 2.12 -3.23 -26.25
CA ASN B 299 1.38 -2.90 -27.46
C ASN B 299 1.56 -1.43 -27.78
N THR B 300 2.10 -1.14 -28.95
CA THR B 300 2.15 0.21 -29.49
C THR B 300 1.69 0.19 -30.94
N LYS B 301 1.20 1.33 -31.40
CA LYS B 301 0.66 1.43 -32.75
C LYS B 301 1.68 1.87 -33.79
N PHE B 302 2.79 2.48 -33.36
CA PHE B 302 3.88 2.84 -34.26
C PHE B 302 5.06 3.33 -33.43
N GLY B 303 6.18 3.54 -34.10
CA GLY B 303 7.34 4.16 -33.50
C GLY B 303 8.39 3.22 -32.96
N TYR B 304 8.13 1.92 -32.93
CA TYR B 304 9.05 0.96 -32.33
C TYR B 304 9.11 -0.30 -33.20
N GLY B 305 10.22 -1.01 -33.07
CA GLY B 305 10.44 -2.16 -33.92
C GLY B 305 9.48 -3.31 -33.60
N ASP B 306 9.16 -4.08 -34.64
CA ASP B 306 8.22 -5.19 -34.49
C ASP B 306 8.81 -6.35 -33.71
N ASN B 307 10.11 -6.32 -33.39
CA ASN B 307 10.74 -7.39 -32.63
C ASN B 307 10.84 -7.09 -31.15
N ILE B 308 10.85 -5.81 -30.75
CA ILE B 308 10.96 -5.45 -29.34
C ILE B 308 9.60 -5.23 -28.68
N GLN B 309 8.52 -5.27 -29.45
CA GLN B 309 7.17 -5.13 -28.91
C GLN B 309 6.20 -5.72 -29.93
N VAL B 310 4.93 -5.75 -29.55
CA VAL B 310 3.88 -6.35 -30.38
C VAL B 310 3.14 -5.23 -31.10
N PHE B 311 3.35 -5.13 -32.41
CA PHE B 311 2.72 -4.11 -33.22
C PHE B 311 1.20 -4.25 -33.19
N ASP B 312 0.51 -3.12 -33.21
CA ASP B 312 -0.94 -3.10 -33.05
C ASP B 312 -1.56 -2.15 -34.06
N ILE B 313 -2.67 -2.58 -34.67
CA ILE B 313 -3.41 -1.79 -35.65
C ILE B 313 -4.81 -1.54 -35.12
N GLU B 314 -5.28 -0.30 -35.22
CA GLU B 314 -6.60 0.07 -34.72
C GLU B 314 -7.62 -0.03 -35.84
N ARG B 315 -8.66 -0.85 -35.62
CA ARG B 315 -9.74 -1.04 -36.57
C ARG B 315 -9.21 -1.41 -37.94
N GLY B 316 -8.32 -2.39 -37.98
CA GLY B 316 -7.74 -2.81 -39.24
C GLY B 316 -6.81 -3.99 -39.02
N LYS B 317 -6.52 -4.67 -40.13
CA LYS B 317 -5.67 -5.85 -40.12
C LYS B 317 -4.64 -5.74 -41.24
N SER B 318 -3.85 -6.80 -41.41
CA SER B 318 -2.79 -6.86 -42.39
C SER B 318 -3.26 -7.61 -43.64
N ASP B 319 -2.58 -7.34 -44.76
CA ASP B 319 -2.85 -8.03 -46.01
C ASP B 319 -1.92 -9.21 -46.26
N ARG B 320 -0.73 -9.21 -45.63
CA ARG B 320 0.24 -10.28 -45.76
C ARG B 320 0.54 -10.87 -44.39
N ILE B 321 1.23 -12.01 -44.41
CA ILE B 321 1.72 -12.61 -43.16
C ILE B 321 2.89 -11.79 -42.65
N ARG B 322 2.80 -11.33 -41.40
CA ARG B 322 3.87 -10.57 -40.78
C ARG B 322 4.79 -11.52 -40.02
N GLU B 323 6.10 -11.24 -40.09
CA GLU B 323 7.08 -12.11 -39.45
C GLU B 323 6.89 -12.14 -37.94
N TYR B 324 6.80 -10.98 -37.32
CA TYR B 324 6.61 -10.97 -35.89
C TYR B 324 5.14 -10.88 -35.53
N PRO B 325 4.72 -11.50 -34.43
CA PRO B 325 3.31 -11.45 -34.02
C PRO B 325 2.83 -10.02 -33.86
N TRP B 326 1.60 -9.79 -34.29
CA TRP B 326 0.97 -8.47 -34.24
C TRP B 326 -0.44 -8.62 -33.69
N GLN B 327 -1.13 -7.50 -33.53
CA GLN B 327 -2.44 -7.50 -32.91
C GLN B 327 -3.37 -6.50 -33.59
N THR B 328 -4.62 -6.90 -33.76
CA THR B 328 -5.68 -6.01 -34.22
C THR B 328 -6.61 -5.74 -33.04
N ASP B 329 -6.85 -4.47 -32.73
CA ASP B 329 -7.82 -4.08 -31.73
C ASP B 329 -8.99 -3.37 -32.41
N THR B 330 -10.20 -3.85 -32.13
CA THR B 330 -11.40 -3.30 -32.73
C THR B 330 -12.55 -3.46 -31.75
N SER B 331 -13.62 -2.73 -32.00
CA SER B 331 -14.79 -2.73 -31.14
C SER B 331 -15.95 -3.47 -31.79
N VAL B 332 -16.77 -4.09 -30.96
CA VAL B 332 -18.01 -4.71 -31.46
C VAL B 332 -18.92 -3.64 -32.04
N GLY B 333 -18.93 -2.46 -31.42
CA GLY B 333 -19.69 -1.35 -31.97
C GLY B 333 -18.89 -0.63 -33.05
N LYS B 334 -19.59 -0.23 -34.12
CA LYS B 334 -18.93 0.43 -35.24
C LYS B 334 -18.64 1.90 -34.96
N LYS B 335 -19.45 2.55 -34.13
CA LYS B 335 -19.32 3.98 -33.90
C LYS B 335 -18.31 4.32 -32.81
N SER B 336 -18.45 3.71 -31.64
CA SER B 336 -17.66 4.08 -30.47
C SER B 336 -17.08 2.83 -29.81
N TRP B 337 -16.11 3.07 -28.92
CA TRP B 337 -15.52 2.01 -28.11
C TRP B 337 -16.27 1.84 -26.79
N SER B 338 -16.55 2.94 -26.09
CA SER B 338 -17.40 2.90 -24.92
C SER B 338 -18.87 2.88 -25.33
N TYR B 339 -19.73 2.61 -24.35
CA TYR B 339 -21.16 2.55 -24.63
C TYR B 339 -21.69 3.93 -25.03
N CYS B 340 -22.62 3.92 -25.97
CA CYS B 340 -23.27 5.15 -26.42
C CYS B 340 -24.63 4.80 -27.00
N VAL B 341 -25.59 5.71 -26.84
CA VAL B 341 -26.92 5.50 -27.37
C VAL B 341 -26.87 5.47 -28.89
N GLY B 342 -27.56 4.50 -29.48
CA GLY B 342 -27.57 4.37 -30.93
C GLY B 342 -26.29 3.80 -31.51
N GLU B 343 -25.72 2.79 -30.87
CA GLU B 343 -24.51 2.14 -31.35
C GLU B 343 -24.86 0.98 -32.26
N GLU B 344 -24.20 0.91 -33.41
CA GLU B 344 -24.42 -0.16 -34.39
C GLU B 344 -23.37 -1.25 -34.16
N ASN B 345 -23.79 -2.38 -33.60
CA ASN B 345 -22.88 -3.47 -33.30
C ASN B 345 -22.65 -4.33 -34.54
N LYS B 346 -21.42 -4.84 -34.67
CA LYS B 346 -21.08 -5.70 -35.79
C LYS B 346 -21.72 -7.08 -35.62
N SER B 347 -21.85 -7.78 -36.74
CA SER B 347 -22.42 -9.12 -36.71
C SER B 347 -21.35 -10.15 -36.36
N PRO B 348 -21.74 -11.28 -35.76
CA PRO B 348 -20.76 -12.33 -35.47
C PRO B 348 -20.04 -12.83 -36.71
N ASP B 349 -20.73 -12.91 -37.86
CA ASP B 349 -20.09 -13.33 -39.09
C ASP B 349 -19.03 -12.34 -39.54
N HIS B 350 -19.27 -11.05 -39.32
CA HIS B 350 -18.29 -10.03 -39.66
C HIS B 350 -17.02 -10.19 -38.84
N ILE B 351 -17.17 -10.39 -37.53
CA ILE B 351 -16.01 -10.44 -36.64
C ILE B 351 -15.25 -11.74 -36.84
N ILE B 352 -15.96 -12.86 -36.97
CA ILE B 352 -15.29 -14.16 -37.07
C ILE B 352 -14.55 -14.27 -38.41
N ASP B 353 -15.12 -13.73 -39.48
CA ASP B 353 -14.43 -13.75 -40.77
C ASP B 353 -13.12 -12.98 -40.70
N ASP B 354 -13.14 -11.81 -40.07
CA ASP B 354 -11.90 -11.06 -39.87
C ASP B 354 -11.01 -11.73 -38.83
N PHE B 355 -11.59 -12.37 -37.82
CA PHE B 355 -10.80 -13.05 -36.80
C PHE B 355 -9.93 -14.14 -37.43
N VAL B 356 -10.52 -14.97 -38.29
CA VAL B 356 -9.75 -16.02 -38.96
C VAL B 356 -8.69 -15.40 -39.87
N ASP B 357 -9.04 -14.29 -40.54
CA ASP B 357 -8.10 -13.64 -41.43
C ASP B 357 -6.90 -13.09 -40.66
N ILE B 358 -7.14 -12.51 -39.48
CA ILE B 358 -6.05 -11.97 -38.68
C ILE B 358 -5.17 -13.09 -38.15
N VAL B 359 -5.78 -14.19 -37.69
CA VAL B 359 -5.01 -15.29 -37.13
C VAL B 359 -4.18 -15.96 -38.21
N SER B 360 -4.72 -16.08 -39.42
CA SER B 360 -3.97 -16.69 -40.51
C SER B 360 -2.74 -15.88 -40.92
N LYS B 361 -2.72 -14.58 -40.59
CA LYS B 361 -1.60 -13.71 -40.92
C LYS B 361 -0.74 -13.38 -39.69
N ASN B 362 -0.66 -14.32 -38.74
CA ASN B 362 0.16 -14.21 -37.54
C ASN B 362 -0.31 -13.10 -36.60
N GLY B 363 -1.60 -12.77 -36.64
CA GLY B 363 -2.10 -11.71 -35.80
C GLY B 363 -3.06 -12.16 -34.71
N ASN B 364 -3.28 -11.31 -33.71
CA ASN B 364 -4.22 -11.56 -32.63
C ASN B 364 -5.35 -10.56 -32.71
N LEU B 365 -6.52 -10.95 -32.20
CA LEU B 365 -7.71 -10.11 -32.19
C LEU B 365 -7.97 -9.62 -30.77
N LEU B 366 -8.00 -8.30 -30.59
CA LEU B 366 -8.38 -7.69 -29.32
C LEU B 366 -9.74 -7.03 -29.53
N LEU B 367 -10.81 -7.73 -29.18
CA LEU B 367 -12.17 -7.28 -29.42
C LEU B 367 -12.65 -6.43 -28.24
N ASN B 368 -13.25 -5.29 -28.55
CA ASN B 368 -13.68 -4.34 -27.53
C ASN B 368 -15.18 -4.39 -27.31
N ILE B 369 -15.58 -4.35 -26.04
CA ILE B 369 -16.97 -4.20 -25.65
C ILE B 369 -17.10 -2.90 -24.87
N GLY B 370 -18.29 -2.31 -24.92
CA GLY B 370 -18.56 -1.07 -24.23
C GLY B 370 -19.70 -1.19 -23.25
N PRO B 371 -19.38 -1.50 -21.99
CA PRO B 371 -20.43 -1.65 -20.98
C PRO B 371 -21.10 -0.32 -20.67
N LYS B 372 -22.36 -0.40 -20.24
CA LYS B 372 -23.09 0.79 -19.86
C LYS B 372 -22.49 1.40 -18.59
N ALA B 373 -23.01 2.57 -18.23
CA ALA B 373 -22.42 3.32 -17.12
C ALA B 373 -22.51 2.55 -15.80
N ASP B 374 -23.63 1.84 -15.58
CA ASP B 374 -23.79 1.10 -14.35
C ASP B 374 -22.94 -0.17 -14.30
N GLY B 375 -22.34 -0.57 -15.42
CA GLY B 375 -21.54 -1.77 -15.48
C GLY B 375 -22.18 -2.95 -16.18
N THR B 376 -23.33 -2.76 -16.81
CA THR B 376 -24.02 -3.85 -17.50
C THR B 376 -23.52 -3.94 -18.93
N ILE B 377 -22.99 -5.10 -19.30
CA ILE B 377 -22.69 -5.38 -20.71
C ILE B 377 -24.01 -5.59 -21.44
N THR B 378 -24.19 -4.88 -22.54
CA THR B 378 -25.46 -4.93 -23.28
C THR B 378 -25.73 -6.34 -23.79
N ASP B 379 -27.01 -6.62 -24.02
CA ASP B 379 -27.41 -7.93 -24.53
C ASP B 379 -26.87 -8.17 -25.93
N GLU B 380 -26.78 -7.12 -26.74
CA GLU B 380 -26.29 -7.29 -28.11
C GLU B 380 -24.82 -7.70 -28.12
N GLN B 381 -24.00 -7.08 -27.29
CA GLN B 381 -22.58 -7.41 -27.26
C GLN B 381 -22.31 -8.72 -26.53
N LYS B 382 -23.20 -9.12 -25.62
CA LYS B 382 -23.06 -10.41 -24.97
C LYS B 382 -23.40 -11.55 -25.93
N ASN B 383 -24.42 -11.34 -26.78
CA ASN B 383 -24.75 -12.34 -27.78
C ASN B 383 -23.67 -12.46 -28.84
N VAL B 384 -22.99 -11.36 -29.16
CA VAL B 384 -21.91 -11.42 -30.14
C VAL B 384 -20.74 -12.24 -29.60
N LEU B 385 -20.37 -12.01 -28.34
CA LEU B 385 -19.28 -12.77 -27.74
C LEU B 385 -19.66 -14.24 -27.57
N ALA B 386 -20.92 -14.53 -27.30
CA ALA B 386 -21.35 -15.92 -27.13
C ALA B 386 -21.21 -16.71 -28.41
N GLU B 387 -21.59 -16.11 -29.55
CA GLU B 387 -21.47 -16.80 -30.83
C GLU B 387 -20.02 -17.07 -31.19
N ILE B 388 -19.11 -16.16 -30.80
CA ILE B 388 -17.69 -16.40 -31.03
C ILE B 388 -17.22 -17.57 -30.18
N GLY B 389 -17.68 -17.66 -28.93
CA GLY B 389 -17.31 -18.78 -28.08
C GLY B 389 -17.88 -20.09 -28.58
N LYS B 390 -19.15 -20.08 -29.02
CA LYS B 390 -19.74 -21.29 -29.57
C LYS B 390 -19.02 -21.73 -30.85
N TRP B 391 -18.53 -20.78 -31.63
CA TRP B 391 -17.75 -21.12 -32.82
C TRP B 391 -16.37 -21.63 -32.43
N LEU B 392 -15.78 -21.07 -31.38
CA LEU B 392 -14.45 -21.50 -30.95
C LEU B 392 -14.49 -22.87 -30.28
N LYS B 393 -15.61 -23.24 -29.68
CA LYS B 393 -15.71 -24.55 -29.04
C LYS B 393 -15.60 -25.67 -30.06
N THR B 394 -15.97 -25.40 -31.31
CA THR B 394 -15.93 -26.38 -32.38
C THR B 394 -14.69 -26.27 -33.25
N ASN B 395 -14.28 -25.05 -33.62
CA ASN B 395 -13.17 -24.84 -34.54
C ASN B 395 -11.91 -24.33 -33.85
N GLY B 396 -11.86 -24.36 -32.51
CA GLY B 396 -10.74 -23.78 -31.80
C GLY B 396 -9.42 -24.47 -32.04
N GLU B 397 -9.44 -25.71 -32.52
CA GLU B 397 -8.20 -26.43 -32.77
C GLU B 397 -7.38 -25.79 -33.88
N ALA B 398 -8.04 -25.10 -34.81
CA ALA B 398 -7.36 -24.42 -35.90
C ALA B 398 -6.90 -23.01 -35.53
N ILE B 399 -7.26 -22.51 -34.35
CA ILE B 399 -6.93 -21.15 -33.93
C ILE B 399 -5.94 -21.16 -32.77
N TYR B 400 -6.28 -21.85 -31.68
CA TYR B 400 -5.42 -21.84 -30.49
C TYR B 400 -4.09 -22.51 -30.78
N GLY B 401 -3.00 -21.82 -30.43
CA GLY B 401 -1.68 -22.40 -30.57
C GLY B 401 -1.23 -22.60 -32.01
N SER B 402 -1.91 -21.98 -32.96
CA SER B 402 -1.58 -22.18 -34.36
C SER B 402 -0.59 -21.13 -34.85
N ARG B 403 0.03 -21.42 -35.98
CA ARG B 403 0.97 -20.54 -36.65
C ARG B 403 0.57 -20.41 -38.11
N PRO B 404 1.06 -19.39 -38.81
CA PRO B 404 0.73 -19.25 -40.23
C PRO B 404 1.32 -20.38 -41.07
N TRP B 405 0.66 -20.66 -42.17
CA TRP B 405 1.13 -21.63 -43.15
C TRP B 405 2.03 -20.91 -44.15
N VAL B 406 2.28 -21.51 -45.32
CA VAL B 406 3.11 -20.86 -46.32
C VAL B 406 2.38 -19.66 -46.92
N ILE B 407 1.06 -19.79 -47.10
CA ILE B 407 0.24 -18.73 -47.65
C ILE B 407 -0.97 -18.56 -46.75
N ALA B 408 -1.43 -17.31 -46.59
CA ALA B 408 -2.50 -17.05 -45.65
C ALA B 408 -3.87 -17.25 -46.27
N SER B 409 -4.06 -16.82 -47.52
CA SER B 409 -5.38 -16.78 -48.11
C SER B 409 -5.32 -17.19 -49.57
N GLU B 410 -6.50 -17.55 -50.10
CA GLU B 410 -6.68 -17.78 -51.53
C GLU B 410 -8.15 -17.60 -51.86
N GLY B 411 -8.41 -17.17 -53.09
CA GLY B 411 -9.74 -16.87 -53.57
C GLY B 411 -9.79 -15.47 -54.14
N HIS B 412 -11.01 -15.01 -54.44
CA HIS B 412 -11.19 -13.67 -55.01
C HIS B 412 -11.04 -12.61 -53.93
N ASN B 413 -11.96 -12.60 -52.95
CA ASN B 413 -12.03 -11.51 -51.99
C ASN B 413 -10.82 -11.53 -51.07
N ALA B 414 -9.91 -10.57 -51.26
CA ALA B 414 -8.75 -10.44 -50.40
C ALA B 414 -9.09 -9.87 -49.03
N GLY B 415 -10.19 -9.14 -48.91
CA GLY B 415 -10.60 -8.56 -47.65
C GLY B 415 -10.00 -7.20 -47.39
N THR B 416 -10.46 -6.59 -46.31
CA THR B 416 -9.95 -5.28 -45.92
C THR B 416 -8.58 -5.41 -45.26
N ALA B 417 -7.83 -4.31 -45.30
CA ALA B 417 -6.51 -4.26 -44.68
C ALA B 417 -6.13 -2.81 -44.51
N GLY B 418 -5.63 -2.46 -43.31
CA GLY B 418 -5.18 -1.11 -43.07
C GLY B 418 -5.87 -0.41 -41.91
N TYR B 419 -5.25 0.66 -41.44
CA TYR B 419 -5.73 1.40 -40.28
C TYR B 419 -7.07 2.06 -40.60
N MET B 420 -8.09 1.74 -39.79
CA MET B 420 -9.44 2.33 -39.87
C MET B 420 -10.18 1.89 -41.13
N THR B 421 -10.10 0.59 -41.45
CA THR B 421 -10.85 0.02 -42.57
C THR B 421 -11.66 -1.19 -42.12
N ASP B 422 -12.04 -1.24 -40.83
CA ASP B 422 -12.62 -2.43 -40.24
C ASP B 422 -14.12 -2.55 -40.47
N ASN B 423 -14.86 -1.43 -40.44
CA ASN B 423 -16.31 -1.48 -40.50
C ASN B 423 -16.85 -2.01 -41.83
N THR B 424 -16.01 -2.12 -42.85
CA THR B 424 -16.42 -2.70 -44.12
C THR B 424 -16.45 -4.22 -43.99
N LYS B 425 -17.60 -4.82 -44.28
CA LYS B 425 -17.77 -6.27 -44.24
C LYS B 425 -17.49 -6.83 -45.62
N THR B 426 -16.50 -7.74 -45.70
CA THR B 426 -16.16 -8.37 -46.97
C THR B 426 -17.09 -9.56 -47.21
N GLU B 427 -17.79 -9.55 -48.34
CA GLU B 427 -18.74 -10.60 -48.68
C GLU B 427 -17.97 -11.79 -49.26
N TYR B 428 -17.68 -12.77 -48.42
CA TYR B 428 -16.89 -13.92 -48.82
C TYR B 428 -17.78 -15.05 -49.37
N THR B 429 -17.16 -15.94 -50.11
CA THR B 429 -17.77 -17.19 -50.56
C THR B 429 -16.96 -18.36 -49.98
N ALA B 430 -17.44 -19.58 -50.26
CA ALA B 430 -16.73 -20.76 -49.77
C ALA B 430 -15.36 -20.93 -50.41
N ASP B 431 -15.12 -20.28 -51.56
CA ASP B 431 -13.83 -20.37 -52.22
C ASP B 431 -12.76 -19.52 -51.53
N ASP B 432 -13.17 -18.58 -50.68
CA ASP B 432 -12.21 -17.78 -49.91
C ASP B 432 -11.78 -18.60 -48.69
N ILE B 433 -10.50 -18.97 -48.65
CA ILE B 433 -9.98 -19.89 -47.65
C ILE B 433 -8.80 -19.25 -46.93
N ARG B 434 -8.80 -19.34 -45.61
CA ARG B 434 -7.66 -18.94 -44.78
C ARG B 434 -7.00 -20.19 -44.21
N PHE B 435 -5.67 -20.16 -44.08
CA PHE B 435 -4.91 -21.31 -43.65
C PHE B 435 -4.25 -21.05 -42.30
N THR B 436 -4.26 -22.08 -41.45
CA THR B 436 -3.48 -22.10 -40.22
C THR B 436 -2.86 -23.49 -40.07
N THR B 437 -1.75 -23.55 -39.33
CA THR B 437 -1.06 -24.81 -39.09
C THR B 437 -0.77 -24.96 -37.60
N CYS B 438 -0.75 -26.21 -37.15
CA CYS B 438 -0.46 -26.52 -35.74
C CYS B 438 -0.07 -27.98 -35.65
N ASP B 439 1.14 -28.25 -35.15
CA ASP B 439 1.67 -29.60 -35.02
C ASP B 439 1.60 -30.34 -36.36
N ASN B 440 2.09 -29.68 -37.40
CA ASN B 440 2.21 -30.22 -38.76
C ASN B 440 0.85 -30.40 -39.44
N ASN B 441 -0.25 -30.22 -38.71
CA ASN B 441 -1.57 -30.31 -39.30
C ASN B 441 -1.87 -29.06 -40.13
N LEU B 442 -2.67 -29.24 -41.17
CA LEU B 442 -3.08 -28.16 -42.05
C LEU B 442 -4.57 -27.90 -41.88
N TYR B 443 -4.92 -26.64 -41.60
CA TYR B 443 -6.30 -26.24 -41.38
C TYR B 443 -6.69 -25.24 -42.46
N ALA B 444 -7.68 -25.61 -43.27
CA ALA B 444 -8.21 -24.75 -44.33
C ALA B 444 -9.59 -24.28 -43.91
N VAL B 445 -9.72 -22.99 -43.65
CA VAL B 445 -10.94 -22.41 -43.11
C VAL B 445 -11.67 -21.70 -44.25
N SER B 446 -12.82 -22.24 -44.65
CA SER B 446 -13.68 -21.58 -45.61
C SER B 446 -14.53 -20.53 -44.91
N LEU B 447 -14.52 -19.30 -45.43
CA LEU B 447 -15.22 -18.18 -44.81
C LEU B 447 -16.70 -18.15 -45.15
N ALA B 448 -17.23 -19.20 -45.79
CA ALA B 448 -18.65 -19.29 -46.08
C ALA B 448 -18.98 -20.75 -46.37
N TRP B 449 -20.27 -21.02 -46.55
CA TRP B 449 -20.77 -22.36 -46.77
C TRP B 449 -21.15 -22.56 -48.23
N THR B 450 -21.03 -23.81 -48.69
CA THR B 450 -21.50 -24.21 -50.00
C THR B 450 -22.02 -25.64 -49.92
N ASP B 451 -22.94 -25.97 -50.83
CA ASP B 451 -23.43 -27.34 -50.93
C ASP B 451 -22.62 -28.16 -51.92
N GLY B 452 -21.78 -27.53 -52.72
CA GLY B 452 -20.95 -28.25 -53.67
C GLY B 452 -19.55 -28.51 -53.14
N SER B 453 -18.53 -28.04 -53.87
CA SER B 453 -17.15 -28.29 -53.51
C SER B 453 -16.32 -27.04 -53.78
N VAL B 454 -15.14 -27.01 -53.16
CA VAL B 454 -14.14 -25.98 -53.39
C VAL B 454 -12.80 -26.66 -53.65
N THR B 455 -11.91 -25.94 -54.30
CA THR B 455 -10.58 -26.45 -54.64
C THR B 455 -9.54 -25.63 -53.91
N ILE B 456 -8.74 -26.29 -53.07
CA ILE B 456 -7.64 -25.63 -52.38
C ILE B 456 -6.50 -25.45 -53.37
N LYS B 457 -6.47 -24.29 -54.04
CA LYS B 457 -5.48 -24.04 -55.09
C LYS B 457 -4.06 -23.98 -54.55
N SER B 458 -3.87 -23.67 -53.27
CA SER B 458 -2.54 -23.61 -52.70
C SER B 458 -1.85 -24.97 -52.68
N LEU B 459 -2.61 -26.06 -52.80
CA LEU B 459 -2.06 -27.40 -52.86
C LEU B 459 -1.95 -27.92 -54.29
N ALA B 460 -1.89 -27.02 -55.27
CA ALA B 460 -1.70 -27.43 -56.66
C ALA B 460 -0.32 -28.04 -56.83
N THR B 461 -0.20 -28.93 -57.83
CA THR B 461 1.03 -29.71 -57.98
C THR B 461 2.25 -28.86 -58.25
N LYS B 462 2.08 -27.63 -58.76
CA LYS B 462 3.23 -26.79 -59.04
C LYS B 462 3.87 -26.25 -57.76
N TYR B 463 3.09 -26.12 -56.69
CA TYR B 463 3.62 -25.72 -55.39
C TYR B 463 4.15 -26.88 -54.58
N CYS B 464 3.84 -28.11 -54.96
CA CYS B 464 4.06 -29.29 -54.13
C CYS B 464 5.17 -30.17 -54.70
N ARG B 465 5.82 -30.90 -53.80
CA ARG B 465 6.84 -31.89 -54.16
C ARG B 465 6.55 -33.17 -53.37
N ASN B 466 5.96 -34.15 -54.05
CA ASN B 466 5.62 -35.45 -53.45
C ASN B 466 4.70 -35.27 -52.23
N VAL B 467 3.58 -34.61 -52.47
CA VAL B 467 2.59 -34.36 -51.43
C VAL B 467 1.54 -35.46 -51.47
N GLU B 468 1.32 -36.11 -50.33
CA GLU B 468 0.34 -37.17 -50.20
C GLU B 468 -0.65 -36.80 -49.11
N ILE B 469 -1.93 -36.76 -49.46
CA ILE B 469 -2.98 -36.46 -48.49
C ILE B 469 -3.32 -37.73 -47.73
N GLU B 470 -3.27 -37.66 -46.40
CA GLU B 470 -3.53 -38.82 -45.56
C GLU B 470 -4.94 -38.82 -44.98
N SER B 471 -5.46 -37.67 -44.57
CA SER B 471 -6.82 -37.61 -44.04
C SER B 471 -7.33 -36.18 -44.18
N VAL B 472 -8.63 -36.07 -44.42
CA VAL B 472 -9.32 -34.78 -44.51
C VAL B 472 -10.61 -34.88 -43.71
N GLU B 473 -10.82 -33.92 -42.82
CA GLU B 473 -12.02 -33.91 -41.98
C GLU B 473 -12.40 -32.47 -41.69
N MET B 474 -13.70 -32.26 -41.44
CA MET B 474 -14.20 -30.96 -41.01
C MET B 474 -14.47 -31.00 -39.50
N LEU B 475 -13.91 -30.03 -38.78
CA LEU B 475 -14.10 -29.97 -37.34
C LEU B 475 -15.56 -29.78 -37.00
N GLY B 476 -16.07 -30.65 -36.13
CA GLY B 476 -17.46 -30.59 -35.70
C GLY B 476 -18.43 -31.41 -36.51
N SER B 477 -17.96 -32.13 -37.53
CA SER B 477 -18.82 -32.96 -38.36
C SER B 477 -18.32 -34.40 -38.33
N SER B 478 -19.25 -35.32 -38.05
CA SER B 478 -18.95 -36.74 -38.08
C SER B 478 -19.08 -37.35 -39.47
N GLU B 479 -19.39 -36.53 -40.48
CA GLU B 479 -19.50 -37.02 -41.85
C GLU B 479 -18.12 -37.20 -42.47
N LYS B 480 -17.97 -38.26 -43.26
CA LYS B 480 -16.74 -38.50 -43.97
C LYS B 480 -16.63 -37.55 -45.16
N ILE B 481 -15.53 -36.81 -45.23
CA ILE B 481 -15.35 -35.79 -46.25
C ILE B 481 -14.79 -36.44 -47.52
N ASP B 482 -15.49 -36.24 -48.64
CA ASP B 482 -14.98 -36.70 -49.93
C ASP B 482 -13.98 -35.69 -50.47
N TYR B 483 -12.82 -36.17 -50.91
CA TYR B 483 -11.80 -35.30 -51.48
C TYR B 483 -11.10 -36.01 -52.62
N LYS B 484 -10.46 -35.20 -53.47
CA LYS B 484 -9.72 -35.70 -54.62
C LYS B 484 -8.60 -34.73 -54.93
N MET B 485 -7.36 -35.24 -54.96
CA MET B 485 -6.19 -34.41 -55.24
C MET B 485 -5.96 -34.37 -56.75
N THR B 486 -6.04 -33.18 -57.32
CA THR B 486 -5.83 -32.96 -58.74
C THR B 486 -4.63 -32.04 -58.95
N ASP B 487 -4.31 -31.79 -60.23
CA ASP B 487 -3.22 -30.88 -60.56
C ASP B 487 -3.58 -29.43 -60.23
N GLU B 488 -4.87 -29.09 -60.20
CA GLU B 488 -5.29 -27.74 -59.85
C GLU B 488 -5.32 -27.51 -58.34
N GLY B 489 -5.38 -28.57 -57.55
CA GLY B 489 -5.43 -28.44 -56.11
C GLY B 489 -6.18 -29.61 -55.50
N LEU B 490 -6.50 -29.46 -54.22
CA LEU B 490 -7.21 -30.48 -53.46
C LEU B 490 -8.69 -30.14 -53.45
N VAL B 491 -9.47 -30.87 -54.26
CA VAL B 491 -10.92 -30.69 -54.28
C VAL B 491 -11.52 -31.31 -53.03
N VAL B 492 -12.31 -30.52 -52.30
CA VAL B 492 -12.91 -30.94 -51.04
C VAL B 492 -14.41 -30.78 -51.14
N ASN B 493 -15.15 -31.82 -50.75
CA ASN B 493 -16.61 -31.82 -50.79
C ASN B 493 -17.17 -31.52 -49.41
N PHE B 494 -18.08 -30.56 -49.34
CA PHE B 494 -18.67 -30.17 -48.07
C PHE B 494 -19.66 -31.23 -47.59
N PRO B 495 -19.82 -31.40 -46.27
CA PRO B 495 -20.82 -32.34 -45.77
C PRO B 495 -22.24 -31.80 -45.91
N LYS B 496 -23.24 -32.59 -45.50
CA LYS B 496 -24.63 -32.22 -45.71
C LYS B 496 -25.16 -31.26 -44.64
N ASN B 497 -24.57 -31.26 -43.44
CA ASN B 497 -25.05 -30.43 -42.35
C ASN B 497 -23.91 -29.59 -41.79
N LYS B 498 -24.24 -28.34 -41.46
CA LYS B 498 -23.24 -27.40 -40.95
C LYS B 498 -22.93 -27.73 -39.49
N PRO B 499 -21.65 -27.87 -39.12
CA PRO B 499 -21.31 -27.93 -37.70
C PRO B 499 -21.56 -26.60 -37.01
N THR B 500 -21.03 -25.52 -37.60
CA THR B 500 -21.28 -24.16 -37.14
C THR B 500 -21.57 -23.28 -38.34
N GLU B 501 -21.81 -22.00 -38.07
CA GLU B 501 -22.03 -21.00 -39.11
C GLU B 501 -20.73 -20.23 -39.34
N TYR B 502 -20.84 -19.05 -39.96
CA TYR B 502 -19.73 -18.10 -40.07
C TYR B 502 -18.55 -18.66 -40.85
N ALA B 503 -17.80 -19.59 -40.25
CA ALA B 503 -16.65 -20.17 -40.90
C ALA B 503 -16.64 -21.67 -40.67
N HIS B 504 -15.97 -22.39 -41.56
CA HIS B 504 -15.95 -23.84 -41.55
C HIS B 504 -14.54 -24.33 -41.84
N VAL B 505 -14.03 -25.23 -40.99
CA VAL B 505 -12.63 -25.62 -40.99
C VAL B 505 -12.49 -27.03 -41.53
N PHE B 506 -11.55 -27.23 -42.45
CA PHE B 506 -11.13 -28.54 -42.90
C PHE B 506 -9.75 -28.83 -42.32
N LYS B 507 -9.61 -29.99 -41.67
CA LYS B 507 -8.34 -30.41 -41.10
C LYS B 507 -7.70 -31.42 -42.04
N ILE B 508 -6.53 -31.08 -42.56
CA ILE B 508 -5.82 -31.90 -43.54
C ILE B 508 -4.53 -32.39 -42.93
N LYS B 509 -4.36 -33.71 -42.91
CA LYS B 509 -3.10 -34.34 -42.53
C LYS B 509 -2.38 -34.78 -43.81
N LEU B 510 -1.20 -34.21 -44.05
CA LEU B 510 -0.50 -34.43 -45.30
C LEU B 510 1.00 -34.46 -45.04
N LYS B 511 1.72 -35.06 -45.98
CA LYS B 511 3.18 -35.03 -46.02
C LYS B 511 3.63 -34.40 -47.33
N GLY B 512 4.91 -34.07 -47.40
CA GLY B 512 5.49 -33.42 -48.56
C GLY B 512 5.90 -31.99 -48.25
N VAL B 513 6.42 -31.33 -49.29
CA VAL B 513 6.93 -29.97 -49.20
C VAL B 513 6.07 -29.07 -50.08
N VAL B 514 5.62 -27.95 -49.51
CA VAL B 514 4.75 -27.00 -50.20
C VAL B 514 5.38 -25.63 -50.13
N VAL B 515 5.49 -24.96 -51.29
CA VAL B 515 5.97 -23.60 -51.36
C VAL B 515 4.78 -22.68 -51.65
N SER B 516 4.90 -21.43 -51.25
CA SER B 516 3.85 -20.45 -51.39
C SER B 516 4.01 -19.65 -52.68
N LYS B 517 2.93 -18.99 -53.07
CA LYS B 517 2.99 -18.07 -54.20
C LYS B 517 3.87 -16.88 -53.83
N PRO B 518 4.82 -16.48 -54.68
CA PRO B 518 5.76 -15.43 -54.30
C PRO B 518 5.10 -14.06 -54.27
N LEU B 519 5.63 -13.20 -53.40
CA LEU B 519 5.24 -11.81 -53.31
C LEU B 519 6.44 -10.93 -53.64
N TYR B 520 6.17 -9.80 -54.30
CA TYR B 520 7.23 -8.94 -54.83
C TYR B 520 7.14 -7.55 -54.24
N ASP B 521 8.29 -7.00 -53.88
CA ASP B 521 8.41 -5.64 -53.37
C ASP B 521 9.58 -4.95 -54.07
N LYS B 522 9.58 -3.62 -54.03
CA LYS B 522 10.53 -2.83 -54.80
C LYS B 522 11.78 -2.53 -53.98
N VAL B 523 12.94 -2.72 -54.61
CA VAL B 523 14.22 -2.24 -54.09
C VAL B 523 14.92 -1.44 -55.19
N ASP B 524 16.07 -0.85 -54.84
CA ASP B 524 16.80 -0.02 -55.79
C ASP B 524 17.33 -0.87 -56.93
N ASN B 525 16.85 -0.58 -58.15
CA ASN B 525 17.28 -1.27 -59.37
C ASN B 525 17.03 -2.78 -59.27
N GLY B 526 15.98 -3.17 -58.56
CA GLY B 526 15.66 -4.58 -58.43
C GLY B 526 14.31 -4.80 -57.79
N CYS B 527 14.10 -6.03 -57.32
CA CYS B 527 12.87 -6.37 -56.62
C CYS B 527 13.17 -7.40 -55.54
N LEU B 528 12.35 -7.41 -54.50
CA LEU B 528 12.48 -8.35 -53.39
C LEU B 528 11.40 -9.42 -53.51
N ILE B 529 11.80 -10.69 -53.40
CA ILE B 529 10.90 -11.82 -53.53
C ILE B 529 10.86 -12.55 -52.20
N THR B 530 9.65 -12.84 -51.72
CA THR B 530 9.45 -13.51 -50.44
C THR B 530 8.54 -14.71 -50.65
N VAL B 531 9.01 -15.89 -50.21
CA VAL B 531 8.23 -17.11 -50.24
C VAL B 531 8.35 -17.79 -48.88
N ARG B 532 7.44 -18.73 -48.63
CA ARG B 532 7.48 -19.56 -47.44
C ARG B 532 7.41 -21.02 -47.86
N VAL B 533 8.17 -21.87 -47.17
CA VAL B 533 8.27 -23.28 -47.51
C VAL B 533 7.90 -24.09 -46.27
N ALA B 534 7.01 -25.06 -46.44
CA ALA B 534 6.57 -25.93 -45.36
C ALA B 534 6.95 -27.37 -45.71
N ASN B 535 7.79 -27.97 -44.87
CA ASN B 535 8.16 -29.38 -45.01
C ASN B 535 7.30 -30.18 -44.05
N HIS B 536 6.29 -30.85 -44.59
CA HIS B 536 5.37 -31.65 -43.78
C HIS B 536 5.84 -33.09 -43.62
N ASN B 537 7.04 -33.42 -44.10
CA ASN B 537 7.57 -34.77 -43.95
C ASN B 537 8.21 -34.94 -42.58
N ALA B 538 8.36 -36.21 -42.18
CA ALA B 538 9.05 -36.55 -40.94
C ALA B 538 10.55 -36.55 -41.09
N GLU B 539 11.07 -36.35 -42.30
CA GLU B 539 12.50 -36.29 -42.58
C GLU B 539 12.85 -34.94 -43.17
N ASP B 540 14.11 -34.52 -42.99
CA ASP B 540 14.56 -33.25 -43.51
C ASP B 540 14.50 -33.24 -45.03
N ALA B 541 14.42 -32.03 -45.60
CA ALA B 541 14.27 -31.85 -47.04
C ALA B 541 15.19 -30.74 -47.52
N ASN B 542 15.79 -30.95 -48.68
CA ASN B 542 16.58 -29.93 -49.35
C ASN B 542 15.78 -29.35 -50.50
N VAL B 543 15.67 -28.03 -50.54
CA VAL B 543 14.79 -27.34 -51.48
C VAL B 543 15.60 -26.27 -52.20
N THR B 544 15.46 -26.22 -53.53
CA THR B 544 16.11 -25.20 -54.36
C THR B 544 15.05 -24.29 -54.96
N LEU B 545 15.24 -22.99 -54.80
CA LEU B 545 14.32 -21.99 -55.31
C LEU B 545 15.07 -21.05 -56.25
N LYS B 546 14.50 -20.82 -57.44
CA LYS B 546 15.11 -19.94 -58.43
C LYS B 546 14.10 -18.88 -58.83
N SER B 547 14.54 -17.62 -58.83
CA SER B 547 13.71 -16.48 -59.20
C SER B 547 14.33 -15.82 -60.43
N VAL B 548 13.58 -15.80 -61.53
CA VAL B 548 14.04 -15.22 -62.79
C VAL B 548 13.19 -13.99 -63.08
N VAL B 549 13.77 -12.81 -62.90
CA VAL B 549 13.11 -11.54 -63.14
C VAL B 549 13.95 -10.75 -64.14
N ASP B 550 13.36 -10.44 -65.30
CA ASP B 550 14.01 -9.65 -66.34
C ASP B 550 15.32 -10.30 -66.80
N GLY B 551 15.31 -11.63 -66.90
CA GLY B 551 16.46 -12.40 -67.32
C GLY B 551 17.46 -12.73 -66.23
N ASN B 552 17.54 -11.90 -65.19
CA ASN B 552 18.48 -12.13 -64.11
C ASN B 552 18.08 -13.37 -63.32
N GLU B 553 19.03 -14.27 -63.10
CA GLU B 553 18.79 -15.54 -62.43
C GLU B 553 19.43 -15.52 -61.05
N VAL B 554 18.63 -15.82 -60.02
CA VAL B 554 19.11 -15.90 -58.65
C VAL B 554 18.52 -17.16 -58.03
N SER B 555 19.38 -17.97 -57.40
CA SER B 555 18.96 -19.23 -56.81
C SER B 555 19.39 -19.29 -55.36
N THR B 556 18.74 -20.17 -54.60
CA THR B 556 19.10 -20.41 -53.21
C THR B 556 18.69 -21.84 -52.83
N GLN B 557 19.61 -22.57 -52.23
CA GLN B 557 19.35 -23.92 -51.73
C GLN B 557 19.18 -23.85 -50.22
N VAL B 558 18.02 -24.30 -49.74
CA VAL B 558 17.67 -24.20 -48.34
C VAL B 558 17.29 -25.59 -47.82
N ALA B 559 17.82 -25.96 -46.66
CA ALA B 559 17.50 -27.21 -46.00
C ALA B 559 16.41 -26.95 -44.97
N VAL B 560 15.22 -27.49 -45.21
CA VAL B 560 14.07 -27.29 -44.33
C VAL B 560 13.96 -28.50 -43.41
N LYS B 561 13.94 -28.25 -42.10
CA LYS B 561 13.86 -29.31 -41.12
C LYS B 561 12.51 -30.01 -41.19
N ALA B 562 12.46 -31.21 -40.60
CA ALA B 562 11.25 -32.00 -40.62
C ALA B 562 10.14 -31.32 -39.83
N LYS B 563 8.95 -31.25 -40.42
CA LYS B 563 7.76 -30.69 -39.77
C LYS B 563 8.01 -29.26 -39.29
N SER B 564 8.46 -28.40 -40.21
CA SER B 564 8.79 -27.02 -39.88
C SER B 564 8.63 -26.16 -41.13
N GLU B 565 8.66 -24.85 -40.91
CA GLU B 565 8.57 -23.86 -41.98
C GLU B 565 9.68 -22.82 -41.78
N GLN B 566 9.87 -21.99 -42.78
CA GLN B 566 10.83 -20.89 -42.70
C GLN B 566 10.61 -19.93 -43.86
N TRP B 567 10.99 -18.67 -43.65
CA TRP B 567 10.94 -17.67 -44.70
C TRP B 567 12.14 -17.80 -45.62
N VAL B 568 11.94 -17.45 -46.89
CA VAL B 568 13.01 -17.43 -47.90
C VAL B 568 12.92 -16.10 -48.63
N LYS B 569 13.88 -15.21 -48.37
CA LYS B 569 13.95 -13.91 -49.03
C LYS B 569 15.04 -13.93 -50.08
N MET B 570 14.74 -13.37 -51.25
CA MET B 570 15.66 -13.35 -52.37
C MET B 570 15.72 -11.96 -52.99
N GLN B 571 16.79 -11.72 -53.74
CA GLN B 571 17.05 -10.44 -54.37
C GLN B 571 17.31 -10.64 -55.86
N ASN B 572 16.64 -9.84 -56.69
CA ASN B 572 16.88 -9.80 -58.12
C ASN B 572 17.51 -8.46 -58.50
N LYS B 573 18.51 -8.50 -59.37
CA LYS B 573 19.23 -7.31 -59.78
C LYS B 573 18.94 -7.00 -61.24
N ASP B 574 19.35 -5.80 -61.65
CA ASP B 574 19.17 -5.32 -63.02
C ASP B 574 17.70 -5.30 -63.43
N VAL B 575 16.85 -4.83 -62.52
CA VAL B 575 15.42 -4.67 -62.78
C VAL B 575 15.14 -3.18 -62.77
N LYS B 576 14.90 -2.60 -63.96
CA LYS B 576 14.77 -1.17 -64.09
C LYS B 576 13.34 -0.68 -63.83
N SER B 577 12.33 -1.44 -64.25
CA SER B 577 10.93 -1.05 -64.10
C SER B 577 10.20 -2.12 -63.32
N PHE B 578 9.73 -1.76 -62.12
CA PHE B 578 9.02 -2.72 -61.28
C PHE B 578 7.63 -3.02 -61.82
N ASP B 579 6.91 -1.99 -62.29
CA ASP B 579 5.56 -2.17 -62.78
C ASP B 579 5.50 -2.91 -64.11
N ASP B 580 6.65 -3.10 -64.79
CA ASP B 580 6.69 -3.76 -66.09
C ASP B 580 7.60 -4.98 -66.04
N MET B 581 7.66 -5.66 -64.90
CA MET B 581 8.56 -6.79 -64.73
C MET B 581 8.06 -8.02 -65.47
N SER B 582 9.00 -8.91 -65.81
CA SER B 582 8.71 -10.25 -66.30
C SER B 582 9.23 -11.22 -65.25
N CYS B 583 8.32 -11.84 -64.51
CA CYS B 583 8.68 -12.63 -63.34
C CYS B 583 8.43 -14.11 -63.59
N LYS B 584 9.38 -14.94 -63.17
CA LYS B 584 9.26 -16.39 -63.20
C LYS B 584 9.87 -16.94 -61.93
N PHE B 585 9.15 -17.83 -61.25
CA PHE B 585 9.62 -18.45 -60.02
C PHE B 585 9.59 -19.96 -60.17
N TYR B 586 10.69 -20.62 -59.83
CA TYR B 586 10.83 -22.05 -59.97
C TYR B 586 11.00 -22.69 -58.61
N PHE B 587 10.36 -23.85 -58.43
CA PHE B 587 10.47 -24.66 -57.22
C PHE B 587 11.01 -26.02 -57.65
N ASN B 588 12.32 -26.23 -57.43
CA ASN B 588 13.01 -27.43 -57.88
C ASN B 588 12.87 -27.62 -59.39
N ASP B 589 13.18 -26.55 -60.13
CA ASP B 589 13.12 -26.52 -61.59
C ASP B 589 11.71 -26.82 -62.10
N ASN B 590 10.70 -26.42 -61.34
CA ASN B 590 9.30 -26.49 -61.76
C ASN B 590 8.71 -25.09 -61.64
N LEU B 591 8.17 -24.58 -62.74
CA LEU B 591 7.65 -23.21 -62.75
C LEU B 591 6.49 -23.07 -61.79
N THR B 592 6.67 -22.21 -60.77
CA THR B 592 5.66 -21.98 -59.76
C THR B 592 4.77 -20.78 -60.08
N TYR B 593 5.38 -19.64 -60.44
CA TYR B 593 4.63 -18.44 -60.75
C TYR B 593 5.09 -17.88 -62.10
N GLU B 594 4.20 -17.14 -62.74
CA GLU B 594 4.37 -16.70 -64.12
C GLU B 594 3.39 -15.58 -64.45
N ASN B 595 3.86 -14.39 -64.78
CA ASN B 595 3.00 -13.28 -65.14
C ASN B 595 3.27 -12.88 -66.59
N GLU B 596 2.48 -13.44 -67.51
CA GLU B 596 2.60 -13.13 -68.92
C GLU B 596 1.65 -12.00 -69.32
N GLY C 39 23.46 26.19 -18.38
CA GLY C 39 24.73 25.80 -18.93
C GLY C 39 25.91 26.46 -18.25
N THR C 40 25.70 26.92 -17.02
CA THR C 40 26.74 27.59 -16.24
C THR C 40 27.52 26.55 -15.44
N ASP C 41 28.81 26.43 -15.74
CA ASP C 41 29.70 25.53 -15.00
C ASP C 41 30.94 26.32 -14.59
N VAL C 42 30.73 27.31 -13.71
CA VAL C 42 31.87 27.99 -13.09
C VAL C 42 32.49 27.10 -12.01
N PHE C 43 31.66 26.41 -11.24
CA PHE C 43 32.12 25.50 -10.21
C PHE C 43 32.25 24.09 -10.78
N LYS C 44 33.36 23.44 -10.44
CA LYS C 44 33.58 22.05 -10.78
C LYS C 44 33.34 21.17 -9.56
N ALA C 45 33.31 19.85 -9.79
CA ALA C 45 33.00 18.89 -8.74
C ALA C 45 34.24 18.50 -7.94
N ASP C 46 34.98 19.49 -7.47
CA ASP C 46 36.14 19.23 -6.62
C ASP C 46 36.31 20.40 -5.66
N SER C 47 37.01 20.13 -4.55
CA SER C 47 37.12 21.12 -3.48
C SER C 47 37.91 22.35 -3.90
N ALA C 48 38.95 22.16 -4.73
CA ALA C 48 39.79 23.28 -5.10
C ALA C 48 39.06 24.27 -6.00
N SER C 49 38.22 23.77 -6.91
CA SER C 49 37.46 24.66 -7.77
C SER C 49 36.40 25.43 -6.99
N ILE C 50 35.81 24.80 -5.96
CA ILE C 50 34.81 25.49 -5.16
C ILE C 50 35.44 26.58 -4.32
N ALA C 51 36.60 26.28 -3.69
CA ALA C 51 37.26 27.26 -2.84
C ALA C 51 37.75 28.48 -3.62
N GLN C 52 37.97 28.34 -4.92
CA GLN C 52 38.49 29.45 -5.72
C GLN C 52 37.40 30.40 -6.19
N ASN C 53 36.13 30.05 -6.05
CA ASN C 53 35.04 30.88 -6.55
C ASN C 53 33.90 31.10 -5.56
N TYR C 54 33.79 30.30 -4.50
CA TYR C 54 32.70 30.43 -3.55
C TYR C 54 33.12 31.30 -2.37
N THR C 55 32.19 32.10 -1.87
CA THR C 55 32.36 32.87 -0.66
C THR C 55 31.09 32.77 0.17
N ILE C 56 31.25 32.61 1.47
CA ILE C 56 30.10 32.52 2.37
C ILE C 56 29.33 33.84 2.27
N PRO C 57 28.05 33.80 1.90
CA PRO C 57 27.32 35.04 1.66
C PRO C 57 27.13 35.86 2.93
N GLU C 58 26.81 37.14 2.73
CA GLU C 58 26.64 38.06 3.86
C GLU C 58 25.33 37.84 4.59
N TRP C 59 24.30 37.33 3.91
CA TRP C 59 23.01 37.15 4.58
C TRP C 59 23.10 36.12 5.69
N PHE C 60 23.91 35.08 5.53
CA PHE C 60 24.04 34.08 6.59
C PHE C 60 24.79 34.65 7.78
N LYS C 61 25.83 35.45 7.54
CA LYS C 61 26.55 36.08 8.63
C LYS C 61 25.63 37.02 9.42
N ASP C 62 24.73 37.72 8.73
CA ASP C 62 23.86 38.69 9.36
C ASP C 62 22.59 38.08 9.95
N ALA C 63 22.22 36.87 9.54
CA ALA C 63 20.94 36.30 9.97
C ALA C 63 21.01 35.84 11.43
N LYS C 64 22.09 35.12 11.79
CA LYS C 64 22.35 34.66 13.14
C LYS C 64 21.37 33.60 13.63
N PHE C 65 20.08 33.82 13.43
CA PHE C 65 19.03 32.98 14.02
C PHE C 65 18.25 32.24 12.95
N GLY C 66 18.01 30.95 13.18
CA GLY C 66 17.19 30.16 12.29
C GLY C 66 16.38 29.15 13.08
N ILE C 67 15.31 28.66 12.44
CA ILE C 67 14.38 27.74 13.07
C ILE C 67 14.41 26.41 12.32
N PHE C 68 14.76 25.35 13.05
CA PHE C 68 14.69 23.98 12.55
C PHE C 68 13.33 23.39 12.90
N ILE C 69 12.80 22.56 12.00
CA ILE C 69 11.49 21.94 12.20
C ILE C 69 11.60 20.47 11.81
N HIS C 70 11.65 19.60 12.81
CA HIS C 70 11.60 18.15 12.59
C HIS C 70 10.16 17.70 12.60
N TRP C 71 9.68 17.18 11.46
CA TRP C 71 8.28 16.82 11.31
C TRP C 71 8.17 15.81 10.19
N GLY C 72 7.59 14.65 10.47
CA GLY C 72 7.45 13.63 9.45
C GLY C 72 6.64 12.45 9.95
N VAL C 73 6.81 11.32 9.27
CA VAL C 73 6.08 10.10 9.63
C VAL C 73 6.40 9.68 11.06
N TYR C 74 7.63 9.91 11.51
CA TYR C 74 8.03 9.57 12.86
C TYR C 74 7.27 10.35 13.92
N SER C 75 6.55 11.41 13.55
CA SER C 75 5.77 12.18 14.50
C SER C 75 4.47 11.49 14.88
N VAL C 76 4.01 10.52 14.09
CA VAL C 76 2.77 9.82 14.38
C VAL C 76 2.93 8.95 15.63
N PRO C 77 3.96 8.09 15.73
CA PRO C 77 4.12 7.33 16.99
C PRO C 77 4.53 8.21 18.16
N ALA C 78 5.27 9.30 17.91
CA ALA C 78 5.68 10.25 18.94
C ALA C 78 6.40 9.55 20.09
N TYR C 79 7.38 8.72 19.74
CA TYR C 79 8.16 7.98 20.73
C TYR C 79 9.36 8.77 21.25
N GLY C 80 9.76 9.82 20.55
CA GLY C 80 10.90 10.61 20.96
C GLY C 80 12.20 10.29 20.27
N SER C 81 12.16 9.73 19.07
CA SER C 81 13.38 9.36 18.35
C SER C 81 13.05 9.23 16.87
N GLU C 82 13.78 9.96 16.03
CA GLU C 82 13.64 9.80 14.59
C GLU C 82 14.24 8.50 14.08
N TRP C 83 14.97 7.78 14.93
CA TRP C 83 15.46 6.45 14.62
C TRP C 83 14.43 5.36 14.90
N TYR C 84 13.17 5.73 15.09
CA TYR C 84 12.12 4.74 15.31
C TYR C 84 12.02 3.77 14.12
N SER C 85 12.17 4.29 12.90
CA SER C 85 12.06 3.46 11.72
C SER C 85 13.17 2.42 11.64
N ARG C 86 14.36 2.75 12.16
CA ARG C 86 15.47 1.81 12.11
C ARG C 86 15.37 0.75 13.20
N TRP C 87 15.13 1.17 14.43
CA TRP C 87 15.16 0.24 15.56
C TRP C 87 13.90 -0.61 15.66
N MET C 88 12.79 -0.19 15.05
CA MET C 88 11.57 -0.99 15.09
C MET C 88 11.71 -2.29 14.30
N TYR C 89 12.73 -2.42 13.46
CA TYR C 89 12.95 -3.63 12.68
C TYR C 89 14.09 -4.48 13.22
N LYS C 90 14.76 -4.03 14.28
CA LYS C 90 15.80 -4.83 14.93
C LYS C 90 15.15 -5.62 16.05
N GLU C 91 14.90 -6.91 15.81
CA GLU C 91 14.20 -7.76 16.76
C GLU C 91 14.93 -7.78 18.11
N GLY C 92 14.18 -7.49 19.17
CA GLY C 92 14.71 -7.43 20.52
C GLY C 92 14.96 -6.03 21.03
N HIS C 93 15.03 -5.04 20.14
CA HIS C 93 15.22 -3.66 20.55
C HIS C 93 13.99 -3.17 21.31
N PRO C 94 14.19 -2.29 22.30
CA PRO C 94 13.02 -1.71 23.01
C PRO C 94 12.00 -1.08 22.08
N ILE C 95 12.45 -0.44 20.99
CA ILE C 95 11.51 0.16 20.04
C ILE C 95 10.78 -0.94 19.27
N ASN C 96 11.48 -2.01 18.93
CA ASN C 96 10.84 -3.12 18.22
C ASN C 96 9.81 -3.82 19.09
N LYS C 97 10.16 -4.08 20.35
CA LYS C 97 9.21 -4.69 21.27
C LYS C 97 8.06 -3.75 21.58
N TYR C 98 8.31 -2.44 21.57
CA TYR C 98 7.23 -1.48 21.76
C TYR C 98 6.27 -1.49 20.59
N HIS C 99 6.80 -1.58 19.36
CA HIS C 99 5.95 -1.50 18.18
C HIS C 99 5.07 -2.74 18.02
N VAL C 100 5.60 -3.92 18.35
CA VAL C 100 4.83 -5.15 18.21
C VAL C 100 3.64 -5.14 19.17
N GLN C 101 3.85 -4.63 20.38
CA GLN C 101 2.77 -4.61 21.37
C GLN C 101 1.80 -3.46 21.15
N THR C 102 2.26 -2.35 20.56
CA THR C 102 1.41 -1.17 20.40
C THR C 102 0.65 -1.18 19.08
N TYR C 103 1.28 -1.62 17.99
CA TYR C 103 0.66 -1.60 16.67
C TYR C 103 0.50 -2.97 16.03
N GLY C 104 1.43 -3.89 16.25
CA GLY C 104 1.30 -5.23 15.71
C GLY C 104 2.60 -5.75 15.13
N PRO C 105 2.55 -6.96 14.58
CA PRO C 105 3.75 -7.55 13.98
C PRO C 105 4.24 -6.74 12.80
N LEU C 106 5.55 -6.85 12.53
CA LEU C 106 6.15 -6.06 11.45
C LEU C 106 5.58 -6.43 10.09
N THR C 107 5.21 -7.70 9.90
CA THR C 107 4.58 -8.12 8.66
C THR C 107 3.15 -7.61 8.52
N LYS C 108 2.54 -7.14 9.60
CA LYS C 108 1.18 -6.63 9.60
C LYS C 108 1.11 -5.11 9.63
N PHE C 109 2.01 -4.47 10.38
CA PHE C 109 2.03 -3.00 10.52
C PHE C 109 3.49 -2.55 10.43
N GLY C 110 3.92 -2.18 9.22
CA GLY C 110 5.25 -1.65 9.03
C GLY C 110 5.29 -0.14 9.22
N TYR C 111 6.49 0.42 9.01
CA TYR C 111 6.64 1.86 9.09
C TYR C 111 5.82 2.57 8.02
N LYS C 112 5.61 1.91 6.87
CA LYS C 112 4.81 2.52 5.80
C LYS C 112 3.36 2.70 6.21
N ASP C 113 2.87 1.89 7.15
CA ASP C 113 1.49 1.98 7.57
C ASP C 113 1.23 3.14 8.54
N PHE C 114 2.29 3.81 9.01
CA PHE C 114 2.10 5.06 9.73
C PHE C 114 1.67 6.19 8.80
N ILE C 115 1.94 6.06 7.51
CA ILE C 115 1.69 7.18 6.58
C ILE C 115 0.20 7.52 6.48
N PRO C 116 -0.72 6.57 6.33
CA PRO C 116 -2.15 6.96 6.33
C PRO C 116 -2.57 7.69 7.59
N MET C 117 -1.96 7.39 8.74
CA MET C 117 -2.25 8.11 9.97
C MET C 117 -1.61 9.49 10.02
N PHE C 118 -0.70 9.80 9.10
CA PHE C 118 -0.04 11.10 9.05
C PHE C 118 -0.90 12.11 8.28
N LYS C 119 -2.14 12.26 8.75
CA LYS C 119 -3.11 13.07 8.03
C LYS C 119 -2.77 14.56 8.05
N ALA C 120 -2.15 15.04 9.13
CA ALA C 120 -1.76 16.45 9.26
C ALA C 120 -2.96 17.37 9.03
N GLU C 121 -4.03 17.11 9.77
CA GLU C 121 -5.29 17.84 9.56
C GLU C 121 -5.20 19.30 10.01
N ASN C 122 -4.28 19.62 10.91
CA ASN C 122 -4.16 20.98 11.44
C ASN C 122 -2.91 21.70 10.97
N PHE C 123 -2.31 21.24 9.87
CA PHE C 123 -1.13 21.91 9.33
C PHE C 123 -1.53 23.17 8.59
N ASN C 124 -0.68 24.19 8.68
CA ASN C 124 -0.91 25.46 8.00
C ASN C 124 0.43 26.15 7.79
N ALA C 125 0.80 26.38 6.53
CA ALA C 125 2.09 26.98 6.24
C ALA C 125 2.19 28.40 6.76
N ASP C 126 1.10 29.17 6.65
CA ASP C 126 1.10 30.53 7.18
C ASP C 126 1.21 30.52 8.70
N GLU C 127 0.55 29.57 9.36
CA GLU C 127 0.63 29.49 10.81
C GLU C 127 2.02 29.09 11.28
N TRP C 128 2.72 28.25 10.50
CA TRP C 128 4.09 27.89 10.86
C TRP C 128 5.03 29.07 10.71
N LEU C 129 4.90 29.82 9.61
CA LEU C 129 5.78 30.96 9.38
C LEU C 129 5.51 32.09 10.36
N ALA C 130 4.28 32.19 10.87
CA ALA C 130 3.98 33.21 11.87
C ALA C 130 4.72 32.91 13.18
N VAL C 131 4.81 31.64 13.56
CA VAL C 131 5.55 31.28 14.76
C VAL C 131 7.04 31.52 14.57
N VAL C 132 7.56 31.22 13.37
CA VAL C 132 8.98 31.44 13.10
C VAL C 132 9.30 32.93 13.07
N LYS C 133 8.46 33.73 12.41
CA LYS C 133 8.72 35.16 12.34
C LYS C 133 8.59 35.84 13.69
N SER C 134 7.68 35.35 14.55
CA SER C 134 7.54 35.93 15.87
C SER C 134 8.75 35.68 16.75
N SER C 135 9.58 34.69 16.41
CA SER C 135 10.79 34.39 17.17
C SER C 135 11.95 35.30 16.81
N GLY C 136 11.81 36.12 15.77
CA GLY C 136 12.90 36.95 15.31
C GLY C 136 13.89 36.26 14.39
N ALA C 137 13.70 34.97 14.12
CA ALA C 137 14.59 34.24 13.24
C ALA C 137 14.51 34.77 11.82
N GLN C 138 15.61 34.63 11.08
CA GLN C 138 15.72 35.16 9.74
C GLN C 138 15.59 34.11 8.65
N TYR C 139 15.69 32.83 8.99
CA TYR C 139 15.52 31.78 7.99
C TYR C 139 14.93 30.54 8.66
N ILE C 140 14.25 29.74 7.85
CA ILE C 140 13.55 28.55 8.31
C ILE C 140 14.10 27.33 7.58
N VAL C 141 14.30 26.24 8.31
CA VAL C 141 14.85 25.02 7.73
C VAL C 141 13.94 23.85 8.07
N PRO C 142 12.94 23.56 7.25
CA PRO C 142 12.15 22.33 7.43
C PRO C 142 12.93 21.11 6.94
N VAL C 143 12.37 19.95 7.23
CA VAL C 143 12.95 18.67 6.81
C VAL C 143 12.32 18.27 5.49
N ALA C 144 13.11 18.29 4.41
CA ALA C 144 12.61 17.85 3.12
C ALA C 144 12.44 16.34 3.09
N GLU C 145 13.36 15.61 3.73
CA GLU C 145 13.28 14.16 3.85
C GLU C 145 14.27 13.67 4.91
N HIS C 146 13.79 12.88 5.86
CA HIS C 146 14.65 12.38 6.93
C HIS C 146 15.25 11.04 6.49
N HIS C 147 15.76 10.26 7.45
CA HIS C 147 16.31 8.94 7.12
C HIS C 147 15.21 7.96 6.70
N ASP C 148 13.95 8.26 7.01
CA ASP C 148 12.87 7.31 6.81
C ASP C 148 12.61 7.01 5.34
N GLY C 149 13.07 7.86 4.44
CA GLY C 149 12.82 7.67 3.01
C GLY C 149 11.52 8.25 2.51
N PHE C 150 10.82 9.04 3.32
CA PHE C 150 9.55 9.63 2.94
C PHE C 150 9.75 11.10 2.59
N ALA C 151 9.51 11.45 1.33
CA ALA C 151 9.72 12.81 0.86
C ALA C 151 8.58 13.72 1.32
N MET C 152 8.93 14.87 1.90
CA MET C 152 7.95 15.86 2.35
C MET C 152 7.66 16.90 1.28
N TYR C 153 7.81 16.56 0.01
CA TYR C 153 7.70 17.54 -1.07
C TYR C 153 7.18 16.85 -2.32
N SER C 154 7.08 17.62 -3.40
CA SER C 154 6.66 17.11 -4.69
C SER C 154 7.88 16.47 -5.37
N SER C 155 7.96 15.14 -5.32
CA SER C 155 9.10 14.41 -5.84
C SER C 155 8.77 13.84 -7.22
N THR C 156 9.73 13.91 -8.13
CA THR C 156 9.56 13.38 -9.47
C THR C 156 9.75 11.86 -9.50
N PHE C 157 10.52 11.32 -8.56
CA PHE C 157 10.88 9.91 -8.58
C PHE C 157 10.39 9.13 -7.38
N ASN C 158 10.28 9.76 -6.21
CA ASN C 158 9.92 9.04 -4.99
C ASN C 158 8.40 8.87 -4.92
N LYS C 159 7.94 7.63 -5.01
CA LYS C 159 6.51 7.35 -4.87
C LYS C 159 6.02 7.68 -3.48
N TRP C 160 6.89 7.57 -2.47
CA TRP C 160 6.52 7.83 -1.08
C TRP C 160 6.79 9.30 -0.75
N ASN C 161 5.84 10.15 -1.12
CA ASN C 161 5.96 11.59 -0.93
C ASN C 161 4.73 12.10 -0.20
N ALA C 162 4.85 13.33 0.34
CA ALA C 162 3.78 13.94 1.10
C ALA C 162 2.66 14.48 0.22
N VAL C 163 2.90 14.65 -1.07
CA VAL C 163 1.85 15.12 -1.97
C VAL C 163 0.86 14.00 -2.26
N ASP C 164 1.34 12.77 -2.42
CA ASP C 164 0.49 11.64 -2.77
C ASP C 164 -0.09 10.93 -1.55
N MET C 165 0.62 10.94 -0.43
CA MET C 165 0.21 10.21 0.76
C MET C 165 0.29 11.10 1.99
N GLY C 166 -0.25 10.61 3.09
CA GLY C 166 -0.19 11.28 4.36
C GLY C 166 -0.92 12.61 4.36
N PRO C 167 -0.16 13.71 4.50
CA PRO C 167 -0.79 15.04 4.45
C PRO C 167 -1.45 15.34 3.12
N LYS C 168 -1.01 14.71 2.03
CA LYS C 168 -1.57 14.90 0.70
C LYS C 168 -1.49 16.36 0.27
N ARG C 169 -0.30 16.94 0.41
CA ARG C 169 -0.02 18.32 0.04
C ARG C 169 1.49 18.50 0.01
N ASP C 170 1.93 19.49 -0.77
CA ASP C 170 3.35 19.81 -0.90
C ASP C 170 3.77 20.64 0.31
N ILE C 171 4.30 19.96 1.33
CA ILE C 171 4.68 20.64 2.56
C ILE C 171 5.81 21.63 2.30
N ILE C 172 6.82 21.22 1.53
CA ILE C 172 7.94 22.12 1.25
C ILE C 172 7.49 23.28 0.38
N GLY C 173 6.66 23.01 -0.63
CA GLY C 173 6.20 24.08 -1.50
C GLY C 173 5.33 25.09 -0.79
N GLU C 174 4.46 24.62 0.11
CA GLU C 174 3.62 25.53 0.87
C GLU C 174 4.44 26.34 1.85
N LEU C 175 5.43 25.70 2.50
CA LEU C 175 6.32 26.44 3.38
C LEU C 175 7.19 27.42 2.61
N LYS C 176 7.53 27.09 1.35
CA LYS C 176 8.34 27.99 0.54
C LYS C 176 7.56 29.25 0.17
N GLU C 177 6.28 29.10 -0.17
CA GLU C 177 5.48 30.26 -0.53
C GLU C 177 5.16 31.11 0.70
N ALA C 178 4.83 30.46 1.82
CA ALA C 178 4.54 31.20 3.05
C ALA C 178 5.76 31.95 3.56
N THR C 179 6.96 31.40 3.33
CA THR C 179 8.18 32.08 3.75
C THR C 179 8.41 33.36 2.94
N LYS C 180 8.08 33.33 1.64
CA LYS C 180 8.26 34.52 0.81
C LYS C 180 7.31 35.64 1.23
N LYS C 181 6.06 35.30 1.56
CA LYS C 181 5.11 36.30 2.03
C LYS C 181 5.46 36.81 3.42
N ALA C 182 6.18 36.03 4.22
CA ALA C 182 6.56 36.42 5.56
C ALA C 182 7.84 37.25 5.61
N GLY C 183 8.57 37.33 4.50
CA GLY C 183 9.78 38.13 4.48
C GLY C 183 11.01 37.42 5.01
N LEU C 184 11.03 36.09 5.02
CA LEU C 184 12.14 35.31 5.51
C LEU C 184 12.81 34.56 4.36
N ARG C 185 13.97 33.98 4.67
CA ARG C 185 14.74 33.21 3.69
C ARG C 185 14.46 31.72 3.90
N PHE C 186 14.26 31.01 2.79
CA PHE C 186 13.82 29.62 2.84
C PHE C 186 15.01 28.69 2.69
N GLY C 187 15.11 27.73 3.61
CA GLY C 187 16.06 26.63 3.50
C GLY C 187 15.35 25.30 3.72
N LEU C 188 16.17 24.24 3.73
CA LEU C 188 15.64 22.91 3.97
C LEU C 188 16.79 21.97 4.31
N SER C 189 16.45 20.88 4.99
CA SER C 189 17.42 19.88 5.43
C SER C 189 17.14 18.55 4.76
N SER C 190 18.21 17.83 4.41
CA SER C 190 18.12 16.54 3.75
C SER C 190 18.85 15.50 4.58
N HIS C 191 18.19 14.38 4.85
CA HIS C 191 18.78 13.26 5.58
C HIS C 191 18.69 11.96 4.80
N ARG C 192 18.48 12.03 3.48
CA ARG C 192 18.26 10.82 2.69
C ARG C 192 19.53 9.98 2.54
N CYS C 193 20.71 10.57 2.77
CA CYS C 193 21.95 9.82 2.60
C CYS C 193 22.00 8.60 3.50
N GLU C 194 21.39 8.66 4.68
CA GLU C 194 21.37 7.53 5.61
C GLU C 194 20.27 6.53 5.29
N ASN C 195 19.40 6.82 4.31
CA ASN C 195 18.33 5.89 3.96
C ASN C 195 18.85 4.63 3.29
N ALA C 196 20.09 4.66 2.79
CA ALA C 196 20.65 3.49 2.13
C ALA C 196 20.88 2.33 3.10
N TRP C 197 21.01 2.62 4.39
CA TRP C 197 21.30 1.58 5.38
C TRP C 197 20.41 1.63 6.61
N PHE C 198 19.42 2.53 6.65
CA PHE C 198 18.62 2.70 7.85
C PHE C 198 17.76 1.48 8.15
N TYR C 199 17.25 0.81 7.12
CA TYR C 199 16.36 -0.34 7.29
C TYR C 199 17.09 -1.66 7.09
N GLU C 200 18.33 -1.78 7.56
CA GLU C 200 19.10 -3.00 7.32
C GLU C 200 18.58 -4.17 8.14
N TYR C 201 18.03 -3.91 9.33
CA TYR C 201 17.60 -4.99 10.21
C TYR C 201 16.28 -5.62 9.78
N GLY C 202 15.52 -4.94 8.91
CA GLY C 202 14.26 -5.51 8.44
C GLY C 202 14.43 -6.74 7.57
N MET C 203 15.61 -6.94 7.00
CA MET C 203 15.88 -8.12 6.19
C MET C 203 16.17 -9.36 7.03
N GLU C 204 16.62 -9.17 8.27
CA GLU C 204 17.01 -10.30 9.11
C GLU C 204 15.86 -10.92 9.88
N THR C 205 14.73 -10.24 9.98
CA THR C 205 13.57 -10.71 10.71
C THR C 205 12.32 -10.56 9.86
N PRO C 206 11.33 -11.45 10.02
CA PRO C 206 10.09 -11.32 9.23
C PRO C 206 9.44 -9.96 9.32
N SER C 207 9.45 -9.22 8.21
CA SER C 207 8.88 -7.88 8.17
C SER C 207 8.50 -7.58 6.72
N ASP C 208 7.97 -6.38 6.50
CA ASP C 208 7.69 -5.92 5.15
C ASP C 208 8.93 -5.38 4.44
N VAL C 209 10.02 -5.16 5.17
CA VAL C 209 11.26 -4.73 4.54
C VAL C 209 11.82 -5.83 3.64
N GLN C 210 11.51 -7.09 3.94
CA GLN C 210 11.94 -8.19 3.09
C GLN C 210 11.41 -8.06 1.67
N ASP C 211 10.24 -7.44 1.52
CA ASP C 211 9.72 -7.10 0.19
C ASP C 211 10.59 -6.01 -0.40
N THR C 212 11.55 -6.41 -1.24
CA THR C 212 12.49 -5.46 -1.82
C THR C 212 11.84 -4.56 -2.86
N THR C 213 10.59 -4.81 -3.24
CA THR C 213 9.90 -3.93 -4.17
C THR C 213 9.44 -2.63 -3.50
N ILE C 214 9.41 -2.59 -2.18
CA ILE C 214 9.03 -1.39 -1.45
C ILE C 214 10.23 -0.44 -1.41
N THR C 215 10.19 0.61 -2.23
CA THR C 215 11.31 1.53 -2.34
C THR C 215 11.45 2.47 -1.15
N LEU C 216 10.43 2.56 -0.28
CA LEU C 216 10.50 3.47 0.85
C LEU C 216 11.64 3.11 1.79
N TYR C 217 12.01 1.84 1.86
CA TYR C 217 12.97 1.35 2.84
C TYR C 217 14.42 1.38 2.34
N GLY C 218 14.66 2.02 1.20
CA GLY C 218 16.03 2.24 0.77
C GLY C 218 16.75 0.98 0.30
N GLU C 219 18.08 1.09 0.25
CA GLU C 219 18.93 0.02 -0.28
C GLU C 219 19.11 -1.13 0.71
N ARG C 220 18.84 -0.91 2.00
CA ARG C 220 18.93 -1.96 3.03
C ARG C 220 20.36 -2.51 3.14
N LEU C 221 21.34 -1.62 2.96
CA LEU C 221 22.74 -2.01 3.13
C LEU C 221 23.13 -1.92 4.60
N HIS C 222 24.36 -2.33 4.91
CA HIS C 222 24.85 -2.25 6.28
C HIS C 222 25.37 -0.85 6.57
N GLU C 223 25.21 -0.43 7.82
CA GLU C 223 25.67 0.89 8.24
C GLU C 223 27.20 0.97 8.14
N PRO C 224 27.74 2.08 7.64
CA PRO C 224 29.20 2.23 7.61
C PRO C 224 29.79 2.28 9.01
N GLU C 225 31.01 1.76 9.13
CA GLU C 225 31.68 1.69 10.41
C GLU C 225 32.27 3.05 10.80
N GLY C 226 32.94 3.08 11.95
CA GLY C 226 33.52 4.31 12.45
C GLY C 226 32.48 5.21 13.09
N GLN C 227 32.31 5.08 14.41
CA GLN C 227 31.35 5.91 15.12
C GLN C 227 31.86 7.34 15.23
N GLY C 228 30.97 8.30 15.04
CA GLY C 228 31.31 9.70 15.16
C GLY C 228 31.49 10.38 13.83
N MET C 229 32.24 11.49 13.87
CA MET C 229 32.45 12.34 12.70
C MET C 229 33.75 11.93 12.02
N THR C 230 33.71 10.81 11.31
CA THR C 230 34.89 10.33 10.61
C THR C 230 34.53 9.97 9.17
N PRO C 231 35.40 10.31 8.22
CA PRO C 231 35.16 9.88 6.82
C PRO C 231 35.46 8.41 6.59
N TYR C 232 36.12 7.74 7.53
CA TYR C 232 36.41 6.32 7.41
C TYR C 232 35.11 5.51 7.50
N CYS C 233 34.96 4.54 6.61
CA CYS C 233 33.75 3.74 6.54
C CYS C 233 33.95 2.26 6.82
N GLY C 234 35.17 1.74 6.71
CA GLY C 234 35.41 0.35 7.04
C GLY C 234 35.03 -0.59 5.91
N LYS C 235 34.63 -1.81 6.28
CA LYS C 235 34.29 -2.83 5.29
C LYS C 235 32.92 -2.64 4.68
N TYR C 236 32.11 -1.71 5.18
CA TYR C 236 30.83 -1.36 4.59
C TYR C 236 30.84 0.10 4.16
N GLU C 237 30.52 0.35 2.89
CA GLU C 237 30.61 1.70 2.36
C GLU C 237 29.48 2.58 2.87
N GLY C 238 28.28 2.03 3.01
CA GLY C 238 27.13 2.80 3.42
C GLY C 238 26.26 3.33 2.29
N SER C 239 26.65 3.07 1.04
CA SER C 239 25.91 3.55 -0.12
C SER C 239 26.40 2.79 -1.35
N ASN C 240 25.53 2.66 -2.33
CA ASN C 240 25.87 2.02 -3.60
C ASN C 240 25.63 3.01 -4.74
N GLU C 241 25.75 2.51 -5.98
CA GLU C 241 25.58 3.37 -7.14
C GLU C 241 24.17 3.96 -7.20
N ARG C 242 23.16 3.15 -6.91
CA ARG C 242 21.79 3.62 -7.03
C ARG C 242 21.49 4.71 -6.02
N SER C 243 21.82 4.47 -4.74
CA SER C 243 21.52 5.46 -3.70
C SER C 243 22.29 6.76 -3.92
N ARG C 244 23.52 6.69 -4.43
CA ARG C 244 24.24 7.90 -4.80
C ARG C 244 23.56 8.61 -5.96
N ARG C 245 23.11 7.84 -6.96
CA ARG C 245 22.40 8.43 -8.08
C ARG C 245 21.06 9.02 -7.63
N GLN C 246 20.36 8.34 -6.73
CA GLN C 246 19.11 8.87 -6.19
C GLN C 246 19.33 10.12 -5.36
N PHE C 247 20.46 10.19 -4.64
CA PHE C 247 20.78 11.37 -3.85
C PHE C 247 20.90 12.60 -4.76
N LEU C 248 21.58 12.46 -5.89
CA LEU C 248 21.70 13.58 -6.83
C LEU C 248 20.34 14.00 -7.35
N MET C 249 19.52 13.03 -7.78
CA MET C 249 18.18 13.36 -8.24
C MET C 249 17.32 13.92 -7.11
N HIS C 250 17.54 13.45 -5.88
CA HIS C 250 16.81 14.00 -4.74
C HIS C 250 17.23 15.44 -4.47
N THR C 251 18.53 15.73 -4.59
CA THR C 251 18.99 17.10 -4.37
C THR C 251 18.70 17.99 -5.56
N TYR C 252 18.78 17.44 -6.78
CA TYR C 252 18.58 18.26 -7.98
C TYR C 252 17.13 18.74 -8.07
N GLU C 253 16.17 17.88 -7.78
CA GLU C 253 14.77 18.29 -7.87
C GLU C 253 14.39 19.27 -6.77
N LEU C 254 14.98 19.14 -5.58
CA LEU C 254 14.77 20.13 -4.54
C LEU C 254 15.38 21.47 -4.94
N ILE C 255 16.52 21.44 -5.61
CA ILE C 255 17.19 22.67 -6.03
C ILE C 255 16.38 23.37 -7.12
N ASP C 256 15.86 22.61 -8.09
CA ASP C 256 15.18 23.22 -9.22
C ASP C 256 13.75 23.61 -8.90
N LYS C 257 13.08 22.89 -8.01
CA LYS C 257 11.66 23.16 -7.74
C LYS C 257 11.48 24.30 -6.74
N TYR C 258 12.33 24.37 -5.71
CA TYR C 258 12.12 25.30 -4.61
C TYR C 258 13.21 26.35 -4.46
N GLN C 259 14.36 26.18 -5.10
CA GLN C 259 15.46 27.13 -5.05
C GLN C 259 15.79 27.56 -3.60
N PRO C 260 16.15 26.62 -2.74
CA PRO C 260 16.46 26.99 -1.36
C PRO C 260 17.78 27.71 -1.26
N GLU C 261 17.87 28.63 -0.30
CA GLU C 261 19.09 29.39 -0.06
C GLU C 261 20.01 28.70 0.94
N LEU C 262 19.58 27.57 1.52
CA LEU C 262 20.39 26.83 2.47
C LEU C 262 19.94 25.38 2.45
N ILE C 263 20.88 24.45 2.34
CA ILE C 263 20.58 23.03 2.36
C ILE C 263 21.42 22.38 3.45
N TRP C 264 20.75 21.70 4.38
CA TRP C 264 21.38 21.09 5.54
C TRP C 264 21.45 19.58 5.36
N PHE C 265 22.62 19.00 5.61
CA PHE C 265 22.82 17.57 5.46
C PHE C 265 23.26 16.96 6.78
N ASN C 266 23.00 15.66 6.93
CA ASN C 266 23.43 14.94 8.11
C ASN C 266 24.83 14.38 7.90
N TRP C 267 25.28 13.50 8.80
CA TRP C 267 26.71 13.25 8.94
C TRP C 267 27.28 12.32 7.87
N THR C 268 26.49 11.39 7.34
CA THR C 268 27.09 10.39 6.46
C THR C 268 27.43 10.93 5.07
N VAL C 269 27.16 12.20 4.77
CA VAL C 269 27.57 12.73 3.47
C VAL C 269 29.07 12.95 3.43
N GLY C 270 29.74 12.97 4.59
CA GLY C 270 31.18 13.13 4.66
C GLY C 270 31.98 11.87 4.51
N LYS C 271 31.33 10.71 4.37
CA LYS C 271 32.05 9.47 4.17
C LYS C 271 32.77 9.49 2.83
N TYR C 272 33.93 8.81 2.79
CA TYR C 272 34.78 8.85 1.60
C TYR C 272 34.08 8.36 0.33
N PRO C 273 33.40 7.19 0.32
CA PRO C 273 32.77 6.74 -0.93
C PRO C 273 31.64 7.65 -1.42
N PHE C 274 31.15 8.57 -0.58
CA PHE C 274 30.07 9.47 -0.94
C PHE C 274 30.57 10.85 -1.36
N GLN C 275 31.83 11.18 -1.10
CA GLN C 275 32.31 12.53 -1.38
C GLN C 275 32.32 12.89 -2.86
N PRO C 276 32.73 12.03 -3.80
CA PRO C 276 32.60 12.41 -5.21
C PRO C 276 31.18 12.72 -5.62
N THR C 277 30.19 12.06 -5.01
CA THR C 277 28.80 12.37 -5.32
C THR C 277 28.37 13.69 -4.69
N PHE C 278 28.82 13.96 -3.46
CA PHE C 278 28.44 15.20 -2.79
C PHE C 278 29.08 16.41 -3.45
N TYR C 279 30.32 16.27 -3.93
CA TYR C 279 30.95 17.36 -4.65
C TYR C 279 30.23 17.67 -5.95
N LYS C 280 29.58 16.66 -6.56
CA LYS C 280 28.74 16.92 -7.71
C LYS C 280 27.50 17.71 -7.34
N PHE C 281 26.97 17.50 -6.13
CA PHE C 281 25.84 18.31 -5.67
C PHE C 281 26.26 19.75 -5.43
N MET C 282 27.43 19.95 -4.81
CA MET C 282 27.87 21.31 -4.50
C MET C 282 28.10 22.13 -5.76
N ALA C 283 28.69 21.53 -6.78
CA ALA C 283 28.91 22.23 -8.03
C ALA C 283 27.59 22.58 -8.70
N TYR C 284 26.62 21.67 -8.68
CA TYR C 284 25.31 21.94 -9.27
C TYR C 284 24.54 22.97 -8.45
N TYR C 285 24.67 22.93 -7.13
CA TYR C 285 23.97 23.89 -6.28
C TYR C 285 24.53 25.29 -6.45
N TYR C 286 25.86 25.42 -6.38
CA TYR C 286 26.48 26.74 -6.49
C TYR C 286 26.33 27.32 -7.89
N ASN C 287 26.36 26.47 -8.92
CA ASN C 287 26.16 26.96 -10.29
C ASN C 287 24.73 27.41 -10.50
N SER C 288 23.77 26.70 -9.93
CA SER C 288 22.37 27.10 -10.05
C SER C 288 22.13 28.43 -9.34
N ALA C 289 22.80 28.65 -8.21
CA ALA C 289 22.65 29.92 -7.50
C ALA C 289 23.13 31.09 -8.34
N LEU C 290 24.16 30.87 -9.17
CA LEU C 290 24.61 31.94 -10.06
C LEU C 290 23.53 32.33 -11.06
N ASP C 291 22.79 31.34 -11.58
CA ASP C 291 21.71 31.64 -12.52
C ASP C 291 20.52 32.28 -11.80
N TRP C 292 20.25 31.87 -10.57
CA TRP C 292 19.20 32.51 -9.79
C TRP C 292 19.59 33.92 -9.35
N ASN C 293 20.88 34.25 -9.42
CA ASN C 293 21.43 35.47 -8.82
C ASN C 293 21.15 35.52 -7.33
N LYS C 294 21.24 34.36 -6.68
CA LYS C 294 21.18 34.24 -5.24
C LYS C 294 22.46 33.60 -4.72
N GLU C 295 22.70 33.74 -3.42
CA GLU C 295 23.87 33.17 -2.77
C GLU C 295 23.40 32.21 -1.69
N VAL C 296 23.96 31.00 -1.70
CA VAL C 296 23.43 29.89 -0.92
C VAL C 296 24.47 29.44 0.10
N VAL C 297 24.05 28.50 0.96
CA VAL C 297 24.88 27.97 2.03
C VAL C 297 24.64 26.47 2.13
N VAL C 298 25.72 25.71 2.27
CA VAL C 298 25.65 24.25 2.47
C VAL C 298 26.16 23.95 3.87
N ASN C 299 25.43 23.11 4.60
CA ASN C 299 25.77 22.74 5.97
C ASN C 299 26.16 21.27 6.02
N THR C 300 27.39 21.00 6.46
CA THR C 300 27.87 19.65 6.72
C THR C 300 28.54 19.63 8.08
N LYS C 301 28.61 18.43 8.67
CA LYS C 301 29.17 18.27 10.00
C LYS C 301 30.65 17.90 9.98
N PHE C 302 31.14 17.33 8.89
CA PHE C 302 32.56 17.03 8.74
C PHE C 302 32.82 16.67 7.28
N GLY C 303 34.12 16.57 6.95
CA GLY C 303 34.55 16.06 5.66
C GLY C 303 34.90 17.10 4.62
N TYR C 304 34.63 18.37 4.89
CA TYR C 304 34.86 19.42 3.91
C TYR C 304 35.46 20.64 4.59
N GLY C 305 36.10 21.50 3.79
CA GLY C 305 36.86 22.58 4.34
C GLY C 305 36.01 23.67 4.97
N ASP C 306 36.67 24.52 5.76
CA ASP C 306 36.00 25.64 6.41
C ASP C 306 35.50 26.67 5.41
N ASN C 307 36.06 26.70 4.20
CA ASN C 307 35.78 27.78 3.25
C ASN C 307 34.77 27.40 2.17
N ILE C 308 34.62 26.11 1.86
CA ILE C 308 33.70 25.71 0.80
C ILE C 308 32.28 25.49 1.30
N GLN C 309 32.06 25.48 2.60
CA GLN C 309 30.73 25.32 3.16
C GLN C 309 30.73 25.86 4.59
N VAL C 310 29.57 25.84 5.22
CA VAL C 310 29.41 26.32 6.59
C VAL C 310 29.33 25.11 7.50
N PHE C 311 30.34 24.93 8.35
CA PHE C 311 30.34 23.85 9.32
C PHE C 311 29.17 24.00 10.29
N ASP C 312 28.68 22.86 10.78
CA ASP C 312 27.64 22.86 11.80
C ASP C 312 27.96 21.81 12.84
N ILE C 313 27.78 22.18 14.12
CA ILE C 313 28.02 21.31 15.25
C ILE C 313 26.69 21.06 15.95
N GLU C 314 26.41 19.80 16.26
CA GLU C 314 25.12 19.40 16.81
C GLU C 314 25.16 19.44 18.34
N ARG C 315 24.26 20.23 18.93
CA ARG C 315 24.10 20.32 20.39
C ARG C 315 25.44 20.65 21.06
N GLY C 316 26.16 21.60 20.49
CA GLY C 316 27.45 22.00 21.03
C GLY C 316 27.99 23.25 20.38
N LYS C 317 28.74 24.05 21.13
CA LYS C 317 29.32 25.28 20.58
C LYS C 317 30.81 25.35 20.86
N SER C 318 31.43 26.47 20.55
CA SER C 318 32.88 26.63 20.64
C SER C 318 33.26 27.48 21.84
N ASP C 319 34.56 27.46 22.15
CA ASP C 319 35.11 28.19 23.28
C ASP C 319 35.80 29.49 22.88
N ARG C 320 36.38 29.54 21.69
CA ARG C 320 37.02 30.73 21.17
C ARG C 320 36.27 31.20 19.92
N ILE C 321 36.63 32.40 19.45
CA ILE C 321 36.09 32.89 18.19
C ILE C 321 36.66 32.06 17.05
N ARG C 322 35.79 31.55 16.19
CA ARG C 322 36.22 30.81 15.01
C ARG C 322 36.31 31.74 13.81
N GLU C 323 37.32 31.51 12.97
CA GLU C 323 37.55 32.39 11.84
C GLU C 323 36.38 32.35 10.86
N TYR C 324 35.98 31.16 10.44
CA TYR C 324 34.90 31.11 9.48
C TYR C 324 33.56 30.95 10.18
N PRO C 325 32.50 31.52 9.60
CA PRO C 325 31.16 31.39 10.21
C PRO C 325 30.76 29.92 10.30
N TRP C 326 30.09 29.58 11.39
CA TRP C 326 29.67 28.21 11.65
C TRP C 326 28.22 28.23 12.13
N GLN C 327 27.66 27.04 12.32
CA GLN C 327 26.27 26.88 12.75
C GLN C 327 26.21 25.84 13.86
N THR C 328 25.17 25.95 14.68
CA THR C 328 24.91 24.94 15.69
C THR C 328 23.41 24.74 15.81
N ASP C 329 23.00 23.47 15.92
CA ASP C 329 21.59 23.10 16.01
C ASP C 329 21.29 22.58 17.41
N THR C 330 20.13 22.96 17.93
CA THR C 330 19.65 22.43 19.20
C THR C 330 18.13 22.52 19.22
N SER C 331 17.51 21.63 19.97
CA SER C 331 16.06 21.56 20.07
C SER C 331 15.59 22.19 21.38
N VAL C 332 14.43 22.84 21.32
CA VAL C 332 13.85 23.41 22.53
C VAL C 332 13.43 22.29 23.48
N GLY C 333 13.12 21.11 22.96
CA GLY C 333 12.80 19.96 23.79
C GLY C 333 14.08 19.22 24.15
N LYS C 334 14.27 18.98 25.45
CA LYS C 334 15.48 18.30 25.90
C LYS C 334 15.51 16.84 25.48
N LYS C 335 14.34 16.21 25.34
CA LYS C 335 14.29 14.78 25.09
C LYS C 335 14.47 14.46 23.60
N SER C 336 13.68 15.09 22.73
CA SER C 336 13.62 14.70 21.34
C SER C 336 13.62 15.92 20.44
N TRP C 337 13.91 15.68 19.16
CA TRP C 337 13.80 16.73 18.15
C TRP C 337 12.37 16.85 17.64
N SER C 338 11.80 15.74 17.19
CA SER C 338 10.38 15.71 16.84
C SER C 338 9.53 15.65 18.10
N TYR C 339 8.22 15.81 17.92
CA TYR C 339 7.31 15.82 19.05
C TYR C 339 7.28 14.46 19.74
N CYS C 340 7.11 14.49 21.05
CA CYS C 340 7.01 13.26 21.84
C CYS C 340 6.14 13.53 23.05
N VAL C 341 5.54 12.46 23.57
CA VAL C 341 4.70 12.56 24.76
C VAL C 341 5.55 12.90 25.97
N GLY C 342 5.07 13.83 26.79
CA GLY C 342 5.78 14.22 27.99
C GLY C 342 7.13 14.84 27.70
N GLU C 343 7.17 15.86 26.86
CA GLU C 343 8.41 16.54 26.51
C GLU C 343 8.66 17.69 27.48
N GLU C 344 9.88 17.75 28.02
CA GLU C 344 10.29 18.84 28.88
C GLU C 344 11.05 19.85 28.03
N ASN C 345 10.48 21.03 27.85
CA ASN C 345 11.07 22.04 27.00
C ASN C 345 12.03 22.92 27.79
N LYS C 346 13.03 23.46 27.10
CA LYS C 346 14.01 24.32 27.73
C LYS C 346 13.39 25.68 28.05
N SER C 347 14.07 26.42 28.92
CA SER C 347 13.60 27.74 29.28
C SER C 347 14.12 28.79 28.30
N PRO C 348 13.39 29.88 28.12
CA PRO C 348 13.91 30.96 27.25
C PRO C 348 15.23 31.53 27.73
N ASP C 349 15.45 31.59 29.05
CA ASP C 349 16.72 32.08 29.56
C ASP C 349 17.87 31.16 29.21
N HIS C 350 17.62 29.85 29.15
CA HIS C 350 18.68 28.90 28.81
C HIS C 350 19.07 29.01 27.34
N ILE C 351 18.09 29.29 26.47
CA ILE C 351 18.37 29.36 25.04
C ILE C 351 19.01 30.70 24.68
N ILE C 352 18.49 31.80 25.25
CA ILE C 352 18.99 33.11 24.88
C ILE C 352 20.42 33.32 25.37
N ASP C 353 20.72 32.83 26.58
CA ASP C 353 22.09 32.93 27.10
C ASP C 353 23.06 32.16 26.21
N ASP C 354 22.66 30.98 25.75
CA ASP C 354 23.50 30.22 24.82
C ASP C 354 23.54 30.89 23.45
N PHE C 355 22.41 31.48 23.02
CA PHE C 355 22.36 32.13 21.71
C PHE C 355 23.33 33.29 21.62
N VAL C 356 23.46 34.07 22.70
CA VAL C 356 24.39 35.20 22.69
C VAL C 356 25.83 34.70 22.59
N ASP C 357 26.14 33.59 23.27
CA ASP C 357 27.49 33.05 23.22
C ASP C 357 27.84 32.56 21.82
N ILE C 358 26.87 31.96 21.12
CA ILE C 358 27.13 31.46 19.77
C ILE C 358 27.38 32.63 18.82
N VAL C 359 26.59 33.70 18.93
CA VAL C 359 26.75 34.83 18.02
C VAL C 359 28.09 35.52 18.23
N SER C 360 28.51 35.67 19.49
CA SER C 360 29.77 36.35 19.79
C SER C 360 30.98 35.59 19.25
N LYS C 361 30.84 34.28 19.01
CA LYS C 361 31.92 33.46 18.48
C LYS C 361 31.75 33.17 17.00
N ASN C 362 31.09 34.08 16.27
CA ASN C 362 30.92 33.98 14.81
C ASN C 362 30.08 32.76 14.43
N GLY C 363 29.07 32.45 15.24
CA GLY C 363 28.22 31.31 14.98
C GLY C 363 26.77 31.66 14.74
N ASN C 364 26.03 30.74 14.15
CA ASN C 364 24.59 30.88 13.95
C ASN C 364 23.87 29.77 14.69
N LEU C 365 22.72 30.10 15.28
CA LEU C 365 21.91 29.13 16.01
C LEU C 365 20.75 28.68 15.14
N LEU C 366 20.56 27.37 15.04
CA LEU C 366 19.43 26.77 14.33
C LEU C 366 18.59 26.05 15.37
N LEU C 367 17.60 26.75 15.91
CA LEU C 367 16.75 26.21 16.96
C LEU C 367 15.67 25.31 16.37
N ASN C 368 15.43 24.17 17.02
CA ASN C 368 14.54 23.16 16.50
C ASN C 368 13.24 23.10 17.31
N ILE C 369 12.13 22.96 16.61
CA ILE C 369 10.83 22.72 17.22
C ILE C 369 10.26 21.43 16.63
N GLY C 370 9.46 20.74 17.44
CA GLY C 370 8.86 19.49 17.02
C GLY C 370 7.35 19.54 17.08
N PRO C 371 6.71 19.82 15.95
CA PRO C 371 5.24 19.90 15.93
C PRO C 371 4.62 18.53 16.05
N LYS C 372 3.39 18.51 16.54
CA LYS C 372 2.62 17.28 16.65
C LYS C 372 2.31 16.72 15.26
N ALA C 373 1.84 15.48 15.23
CA ALA C 373 1.60 14.80 13.96
C ALA C 373 0.55 15.53 13.11
N ASP C 374 -0.43 16.15 13.75
CA ASP C 374 -1.45 16.87 13.00
C ASP C 374 -0.95 18.20 12.45
N GLY C 375 0.26 18.62 12.80
CA GLY C 375 0.82 19.87 12.33
C GLY C 375 0.74 21.02 13.30
N THR C 376 0.32 20.78 14.54
CA THR C 376 0.16 21.83 15.53
C THR C 376 1.44 22.00 16.34
N ILE C 377 1.94 23.22 16.41
CA ILE C 377 3.07 23.53 17.28
C ILE C 377 2.57 23.71 18.70
N THR C 378 3.23 23.05 19.65
CA THR C 378 2.78 23.06 21.03
C THR C 378 2.81 24.48 21.61
N ASP C 379 1.99 24.68 22.65
CA ASP C 379 1.91 25.99 23.28
C ASP C 379 3.22 26.36 23.95
N GLU C 380 3.90 25.39 24.56
CA GLU C 380 5.16 25.67 25.24
C GLU C 380 6.22 26.13 24.25
N GLN C 381 6.35 25.42 23.12
CA GLN C 381 7.36 25.79 22.13
C GLN C 381 6.98 27.09 21.41
N LYS C 382 5.68 27.40 21.33
CA LYS C 382 5.27 28.70 20.82
C LYS C 382 5.72 29.81 21.75
N ASN C 383 5.54 29.62 23.06
CA ASN C 383 5.92 30.64 24.02
C ASN C 383 7.43 30.80 24.10
N VAL C 384 8.17 29.71 23.95
CA VAL C 384 9.64 29.78 23.98
C VAL C 384 10.14 30.68 22.85
N LEU C 385 9.65 30.43 21.63
CA LEU C 385 10.06 31.26 20.50
C LEU C 385 9.57 32.69 20.66
N ALA C 386 8.37 32.87 21.21
CA ALA C 386 7.84 34.22 21.41
C ALA C 386 8.68 35.00 22.40
N GLU C 387 9.17 34.34 23.45
CA GLU C 387 10.04 35.02 24.41
C GLU C 387 11.37 35.43 23.77
N ILE C 388 11.88 34.62 22.85
CA ILE C 388 13.10 34.99 22.13
C ILE C 388 12.85 36.17 21.22
N GLY C 389 11.68 36.19 20.56
CA GLY C 389 11.35 37.30 19.68
C GLY C 389 11.21 38.61 20.43
N LYS C 390 10.55 38.57 21.60
CA LYS C 390 10.43 39.77 22.41
C LYS C 390 11.80 40.26 22.89
N TRP C 391 12.72 39.33 23.18
CA TRP C 391 14.07 39.73 23.54
C TRP C 391 14.83 40.27 22.34
N LEU C 392 14.59 39.70 21.16
CA LEU C 392 15.25 40.19 19.95
C LEU C 392 14.64 41.48 19.46
N LYS C 393 13.37 41.74 19.79
CA LYS C 393 12.75 43.01 19.41
C LYS C 393 13.43 44.18 20.11
N THR C 394 13.98 43.96 21.29
CA THR C 394 14.64 45.00 22.07
C THR C 394 16.16 45.01 21.88
N ASN C 395 16.79 43.83 21.88
CA ASN C 395 18.24 43.73 21.84
C ASN C 395 18.78 43.24 20.50
N GLY C 396 17.92 43.16 19.47
CA GLY C 396 18.36 42.63 18.19
C GLY C 396 19.42 43.46 17.50
N GLU C 397 19.61 44.71 17.91
CA GLU C 397 20.63 45.55 17.28
C GLU C 397 22.03 45.00 17.51
N ALA C 398 22.24 44.26 18.59
CA ALA C 398 23.52 43.66 18.90
C ALA C 398 23.69 42.28 18.29
N ILE C 399 22.68 41.77 17.58
CA ILE C 399 22.71 40.43 17.00
C ILE C 399 22.72 40.49 15.48
N TYR C 400 21.69 41.09 14.88
CA TYR C 400 21.57 41.11 13.43
C TYR C 400 22.71 41.91 12.81
N GLY C 401 23.33 41.35 11.78
CA GLY C 401 24.40 42.02 11.07
C GLY C 401 25.66 42.25 11.86
N SER C 402 25.82 41.61 13.00
CA SER C 402 26.98 41.84 13.86
C SER C 402 28.10 40.87 13.53
N ARG C 403 29.29 41.19 14.03
CA ARG C 403 30.50 40.39 13.88
C ARG C 403 31.18 40.30 15.24
N PRO C 404 32.02 39.30 15.45
CA PRO C 404 32.74 39.20 16.73
C PRO C 404 33.68 40.37 16.95
N TRP C 405 33.91 40.68 18.22
CA TRP C 405 34.83 41.73 18.63
C TRP C 405 36.24 41.14 18.71
N VAL C 406 37.14 41.77 19.46
CA VAL C 406 38.49 41.23 19.60
C VAL C 406 38.48 39.97 20.45
N ILE C 407 37.58 39.90 21.44
CA ILE C 407 37.43 38.74 22.29
C ILE C 407 35.95 38.50 22.51
N ALA C 408 35.57 37.22 22.62
CA ALA C 408 34.16 36.87 22.65
C ALA C 408 33.56 37.07 24.04
N SER C 409 34.25 36.62 25.09
CA SER C 409 33.66 36.55 26.41
C SER C 409 34.63 37.01 27.48
N GLU C 410 34.07 37.40 28.62
CA GLU C 410 34.83 37.66 29.83
C GLU C 410 33.95 37.32 31.03
N GLY C 411 34.59 36.92 32.13
CA GLY C 411 33.91 36.54 33.35
C GLY C 411 34.37 35.18 33.82
N HIS C 412 33.61 34.61 34.74
CA HIS C 412 33.94 33.30 35.31
C HIS C 412 33.25 32.18 34.55
N GLU C 427 25.54 28.39 35.55
CA GLU C 427 24.79 29.43 36.22
C GLU C 427 25.52 30.77 36.12
N TYR C 428 25.09 31.62 35.19
CA TYR C 428 25.76 32.88 34.92
C TYR C 428 25.38 33.93 35.96
N THR C 429 26.28 34.91 36.11
CA THR C 429 26.03 36.13 36.86
C THR C 429 26.12 37.31 35.89
N ALA C 430 25.96 38.52 36.44
CA ALA C 430 25.93 39.70 35.59
C ALA C 430 27.28 40.00 34.97
N ASP C 431 28.37 39.56 35.61
CA ASP C 431 29.70 39.85 35.10
C ASP C 431 30.17 38.88 34.02
N ASP C 432 29.35 37.90 33.66
CA ASP C 432 29.63 37.05 32.51
C ASP C 432 29.12 37.78 31.27
N ILE C 433 30.05 38.31 30.47
CA ILE C 433 29.73 39.23 29.38
C ILE C 433 30.15 38.62 28.06
N ARG C 434 29.32 38.81 27.04
CA ARG C 434 29.65 38.48 25.66
C ARG C 434 29.69 39.77 24.84
N PHE C 435 30.54 39.78 23.82
CA PHE C 435 30.78 40.97 23.01
C PHE C 435 30.42 40.73 21.55
N THR C 436 29.73 41.69 20.96
CA THR C 436 29.52 41.75 19.52
C THR C 436 29.80 43.17 19.04
N THR C 437 30.07 43.31 17.75
CA THR C 437 30.33 44.62 17.15
C THR C 437 29.57 44.74 15.84
N CYS C 438 29.21 45.98 15.50
CA CYS C 438 28.49 46.27 14.26
C CYS C 438 28.54 47.77 14.03
N ASP C 439 29.01 48.17 12.84
CA ASP C 439 29.17 49.57 12.47
C ASP C 439 30.01 50.32 13.51
N ASN C 440 31.12 49.68 13.90
CA ASN C 440 32.10 50.24 14.84
C ASN C 440 31.55 50.35 16.26
N ASN C 441 30.26 50.07 16.44
CA ASN C 441 29.70 50.08 17.79
C ASN C 441 30.13 48.84 18.56
N LEU C 442 30.22 48.98 19.88
CA LEU C 442 30.61 47.88 20.76
C LEU C 442 29.41 47.49 21.62
N TYR C 443 29.04 46.23 21.56
CA TYR C 443 27.90 45.70 22.31
C TYR C 443 28.41 44.68 23.33
N ALA C 444 28.24 45.00 24.61
CA ALA C 444 28.59 44.11 25.71
C ALA C 444 27.30 43.57 26.31
N VAL C 445 27.12 42.25 26.25
CA VAL C 445 25.88 41.61 26.66
C VAL C 445 26.13 40.90 27.98
N SER C 446 25.46 41.39 29.04
CA SER C 446 25.51 40.72 30.33
C SER C 446 24.47 39.60 30.36
N LEU C 447 24.90 38.40 30.74
CA LEU C 447 24.05 37.23 30.73
C LEU C 447 23.19 37.09 31.98
N ALA C 448 23.18 38.11 32.85
CA ALA C 448 22.32 38.11 34.03
C ALA C 448 22.22 39.54 34.53
N TRP C 449 21.33 39.74 35.49
CA TRP C 449 21.01 41.06 36.02
C TRP C 449 21.68 41.30 37.36
N THR C 450 21.99 42.56 37.64
CA THR C 450 22.52 42.97 38.92
C THR C 450 21.97 44.35 39.27
N ASP C 451 21.80 44.60 40.56
CA ASP C 451 21.39 45.92 41.03
C ASP C 451 22.57 46.87 41.22
N GLY C 452 23.79 46.33 41.29
CA GLY C 452 24.97 47.15 41.40
C GLY C 452 25.57 47.52 40.06
N SER C 453 26.82 47.11 39.83
CA SER C 453 27.52 47.46 38.61
C SER C 453 28.39 46.29 38.18
N VAL C 454 28.85 46.35 36.92
CA VAL C 454 29.81 45.41 36.39
C VAL C 454 31.00 46.19 35.86
N THR C 455 32.12 45.49 35.69
CA THR C 455 33.33 46.07 35.13
C THR C 455 33.71 45.32 33.87
N ILE C 456 33.69 46.01 32.74
CA ILE C 456 34.11 45.41 31.47
C ILE C 456 35.64 45.40 31.44
N LYS C 457 36.23 44.32 31.96
CA LYS C 457 37.68 44.24 32.10
C LYS C 457 38.40 44.06 30.77
N SER C 458 37.69 43.69 29.70
CA SER C 458 38.30 43.64 28.38
C SER C 458 38.71 45.03 27.89
N LEU C 459 38.19 46.08 28.52
CA LEU C 459 38.55 47.45 28.20
C LEU C 459 39.55 48.04 29.19
N ALA C 460 40.30 47.19 29.88
CA ALA C 460 41.32 47.67 30.80
C ALA C 460 42.40 48.43 30.03
N THR C 461 43.08 49.34 30.73
CA THR C 461 44.02 50.24 30.08
C THR C 461 45.18 49.50 29.41
N LYS C 462 45.49 48.28 29.85
CA LYS C 462 46.58 47.55 29.21
C LYS C 462 46.18 47.06 27.82
N TYR C 463 44.91 46.72 27.62
CA TYR C 463 44.44 46.30 26.30
C TYR C 463 44.17 47.48 25.36
N CYS C 464 44.13 48.70 25.88
CA CYS C 464 43.65 49.85 25.14
C CYS C 464 44.79 50.82 24.82
N ARG C 465 44.57 51.59 23.76
CA ARG C 465 45.47 52.69 23.38
C ARG C 465 44.62 53.87 22.97
N ASN C 466 44.67 54.94 23.76
CA ASN C 466 43.93 56.18 23.49
C ASN C 466 42.45 55.89 23.25
N VAL C 467 41.87 55.12 24.16
CA VAL C 467 40.45 54.77 24.07
C VAL C 467 39.64 55.81 24.82
N GLU C 468 38.66 56.39 24.14
CA GLU C 468 37.75 57.37 24.72
C GLU C 468 36.33 56.88 24.55
N ILE C 469 35.60 56.77 25.65
CA ILE C 469 34.21 56.34 25.61
C ILE C 469 33.34 57.52 25.21
N GLU C 470 32.58 57.36 24.13
CA GLU C 470 31.72 58.41 23.63
C GLU C 470 30.29 58.34 24.16
N SER C 471 29.73 57.14 24.31
CA SER C 471 28.39 56.99 24.84
C SER C 471 28.18 55.56 25.30
N VAL C 472 27.39 55.40 26.36
CA VAL C 472 27.02 54.10 26.91
C VAL C 472 25.53 54.11 27.18
N GLU C 473 24.83 53.08 26.70
CA GLU C 473 23.39 52.98 26.89
C GLU C 473 23.00 51.50 26.88
N MET C 474 21.92 51.18 27.60
CA MET C 474 21.35 49.84 27.58
C MET C 474 20.14 49.83 26.65
N LEU C 475 20.12 48.88 25.73
CA LEU C 475 19.03 48.79 24.77
C LEU C 475 17.71 48.52 25.49
N GLY C 476 16.72 49.37 25.19
CA GLY C 476 15.42 49.26 25.82
C GLY C 476 15.25 50.09 27.08
N SER C 477 16.28 50.79 27.52
CA SER C 477 16.23 51.60 28.72
C SER C 477 16.47 53.06 28.38
N SER C 478 15.58 53.94 28.85
CA SER C 478 15.73 55.37 28.65
C SER C 478 16.55 56.03 29.75
N GLU C 479 16.99 55.27 30.76
CA GLU C 479 17.81 55.83 31.83
C GLU C 479 19.21 56.14 31.32
N LYS C 480 19.75 57.29 31.76
CA LYS C 480 21.13 57.62 31.46
C LYS C 480 22.06 56.73 32.28
N ILE C 481 22.97 56.04 31.61
CA ILE C 481 23.85 55.09 32.25
C ILE C 481 25.08 55.83 32.78
N ASP C 482 25.35 55.67 34.07
CA ASP C 482 26.58 56.20 34.66
C ASP C 482 27.71 55.21 34.46
N TYR C 483 28.85 55.71 33.99
CA TYR C 483 30.00 54.85 33.74
C TYR C 483 31.28 55.61 34.07
N LYS C 484 32.33 54.85 34.38
CA LYS C 484 33.62 55.43 34.74
C LYS C 484 34.72 54.52 34.19
N MET C 485 35.63 55.11 33.42
CA MET C 485 36.76 54.37 32.86
C MET C 485 37.90 54.32 33.87
N THR C 486 38.25 53.12 34.31
CA THR C 486 39.33 52.90 35.26
C THR C 486 40.40 52.03 34.61
N ASP C 487 41.50 51.84 35.35
CA ASP C 487 42.60 51.02 34.83
C ASP C 487 42.22 49.54 34.80
N GLU C 488 41.33 49.10 35.70
CA GLU C 488 40.89 47.72 35.70
C GLU C 488 39.84 47.43 34.63
N GLY C 489 39.23 48.46 34.08
CA GLY C 489 38.21 48.28 33.06
C GLY C 489 37.18 49.39 33.13
N LEU C 490 36.18 49.26 32.26
CA LEU C 490 35.09 50.23 32.19
C LEU C 490 34.00 49.80 33.17
N VAL C 491 33.87 50.55 34.26
CA VAL C 491 32.82 50.28 35.24
C VAL C 491 31.51 50.86 34.70
N VAL C 492 30.60 49.98 34.30
CA VAL C 492 29.26 50.36 33.86
C VAL C 492 28.29 50.00 34.97
N ASN C 493 27.42 50.93 35.34
CA ASN C 493 26.44 50.68 36.39
C ASN C 493 25.06 50.47 35.79
N PHE C 494 24.40 49.41 36.23
CA PHE C 494 23.13 49.00 35.68
C PHE C 494 22.04 50.04 35.95
N PRO C 495 21.04 50.14 35.07
CA PRO C 495 19.85 50.92 35.40
C PRO C 495 19.01 50.23 36.45
N LYS C 496 17.94 50.87 36.92
CA LYS C 496 17.13 50.31 37.99
C LYS C 496 15.91 49.55 37.50
N ASN C 497 15.60 49.60 36.21
CA ASN C 497 14.48 48.88 35.63
C ASN C 497 14.96 48.02 34.48
N LYS C 498 14.53 46.77 34.45
CA LYS C 498 14.93 45.86 33.39
C LYS C 498 14.17 46.19 32.11
N PRO C 499 14.86 46.43 30.99
CA PRO C 499 14.16 46.53 29.70
C PRO C 499 13.53 45.21 29.31
N THR C 500 14.32 44.13 29.39
CA THR C 500 13.86 42.78 29.15
C THR C 500 14.45 41.87 30.22
N GLU C 501 14.18 40.57 30.10
CA GLU C 501 14.73 39.56 30.97
C GLU C 501 15.93 38.89 30.31
N TYR C 502 16.35 37.76 30.87
CA TYR C 502 17.33 36.86 30.25
C TYR C 502 18.69 37.51 30.08
N ALA C 503 18.83 38.40 29.11
CA ALA C 503 20.11 39.06 28.84
C ALA C 503 19.91 40.56 28.71
N HIS C 504 20.98 41.31 28.99
CA HIS C 504 20.93 42.76 29.02
C HIS C 504 22.15 43.31 28.30
N VAL C 505 21.92 44.21 27.35
CA VAL C 505 22.93 44.62 26.38
C VAL C 505 23.29 46.08 26.62
N PHE C 506 24.58 46.38 26.66
CA PHE C 506 25.09 47.75 26.69
C PHE C 506 25.64 48.11 25.32
N LYS C 507 25.18 49.23 24.78
CA LYS C 507 25.69 49.75 23.51
C LYS C 507 26.75 50.80 23.81
N ILE C 508 27.99 50.52 23.43
CA ILE C 508 29.12 51.37 23.75
C ILE C 508 29.68 51.94 22.44
N LYS C 509 29.71 53.27 22.35
CA LYS C 509 30.36 53.97 21.25
C LYS C 509 31.72 54.47 21.75
N LEU C 510 32.78 54.06 21.06
CA LEU C 510 34.13 54.35 21.52
C LEU C 510 35.04 54.56 20.33
N LYS C 511 36.18 55.20 20.59
CA LYS C 511 37.27 55.31 19.63
C LYS C 511 38.54 54.79 20.28
N GLY C 512 39.55 54.54 19.47
CA GLY C 512 40.81 54.01 19.92
C GLY C 512 41.04 52.59 19.41
N VAL C 513 42.17 52.03 19.83
CA VAL C 513 42.59 50.70 19.43
C VAL C 513 42.55 49.79 20.64
N VAL C 514 41.91 48.62 20.47
CA VAL C 514 41.77 47.64 21.54
C VAL C 514 42.33 46.31 21.05
N VAL C 515 43.17 45.69 21.86
CA VAL C 515 43.71 44.36 21.57
C VAL C 515 43.12 43.38 22.59
N SER C 516 43.01 42.13 22.16
CA SER C 516 42.54 41.06 23.03
C SER C 516 43.71 40.37 23.71
N LYS C 517 43.42 39.63 24.78
CA LYS C 517 44.45 38.86 25.44
C LYS C 517 44.88 37.71 24.53
N PRO C 518 46.15 37.33 24.56
CA PRO C 518 46.66 36.38 23.57
C PRO C 518 46.20 34.95 23.83
N LEU C 519 46.01 34.22 22.73
CA LEU C 519 45.76 32.79 22.77
C LEU C 519 47.03 32.07 22.32
N TYR C 520 47.30 30.92 22.92
CA TYR C 520 48.54 30.18 22.67
C TYR C 520 48.23 28.78 22.18
N ASP C 521 48.90 28.39 21.10
CA ASP C 521 48.75 27.06 20.51
C ASP C 521 50.13 26.45 20.28
N LYS C 522 50.17 25.13 20.25
CA LYS C 522 51.43 24.39 20.19
C LYS C 522 51.83 24.11 18.75
N VAL C 523 53.12 24.30 18.47
CA VAL C 523 53.74 23.87 17.22
C VAL C 523 55.06 23.21 17.56
N ASP C 524 55.72 22.67 16.54
CA ASP C 524 56.97 21.95 16.73
C ASP C 524 58.07 22.86 17.26
N ASN C 525 58.47 22.64 18.51
CA ASN C 525 59.54 23.41 19.16
C ASN C 525 59.22 24.90 19.20
N GLY C 526 57.95 25.22 19.40
CA GLY C 526 57.55 26.61 19.47
C GLY C 526 56.12 26.74 19.93
N CYS C 527 55.58 27.94 19.75
CA CYS C 527 54.19 28.20 20.10
C CYS C 527 53.61 29.24 19.15
N LEU C 528 52.29 29.20 18.99
CA LEU C 528 51.56 30.13 18.13
C LEU C 528 50.82 31.12 19.00
N ILE C 529 50.93 32.40 18.67
CA ILE C 529 50.26 33.48 19.40
C ILE C 529 49.23 34.11 18.47
N THR C 530 48.00 34.22 18.96
CA THR C 530 46.90 34.77 18.17
C THR C 530 46.20 35.84 18.99
N VAL C 531 46.05 37.03 18.39
CA VAL C 531 45.31 38.14 18.99
C VAL C 531 44.41 38.74 17.92
N ARG C 532 43.55 39.65 18.36
CA ARG C 532 42.69 40.42 17.47
C ARG C 532 42.75 41.88 17.86
N VAL C 533 42.78 42.75 16.85
CA VAL C 533 42.90 44.19 17.05
C VAL C 533 41.73 44.88 16.38
N ALA C 534 41.06 45.76 17.11
CA ALA C 534 39.95 46.55 16.59
C ALA C 534 40.31 48.02 16.66
N ASN C 535 40.38 48.67 15.49
CA ASN C 535 40.63 50.10 15.41
C ASN C 535 39.28 50.79 15.33
N HIS C 536 38.82 51.34 16.46
CA HIS C 536 37.56 52.06 16.51
C HIS C 536 37.70 53.53 16.13
N ASN C 537 38.90 53.96 15.73
CA ASN C 537 39.10 55.34 15.32
C ASN C 537 38.58 55.57 13.91
N ALA C 538 38.32 56.84 13.60
CA ALA C 538 37.98 57.23 12.24
C ALA C 538 39.21 57.39 11.36
N GLU C 539 40.41 57.31 11.94
CA GLU C 539 41.67 57.40 11.21
C GLU C 539 42.42 56.09 11.35
N ASP C 540 43.29 55.83 10.37
CA ASP C 540 44.09 54.62 10.40
C ASP C 540 45.08 54.65 11.56
N ALA C 541 45.52 53.46 11.97
CA ALA C 541 46.41 53.32 13.11
C ALA C 541 47.46 52.26 12.83
N ASN C 542 48.66 52.49 13.37
CA ASN C 542 49.75 51.52 13.31
C ASN C 542 49.93 50.92 14.70
N VAL C 543 50.00 49.60 14.76
CA VAL C 543 50.01 48.86 16.02
C VAL C 543 51.25 47.98 16.07
N THR C 544 51.95 48.01 17.21
CA THR C 544 53.11 47.17 17.45
C THR C 544 52.76 46.11 18.48
N LEU C 545 53.00 44.85 18.12
CA LEU C 545 52.73 43.72 19.00
C LEU C 545 53.99 42.89 19.18
N LYS C 546 54.32 42.56 20.42
CA LYS C 546 55.52 41.80 20.75
C LYS C 546 55.18 40.66 21.69
N SER C 547 55.74 39.49 21.41
CA SER C 547 55.55 38.29 22.21
C SER C 547 56.91 37.77 22.66
N VAL C 548 57.11 37.69 23.97
CA VAL C 548 58.36 37.22 24.56
C VAL C 548 58.05 35.91 25.29
N VAL C 549 58.55 34.81 24.72
CA VAL C 549 58.35 33.47 25.29
C VAL C 549 59.70 32.80 25.41
N ASP C 550 60.07 32.41 26.64
CA ASP C 550 61.33 31.72 26.91
C ASP C 550 62.53 32.54 26.43
N GLY C 551 62.45 33.86 26.58
CA GLY C 551 63.49 34.76 26.11
C GLY C 551 63.44 35.06 24.62
N ASN C 552 62.75 34.25 23.83
CA ASN C 552 62.62 34.50 22.41
C ASN C 552 61.72 35.70 22.17
N GLU C 553 62.22 36.68 21.42
CA GLU C 553 61.52 37.94 21.19
C GLU C 553 61.04 38.00 19.74
N VAL C 554 59.73 38.17 19.56
CA VAL C 554 59.13 38.26 18.24
C VAL C 554 58.17 39.45 18.23
N SER C 555 58.28 40.28 17.20
CA SER C 555 57.43 41.46 17.06
C SER C 555 56.80 41.49 15.68
N THR C 556 55.76 42.31 15.55
CA THR C 556 55.13 42.54 14.25
C THR C 556 54.46 43.91 14.28
N GLN C 557 54.49 44.59 13.14
CA GLN C 557 53.81 45.87 12.96
C GLN C 557 52.67 45.67 11.98
N VAL C 558 51.46 46.07 12.39
CA VAL C 558 50.26 45.86 11.59
C VAL C 558 49.58 47.20 11.37
N ALA C 559 49.06 47.39 10.16
CA ALA C 559 48.31 48.59 9.81
C ALA C 559 46.83 48.25 9.82
N VAL C 560 46.11 48.79 10.81
CA VAL C 560 44.69 48.52 10.98
C VAL C 560 43.90 49.67 10.37
N LYS C 561 43.04 49.36 9.41
CA LYS C 561 42.24 50.37 8.76
C LYS C 561 41.23 50.98 9.73
N ALA C 562 40.72 52.14 9.37
CA ALA C 562 39.75 52.84 10.22
C ALA C 562 38.46 52.04 10.32
N LYS C 563 37.98 51.85 11.55
CA LYS C 563 36.73 51.16 11.84
C LYS C 563 36.73 49.75 11.24
N SER C 564 37.70 48.94 11.68
CA SER C 564 37.84 47.59 11.17
C SER C 564 38.60 46.75 12.19
N GLU C 565 38.57 45.44 11.98
CA GLU C 565 39.32 44.48 12.79
C GLU C 565 40.12 43.56 11.87
N GLN C 566 40.95 42.73 12.49
CA GLN C 566 41.71 41.70 11.79
C GLN C 566 42.40 40.81 12.80
N TRP C 567 42.59 39.55 12.43
CA TRP C 567 43.40 38.65 13.23
C TRP C 567 44.88 39.00 13.06
N VAL C 568 45.65 38.72 14.11
CA VAL C 568 47.10 38.86 14.07
C VAL C 568 47.71 37.58 14.63
N LYS C 569 48.53 36.91 13.82
CA LYS C 569 49.18 35.67 14.21
C LYS C 569 50.68 35.89 14.34
N MET C 570 51.25 35.39 15.43
CA MET C 570 52.68 35.48 15.69
C MET C 570 53.22 34.10 16.00
N GLN C 571 54.54 33.93 15.85
CA GLN C 571 55.17 32.63 15.99
C GLN C 571 56.46 32.79 16.78
N ASN C 572 56.56 32.06 17.90
CA ASN C 572 57.76 32.05 18.73
C ASN C 572 58.53 30.75 18.52
N LYS C 573 59.85 30.86 18.59
CA LYS C 573 60.74 29.73 18.36
C LYS C 573 61.56 29.43 19.61
N ASP C 574 62.24 28.29 19.59
CA ASP C 574 63.11 27.85 20.68
C ASP C 574 62.33 27.73 22.00
N VAL C 575 61.19 27.06 21.93
CA VAL C 575 60.34 26.79 23.09
C VAL C 575 60.52 25.32 23.45
N LYS C 576 61.25 25.06 24.53
CA LYS C 576 61.56 23.68 24.89
C LYS C 576 60.34 22.95 25.44
N SER C 577 59.55 23.61 26.28
CA SER C 577 58.39 22.99 26.92
C SER C 577 57.19 23.91 26.78
N PHE C 578 56.15 23.44 26.07
CA PHE C 578 54.95 24.24 25.89
C PHE C 578 54.16 24.32 27.19
N ASP C 579 54.15 23.26 27.98
CA ASP C 579 53.36 23.24 29.21
C ASP C 579 53.96 24.10 30.31
N ASP C 580 55.27 24.38 30.25
CA ASP C 580 55.96 25.17 31.26
C ASP C 580 56.50 26.47 30.69
N MET C 581 55.78 27.05 29.72
CA MET C 581 56.23 28.28 29.08
C MET C 581 56.19 29.45 30.06
N SER C 582 57.02 30.46 29.76
CA SER C 582 56.98 31.75 30.43
C SER C 582 56.66 32.79 29.36
N CYS C 583 55.42 33.26 29.34
CA CYS C 583 54.92 34.10 28.25
C CYS C 583 54.72 35.53 28.72
N LYS C 584 55.11 36.48 27.88
CA LYS C 584 54.84 37.89 28.08
C LYS C 584 54.42 38.49 26.74
N PHE C 585 53.34 39.28 26.77
CA PHE C 585 52.82 39.91 25.56
C PHE C 585 52.71 41.42 25.79
N TYR C 586 53.24 42.19 24.85
CA TYR C 586 53.25 43.65 24.95
C TYR C 586 52.46 44.24 23.80
N PHE C 587 51.63 45.24 24.13
CA PHE C 587 50.85 45.99 23.15
C PHE C 587 51.38 47.41 23.16
N ASN C 588 52.23 47.73 22.18
CA ASN C 588 52.94 49.01 22.11
C ASN C 588 53.75 49.25 23.38
N ASP C 589 54.54 48.24 23.76
CA ASP C 589 55.46 48.31 24.89
C ASP C 589 54.72 48.52 26.22
N ASN C 590 53.59 47.85 26.37
CA ASN C 590 52.86 47.79 27.63
C ASN C 590 52.36 46.37 27.83
N LEU C 591 52.72 45.77 28.96
CA LEU C 591 52.41 44.36 29.20
C LEU C 591 50.91 44.15 29.32
N THR C 592 50.36 43.30 28.45
CA THR C 592 48.95 42.95 28.50
C THR C 592 48.69 41.61 29.18
N TYR C 593 49.64 40.68 29.12
CA TYR C 593 49.45 39.36 29.69
C TYR C 593 50.78 38.77 30.11
N GLU C 594 50.76 38.03 31.21
CA GLU C 594 51.92 37.28 31.67
C GLU C 594 51.42 36.16 32.58
N ASN C 595 52.04 34.99 32.47
CA ASN C 595 51.63 33.84 33.27
C ASN C 595 52.60 33.58 34.42
N GLY D 39 -25.25 26.97 1.10
CA GLY D 39 -24.01 26.24 1.22
C GLY D 39 -22.93 27.00 1.97
N THR D 40 -23.21 27.35 3.22
CA THR D 40 -22.25 28.07 4.05
C THR D 40 -21.23 27.09 4.63
N ASP D 41 -19.95 27.39 4.41
CA ASP D 41 -18.86 26.48 4.77
C ASP D 41 -17.91 27.04 5.81
N VAL D 42 -18.28 28.12 6.51
CA VAL D 42 -17.34 28.79 7.39
C VAL D 42 -16.81 27.83 8.46
N PHE D 43 -17.69 27.01 9.03
CA PHE D 43 -17.33 26.07 10.08
C PHE D 43 -17.19 24.67 9.51
N LYS D 44 -16.07 24.03 9.82
CA LYS D 44 -15.84 22.62 9.49
C LYS D 44 -16.03 21.76 10.74
N ALA D 45 -16.08 20.45 10.52
CA ALA D 45 -16.38 19.51 11.60
C ALA D 45 -15.12 19.09 12.36
N ASP D 46 -14.33 20.07 12.79
CA ASP D 46 -13.16 19.80 13.61
C ASP D 46 -12.95 20.95 14.58
N SER D 47 -12.16 20.69 15.62
CA SER D 47 -12.02 21.66 16.70
C SER D 47 -11.26 22.90 16.26
N ALA D 48 -10.26 22.73 15.38
CA ALA D 48 -9.45 23.88 14.96
C ALA D 48 -10.27 24.86 14.13
N SER D 49 -11.15 24.36 13.26
CA SER D 49 -11.95 25.25 12.42
C SER D 49 -12.95 26.04 13.25
N ILE D 50 -13.52 25.41 14.28
CA ILE D 50 -14.49 26.10 15.12
C ILE D 50 -13.81 27.19 15.95
N ALA D 51 -12.65 26.86 16.54
CA ALA D 51 -11.95 27.82 17.38
C ALA D 51 -11.51 29.04 16.59
N GLN D 52 -11.28 28.89 15.29
CA GLN D 52 -10.81 29.99 14.46
C GLN D 52 -11.94 30.92 14.01
N ASN D 53 -13.20 30.51 14.17
CA ASN D 53 -14.32 31.31 13.68
C ASN D 53 -15.44 31.50 14.68
N TYR D 54 -15.52 30.72 15.76
CA TYR D 54 -16.60 30.85 16.71
C TYR D 54 -16.20 31.78 17.87
N THR D 55 -17.19 32.49 18.38
CA THR D 55 -17.03 33.37 19.53
C THR D 55 -18.28 33.23 20.39
N ILE D 56 -18.09 33.09 21.70
CA ILE D 56 -19.20 33.02 22.64
C ILE D 56 -20.01 34.31 22.52
N PRO D 57 -21.30 34.23 22.21
CA PRO D 57 -22.07 35.45 21.94
C PRO D 57 -22.24 36.30 23.20
N GLU D 58 -22.57 37.58 22.96
CA GLU D 58 -22.72 38.52 24.06
C GLU D 58 -24.03 38.33 24.82
N TRP D 59 -25.07 37.83 24.17
CA TRP D 59 -26.35 37.66 24.85
C TRP D 59 -26.26 36.63 25.97
N PHE D 60 -25.44 35.59 25.80
CA PHE D 60 -25.29 34.60 26.85
C PHE D 60 -24.54 35.18 28.04
N LYS D 61 -23.51 35.98 27.78
CA LYS D 61 -22.78 36.63 28.88
C LYS D 61 -23.69 37.56 29.66
N ASP D 62 -24.60 38.24 28.97
CA ASP D 62 -25.47 39.23 29.61
C ASP D 62 -26.75 38.64 30.17
N ALA D 63 -27.13 37.43 29.78
CA ALA D 63 -28.40 36.86 30.21
C ALA D 63 -28.33 36.38 31.66
N LYS D 64 -27.27 35.63 32.00
CA LYS D 64 -26.99 35.14 33.35
C LYS D 64 -27.99 34.08 33.82
N PHE D 65 -29.29 34.30 33.62
CA PHE D 65 -30.32 33.47 34.21
C PHE D 65 -31.13 32.75 33.14
N GLY D 66 -31.36 31.45 33.35
CA GLY D 66 -32.20 30.67 32.47
C GLY D 66 -33.02 29.68 33.27
N ILE D 67 -34.09 29.19 32.64
CA ILE D 67 -35.04 28.28 33.29
C ILE D 67 -35.00 26.94 32.57
N PHE D 68 -34.56 25.91 33.29
CA PHE D 68 -34.61 24.53 32.82
C PHE D 68 -35.97 23.92 33.17
N ILE D 69 -36.51 23.10 32.28
CA ILE D 69 -37.81 22.47 32.48
C ILE D 69 -37.70 21.00 32.10
N HIS D 70 -37.75 20.12 33.11
CA HIS D 70 -37.76 18.68 32.90
C HIS D 70 -39.20 18.20 32.89
N TRP D 71 -39.66 17.72 31.73
CA TRP D 71 -41.06 17.34 31.57
C TRP D 71 -41.17 16.34 30.44
N GLY D 72 -41.75 15.18 30.71
CA GLY D 72 -41.89 14.17 29.70
C GLY D 72 -42.70 12.99 30.18
N VAL D 73 -42.45 11.83 29.56
CA VAL D 73 -43.18 10.62 29.92
C VAL D 73 -42.88 10.22 31.36
N TYR D 74 -41.65 10.45 31.82
CA TYR D 74 -41.26 10.12 33.19
C TYR D 74 -42.07 10.89 34.23
N SER D 75 -42.79 11.93 33.84
CA SER D 75 -43.61 12.68 34.79
C SER D 75 -44.89 11.96 35.17
N VAL D 76 -45.30 10.96 34.40
CA VAL D 76 -46.52 10.23 34.69
C VAL D 76 -46.33 9.36 35.94
N PRO D 77 -45.29 8.53 36.04
CA PRO D 77 -45.12 7.77 37.29
C PRO D 77 -44.74 8.65 38.46
N ALA D 78 -44.01 9.75 38.22
CA ALA D 78 -43.61 10.69 39.27
C ALA D 78 -42.88 9.99 40.40
N TYR D 79 -41.88 9.21 40.04
CA TYR D 79 -41.10 8.43 41.01
C TYR D 79 -39.87 9.17 41.52
N GLY D 80 -39.49 10.27 40.88
CA GLY D 80 -38.35 11.05 41.32
C GLY D 80 -37.06 10.83 40.57
N SER D 81 -37.11 10.22 39.38
CA SER D 81 -35.90 9.98 38.61
C SER D 81 -36.28 9.79 37.15
N GLU D 82 -35.60 10.53 36.27
CA GLU D 82 -35.78 10.34 34.84
C GLU D 82 -35.17 9.04 34.34
N TRP D 83 -34.41 8.34 35.18
CA TRP D 83 -33.88 7.02 34.88
C TRP D 83 -34.89 5.91 35.16
N TYR D 84 -36.17 6.26 35.32
CA TYR D 84 -37.21 5.26 35.54
C TYR D 84 -37.28 4.28 34.39
N SER D 85 -37.10 4.77 33.15
CA SER D 85 -37.19 3.90 31.99
C SER D 85 -36.08 2.87 31.94
N ARG D 86 -34.90 3.19 32.50
CA ARG D 86 -33.78 2.27 32.47
C ARG D 86 -33.90 1.20 33.54
N TRP D 87 -34.16 1.61 34.79
CA TRP D 87 -34.14 0.67 35.90
C TRP D 87 -35.40 -0.18 35.97
N MET D 88 -36.51 0.26 35.37
CA MET D 88 -37.72 -0.55 35.38
C MET D 88 -37.58 -1.84 34.58
N TYR D 89 -36.53 -1.96 33.77
CA TYR D 89 -36.29 -3.15 32.98
C TYR D 89 -35.16 -4.02 33.54
N LYS D 90 -34.48 -3.57 34.59
CA LYS D 90 -33.47 -4.38 35.27
C LYS D 90 -34.17 -5.18 36.35
N GLU D 91 -34.42 -6.46 36.07
CA GLU D 91 -35.19 -7.30 36.97
C GLU D 91 -34.54 -7.36 38.35
N GLY D 92 -35.35 -7.10 39.38
CA GLY D 92 -34.88 -7.08 40.75
C GLY D 92 -34.60 -5.69 41.29
N HIS D 93 -34.50 -4.69 40.42
CA HIS D 93 -34.26 -3.33 40.86
C HIS D 93 -35.48 -2.78 41.61
N PRO D 94 -35.27 -1.93 42.62
CA PRO D 94 -36.43 -1.32 43.31
C PRO D 94 -37.41 -0.65 42.37
N ILE D 95 -36.93 0.02 41.32
CA ILE D 95 -37.82 0.64 40.35
C ILE D 95 -38.57 -0.43 39.56
N ASN D 96 -37.88 -1.52 39.21
CA ASN D 96 -38.55 -2.61 38.51
C ASN D 96 -39.62 -3.26 39.38
N LYS D 97 -39.29 -3.54 40.65
CA LYS D 97 -40.25 -4.15 41.55
C LYS D 97 -41.43 -3.23 41.83
N TYR D 98 -41.20 -1.91 41.86
CA TYR D 98 -42.29 -0.97 42.04
C TYR D 98 -43.23 -0.97 40.84
N HIS D 99 -42.65 -1.03 39.62
CA HIS D 99 -43.47 -0.94 38.42
C HIS D 99 -44.34 -2.17 38.24
N VAL D 100 -43.81 -3.35 38.57
CA VAL D 100 -44.58 -4.59 38.40
C VAL D 100 -45.79 -4.58 39.32
N GLN D 101 -45.63 -4.09 40.55
CA GLN D 101 -46.71 -4.11 41.52
C GLN D 101 -47.70 -2.97 41.32
N THR D 102 -47.26 -1.86 40.72
CA THR D 102 -48.12 -0.69 40.58
C THR D 102 -48.87 -0.66 39.25
N TYR D 103 -48.21 -0.99 38.15
CA TYR D 103 -48.83 -0.93 36.83
C TYR D 103 -48.99 -2.28 36.15
N GLY D 104 -48.08 -3.22 36.40
CA GLY D 104 -48.19 -4.55 35.83
C GLY D 104 -46.87 -5.10 35.33
N PRO D 105 -46.90 -6.33 34.81
CA PRO D 105 -45.67 -6.92 34.28
C PRO D 105 -45.17 -6.17 33.07
N LEU D 106 -43.86 -6.28 32.81
CA LEU D 106 -43.24 -5.52 31.73
C LEU D 106 -43.76 -5.97 30.37
N THR D 107 -44.15 -7.23 30.24
CA THR D 107 -44.68 -7.70 28.95
C THR D 107 -46.09 -7.19 28.68
N LYS D 108 -46.77 -6.65 29.69
CA LYS D 108 -48.12 -6.09 29.53
C LYS D 108 -48.14 -4.57 29.61
N PHE D 109 -47.37 -3.98 30.52
CA PHE D 109 -47.30 -2.53 30.71
C PHE D 109 -45.84 -2.12 30.69
N GLY D 110 -45.35 -1.72 29.50
CA GLY D 110 -44.01 -1.19 29.35
C GLY D 110 -43.98 0.31 29.54
N TYR D 111 -42.79 0.88 29.30
CA TYR D 111 -42.64 2.33 29.40
C TYR D 111 -43.44 3.05 28.33
N LYS D 112 -43.64 2.41 27.17
CA LYS D 112 -44.42 3.03 26.11
C LYS D 112 -45.88 3.22 26.53
N ASP D 113 -46.38 2.39 27.44
CA ASP D 113 -47.76 2.47 27.86
C ASP D 113 -48.03 3.62 28.83
N PHE D 114 -46.98 4.31 29.29
CA PHE D 114 -47.18 5.56 30.01
C PHE D 114 -47.63 6.68 29.09
N ILE D 115 -47.34 6.58 27.79
CA ILE D 115 -47.61 7.68 26.86
C ILE D 115 -49.10 8.00 26.76
N PRO D 116 -50.00 7.02 26.63
CA PRO D 116 -51.44 7.38 26.61
C PRO D 116 -51.89 8.14 27.85
N MET D 117 -51.28 7.88 29.01
CA MET D 117 -51.62 8.62 30.22
C MET D 117 -50.98 10.00 30.27
N PHE D 118 -50.06 10.30 29.37
CA PHE D 118 -49.40 11.61 29.32
C PHE D 118 -50.22 12.59 28.48
N LYS D 119 -51.46 12.79 28.91
CA LYS D 119 -52.40 13.60 28.13
C LYS D 119 -52.05 15.08 28.16
N ALA D 120 -51.48 15.56 29.27
CA ALA D 120 -51.10 16.96 29.45
C ALA D 120 -52.29 17.88 29.18
N GLU D 121 -53.35 17.67 29.98
CA GLU D 121 -54.60 18.39 29.74
C GLU D 121 -54.51 19.85 30.20
N ASN D 122 -53.63 20.16 31.15
CA ASN D 122 -53.52 21.51 31.69
C ASN D 122 -52.25 22.21 31.23
N PHE D 123 -51.66 21.79 30.11
CA PHE D 123 -50.48 22.45 29.59
C PHE D 123 -50.86 23.71 28.83
N ASN D 124 -50.03 24.74 28.97
CA ASN D 124 -50.26 26.01 28.28
C ASN D 124 -48.91 26.70 28.08
N ALA D 125 -48.53 26.91 26.83
CA ALA D 125 -47.22 27.48 26.54
C ALA D 125 -47.11 28.92 27.04
N ASP D 126 -48.19 29.69 26.92
CA ASP D 126 -48.16 31.07 27.43
C ASP D 126 -48.07 31.08 28.95
N GLU D 127 -48.76 30.15 29.62
CA GLU D 127 -48.69 30.08 31.07
C GLU D 127 -47.31 29.70 31.55
N TRP D 128 -46.64 28.80 30.83
CA TRP D 128 -45.28 28.42 31.20
C TRP D 128 -44.33 29.61 31.07
N LEU D 129 -44.41 30.33 29.95
CA LEU D 129 -43.52 31.46 29.73
C LEU D 129 -43.82 32.61 30.70
N ALA D 130 -45.06 32.72 31.17
CA ALA D 130 -45.38 33.74 32.17
C ALA D 130 -44.65 33.46 33.48
N VAL D 131 -44.53 32.18 33.84
CA VAL D 131 -43.78 31.82 35.04
C VAL D 131 -42.29 32.02 34.81
N VAL D 132 -41.81 31.68 33.61
CA VAL D 132 -40.39 31.87 33.29
C VAL D 132 -40.05 33.36 33.30
N LYS D 133 -40.88 34.17 32.65
CA LYS D 133 -40.62 35.61 32.60
C LYS D 133 -40.72 36.25 33.97
N SER D 134 -41.57 35.73 34.85
CA SER D 134 -41.72 36.30 36.19
C SER D 134 -40.49 36.07 37.05
N SER D 135 -39.65 35.09 36.72
CA SER D 135 -38.46 34.81 37.49
C SER D 135 -37.30 35.72 37.16
N GLY D 136 -37.42 36.53 36.10
CA GLY D 136 -36.33 37.37 35.65
C GLY D 136 -35.36 36.70 34.71
N ALA D 137 -35.54 35.41 34.43
CA ALA D 137 -34.65 34.71 33.52
C ALA D 137 -34.77 35.27 32.11
N GLN D 138 -33.69 35.11 31.34
CA GLN D 138 -33.62 35.66 29.99
C GLN D 138 -33.72 34.60 28.89
N TYR D 139 -33.68 33.32 29.24
CA TYR D 139 -33.85 32.27 28.24
C TYR D 139 -34.46 31.05 28.90
N ILE D 140 -35.06 30.20 28.06
CA ILE D 140 -35.75 29.00 28.52
C ILE D 140 -35.17 27.80 27.79
N VAL D 141 -34.96 26.70 28.52
CA VAL D 141 -34.40 25.48 27.94
C VAL D 141 -35.32 24.31 28.27
N PRO D 142 -36.34 24.03 27.47
CA PRO D 142 -37.12 22.81 27.66
C PRO D 142 -36.36 21.58 27.19
N VAL D 143 -36.97 20.42 27.43
CA VAL D 143 -36.40 19.14 27.02
C VAL D 143 -37.04 18.76 25.70
N ALA D 144 -36.26 18.83 24.61
CA ALA D 144 -36.75 18.37 23.33
C ALA D 144 -36.90 16.86 23.30
N GLU D 145 -36.01 16.14 24.00
CA GLU D 145 -36.05 14.69 24.09
C GLU D 145 -35.08 14.23 25.18
N HIS D 146 -35.56 13.46 26.14
CA HIS D 146 -34.71 12.95 27.21
C HIS D 146 -34.10 11.61 26.76
N HIS D 147 -33.64 10.81 27.72
CA HIS D 147 -33.02 9.52 27.38
C HIS D 147 -34.05 8.51 26.87
N ASP D 148 -35.32 8.70 27.17
CA ASP D 148 -36.33 7.66 26.95
C ASP D 148 -36.75 7.52 25.50
N GLY D 149 -36.23 8.35 24.59
CA GLY D 149 -36.52 8.20 23.18
C GLY D 149 -37.85 8.77 22.73
N PHE D 150 -38.53 9.55 23.55
CA PHE D 150 -39.82 10.14 23.21
C PHE D 150 -39.60 11.60 22.83
N ALA D 151 -39.86 11.93 21.58
CA ALA D 151 -39.65 13.29 21.08
C ALA D 151 -40.77 14.21 21.56
N MET D 152 -40.39 15.36 22.10
CA MET D 152 -41.34 16.36 22.55
C MET D 152 -41.64 17.41 21.48
N TYR D 153 -41.48 17.06 20.20
CA TYR D 153 -41.58 18.03 19.13
C TYR D 153 -42.12 17.32 17.88
N SER D 154 -42.23 18.10 16.80
CA SER D 154 -42.63 17.55 15.50
C SER D 154 -41.44 16.85 14.87
N SER D 155 -41.46 15.53 14.88
CA SER D 155 -40.33 14.73 14.43
C SER D 155 -40.56 14.19 13.02
N THR D 156 -39.50 14.23 12.22
CA THR D 156 -39.55 13.69 10.86
C THR D 156 -39.48 12.17 10.85
N PHE D 157 -38.62 11.59 11.69
CA PHE D 157 -38.35 10.17 11.67
C PHE D 157 -38.87 9.42 12.89
N ASN D 158 -38.98 10.07 14.05
CA ASN D 158 -39.35 9.38 15.27
C ASN D 158 -40.87 9.21 15.35
N LYS D 159 -41.32 7.96 15.31
CA LYS D 159 -42.75 7.67 15.46
C LYS D 159 -43.26 8.05 16.84
N TRP D 160 -42.39 8.03 17.85
CA TRP D 160 -42.78 8.33 19.23
C TRP D 160 -42.50 9.80 19.51
N ASN D 161 -43.47 10.64 19.14
CA ASN D 161 -43.36 12.09 19.31
C ASN D 161 -44.60 12.61 20.00
N ALA D 162 -44.47 13.81 20.56
CA ALA D 162 -45.57 14.45 21.29
C ALA D 162 -46.67 14.98 20.38
N VAL D 163 -46.41 15.11 19.08
CA VAL D 163 -47.44 15.59 18.17
C VAL D 163 -48.47 14.50 17.91
N ASP D 164 -48.01 13.25 17.76
CA ASP D 164 -48.89 12.14 17.43
C ASP D 164 -49.48 11.46 18.66
N MET D 165 -48.75 11.43 19.76
CA MET D 165 -49.17 10.70 20.96
C MET D 165 -49.02 11.59 22.18
N GLY D 166 -49.59 11.13 23.30
CA GLY D 166 -49.48 11.82 24.56
C GLY D 166 -50.17 13.17 24.55
N PRO D 167 -49.39 14.24 24.66
CA PRO D 167 -49.98 15.59 24.66
C PRO D 167 -50.66 15.94 23.35
N LYS D 168 -50.30 15.28 22.25
CA LYS D 168 -50.92 15.51 20.94
C LYS D 168 -50.80 16.98 20.52
N ARG D 169 -49.58 17.51 20.63
CA ARG D 169 -49.27 18.87 20.25
C ARG D 169 -47.76 19.04 20.23
N ASP D 170 -47.29 20.00 19.43
CA ASP D 170 -45.87 20.29 19.31
C ASP D 170 -45.44 21.13 20.50
N ILE D 171 -44.97 20.46 21.56
CA ILE D 171 -44.60 21.16 22.79
C ILE D 171 -43.48 22.16 22.51
N ILE D 172 -42.47 21.76 21.73
CA ILE D 172 -41.36 22.66 21.44
C ILE D 172 -41.84 23.81 20.55
N GLY D 173 -42.69 23.51 19.57
CA GLY D 173 -43.19 24.57 18.70
C GLY D 173 -44.08 25.56 19.43
N GLU D 174 -44.91 25.08 20.36
CA GLU D 174 -45.74 25.98 21.14
C GLU D 174 -44.91 26.80 22.12
N LEU D 175 -43.92 26.18 22.75
CA LEU D 175 -43.04 26.92 23.65
C LEU D 175 -42.19 27.93 22.91
N LYS D 176 -41.82 27.62 21.65
CA LYS D 176 -41.07 28.59 20.85
C LYS D 176 -41.91 29.82 20.53
N GLU D 177 -43.17 29.62 20.13
CA GLU D 177 -44.03 30.74 19.82
C GLU D 177 -44.30 31.59 21.06
N ALA D 178 -44.57 30.94 22.20
CA ALA D 178 -44.84 31.69 23.43
C ALA D 178 -43.60 32.43 23.91
N THR D 179 -42.41 31.89 23.67
CA THR D 179 -41.19 32.57 24.07
C THR D 179 -40.98 33.85 23.26
N LYS D 180 -41.36 33.84 21.99
CA LYS D 180 -41.20 35.03 21.16
C LYS D 180 -42.14 36.15 21.62
N LYS D 181 -43.37 35.82 22.00
CA LYS D 181 -44.29 36.83 22.51
C LYS D 181 -43.85 37.34 23.88
N ALA D 182 -43.17 36.51 24.66
CA ALA D 182 -42.70 36.91 25.98
C ALA D 182 -41.40 37.71 25.92
N GLY D 183 -40.78 37.82 24.75
CA GLY D 183 -39.55 38.60 24.63
C GLY D 183 -38.32 37.91 25.16
N LEU D 184 -38.31 36.59 25.24
CA LEU D 184 -37.19 35.83 25.75
C LEU D 184 -36.49 35.08 24.61
N ARG D 185 -35.35 34.48 24.93
CA ARG D 185 -34.59 33.71 23.97
C ARG D 185 -34.85 32.22 24.16
N PHE D 186 -35.04 31.51 23.04
CA PHE D 186 -35.45 30.11 23.08
C PHE D 186 -34.24 29.19 23.01
N GLY D 187 -34.16 28.27 23.96
CA GLY D 187 -33.15 27.23 23.96
C GLY D 187 -33.80 25.85 24.02
N LEU D 188 -32.94 24.83 23.98
CA LEU D 188 -33.40 23.45 23.99
C LEU D 188 -32.33 22.55 24.58
N SER D 189 -32.76 21.38 25.06
CA SER D 189 -31.87 20.39 25.63
C SER D 189 -32.13 19.04 25.01
N SER D 190 -31.07 18.32 24.66
CA SER D 190 -31.16 17.03 24.01
C SER D 190 -30.45 15.97 24.86
N HIS D 191 -31.14 14.86 25.11
CA HIS D 191 -30.56 13.73 25.83
C HIS D 191 -30.62 12.44 25.01
N ARG D 192 -30.84 12.53 23.70
CA ARG D 192 -31.04 11.33 22.91
C ARG D 192 -29.78 10.48 22.78
N CYS D 193 -28.60 11.07 23.03
CA CYS D 193 -27.36 10.32 22.87
C CYS D 193 -27.32 9.10 23.79
N GLU D 194 -27.98 9.17 24.95
CA GLU D 194 -28.02 8.04 25.87
C GLU D 194 -29.10 7.03 25.53
N ASN D 195 -29.99 7.34 24.58
CA ASN D 195 -31.05 6.41 24.22
C ASN D 195 -30.54 5.14 23.55
N ALA D 196 -29.30 5.17 23.04
CA ALA D 196 -28.76 4.00 22.37
C ALA D 196 -28.55 2.84 23.34
N TRP D 197 -28.35 3.13 24.63
CA TRP D 197 -28.07 2.10 25.62
C TRP D 197 -28.96 2.16 26.85
N PHE D 198 -29.94 3.06 26.89
CA PHE D 198 -30.72 3.25 28.12
C PHE D 198 -31.57 2.03 28.43
N TYR D 199 -32.10 1.35 27.42
CA TYR D 199 -32.95 0.17 27.60
C TYR D 199 -32.18 -1.12 27.41
N GLU D 200 -30.96 -1.20 27.94
CA GLU D 200 -30.15 -2.41 27.74
C GLU D 200 -30.71 -3.60 28.52
N TYR D 201 -31.33 -3.35 29.68
CA TYR D 201 -31.74 -4.44 30.55
C TYR D 201 -33.04 -5.10 30.11
N GLY D 202 -33.81 -4.45 29.25
CA GLY D 202 -35.04 -5.04 28.75
C GLY D 202 -34.84 -6.24 27.85
N MET D 203 -33.62 -6.46 27.34
CA MET D 203 -33.33 -7.61 26.52
C MET D 203 -32.97 -8.85 27.33
N GLU D 204 -32.61 -8.69 28.60
CA GLU D 204 -32.21 -9.82 29.44
C GLU D 204 -33.37 -10.47 30.16
N THR D 205 -34.51 -9.80 30.26
CA THR D 205 -35.67 -10.29 30.99
C THR D 205 -36.93 -10.12 30.15
N PRO D 206 -37.94 -10.98 30.34
CA PRO D 206 -39.18 -10.85 29.57
C PRO D 206 -39.82 -9.47 29.67
N SER D 207 -39.86 -8.75 28.56
CA SER D 207 -40.41 -7.41 28.51
C SER D 207 -40.76 -7.08 27.06
N ASP D 208 -41.33 -5.90 26.85
CA ASP D 208 -41.64 -5.43 25.51
C ASP D 208 -40.41 -4.89 24.79
N VAL D 209 -39.29 -4.70 25.49
CA VAL D 209 -38.05 -4.26 24.86
C VAL D 209 -37.53 -5.36 23.92
N GLN D 210 -37.82 -6.62 24.22
CA GLN D 210 -37.37 -7.72 23.37
C GLN D 210 -37.92 -7.59 21.96
N ASP D 211 -39.07 -6.94 21.80
CA ASP D 211 -39.59 -6.59 20.48
C ASP D 211 -38.70 -5.51 19.89
N THR D 212 -37.76 -5.90 19.03
CA THR D 212 -36.82 -4.96 18.45
C THR D 212 -37.47 -4.05 17.40
N THR D 213 -38.74 -4.29 17.05
CA THR D 213 -39.43 -3.40 16.13
C THR D 213 -39.87 -2.10 16.78
N ILE D 214 -39.89 -2.05 18.11
CA ILE D 214 -40.27 -0.84 18.85
C ILE D 214 -39.05 0.08 18.89
N THR D 215 -39.09 1.15 18.10
CA THR D 215 -37.96 2.08 18.02
C THR D 215 -37.84 2.99 19.23
N LEU D 216 -38.84 3.04 20.10
CA LEU D 216 -38.79 3.92 21.26
C LEU D 216 -37.65 3.53 22.20
N TYR D 217 -37.28 2.25 22.23
CA TYR D 217 -36.33 1.74 23.19
C TYR D 217 -34.88 1.78 22.68
N GLY D 218 -34.63 2.44 21.56
CA GLY D 218 -33.26 2.68 21.13
C GLY D 218 -32.56 1.45 20.59
N GLU D 219 -31.23 1.55 20.55
CA GLU D 219 -30.38 0.48 20.03
C GLU D 219 -30.19 -0.67 21.01
N ARG D 220 -30.53 -0.47 22.29
CA ARG D 220 -30.41 -1.50 23.33
C ARG D 220 -28.97 -1.99 23.46
N LEU D 221 -28.01 -1.12 23.11
CA LEU D 221 -26.61 -1.43 23.37
C LEU D 221 -26.34 -1.34 24.86
N HIS D 222 -25.13 -1.69 25.24
CA HIS D 222 -24.75 -1.63 26.64
C HIS D 222 -24.12 -0.28 26.96
N GLU D 223 -24.15 0.08 28.24
CA GLU D 223 -23.67 1.40 28.67
C GLU D 223 -22.14 1.46 28.56
N PRO D 224 -21.60 2.58 28.07
CA PRO D 224 -20.14 2.72 28.01
C PRO D 224 -19.51 2.76 29.39
N GLU D 225 -18.31 2.19 29.49
CA GLU D 225 -17.60 2.11 30.76
C GLU D 225 -17.01 3.47 31.11
N GLY D 226 -16.22 3.52 32.19
CA GLY D 226 -15.63 4.76 32.64
C GLY D 226 -16.63 5.64 33.38
N GLN D 227 -16.58 5.59 34.71
CA GLN D 227 -17.50 6.37 35.53
C GLN D 227 -17.09 7.83 35.56
N GLY D 228 -18.09 8.71 35.53
CA GLY D 228 -17.85 10.14 35.63
C GLY D 228 -17.77 10.83 34.29
N MET D 229 -17.11 11.99 34.30
CA MET D 229 -17.00 12.84 33.12
C MET D 229 -15.69 12.54 32.38
N THR D 230 -15.65 11.36 31.76
CA THR D 230 -14.47 10.94 31.04
C THR D 230 -14.84 10.53 29.61
N PRO D 231 -14.02 10.88 28.63
CA PRO D 231 -14.30 10.48 27.25
C PRO D 231 -14.01 9.01 26.95
N TYR D 232 -13.29 8.33 27.84
CA TYR D 232 -12.97 6.92 27.63
C TYR D 232 -14.21 6.07 27.86
N CYS D 233 -14.39 5.06 27.00
CA CYS D 233 -15.61 4.27 26.99
C CYS D 233 -15.40 2.78 27.24
N GLY D 234 -14.21 2.25 26.97
CA GLY D 234 -13.97 0.84 27.22
C GLY D 234 -14.36 -0.04 26.05
N LYS D 235 -14.81 -1.25 26.37
CA LYS D 235 -15.28 -2.16 25.32
C LYS D 235 -16.55 -1.65 24.66
N TYR D 236 -17.44 -1.03 25.42
CA TYR D 236 -18.69 -0.49 24.88
C TYR D 236 -18.46 0.94 24.39
N GLU D 237 -18.79 1.19 23.13
CA GLU D 237 -18.69 2.55 22.60
C GLU D 237 -19.84 3.43 23.08
N GLY D 238 -21.00 2.84 23.36
CA GLY D 238 -22.17 3.58 23.73
C GLY D 238 -23.05 4.01 22.57
N SER D 239 -22.65 3.72 21.34
CA SER D 239 -23.41 4.09 20.16
C SER D 239 -22.89 3.27 18.99
N ASN D 240 -23.75 3.09 17.98
CA ASN D 240 -23.39 2.39 16.76
C ASN D 240 -23.58 3.33 15.57
N GLU D 241 -23.46 2.78 14.36
CA GLU D 241 -23.55 3.59 13.16
C GLU D 241 -24.94 4.21 13.00
N ARG D 242 -25.98 3.47 13.39
CA ARG D 242 -27.34 3.98 13.23
C ARG D 242 -27.68 5.03 14.28
N SER D 243 -27.20 4.85 15.51
CA SER D 243 -27.50 5.81 16.57
C SER D 243 -26.87 7.17 16.27
N ARG D 244 -25.63 7.17 15.76
CA ARG D 244 -24.98 8.43 15.41
C ARG D 244 -25.67 9.09 14.22
N ARG D 245 -26.11 8.28 13.25
CA ARG D 245 -26.83 8.82 12.11
C ARG D 245 -28.17 9.39 12.53
N GLN D 246 -28.87 8.73 13.46
CA GLN D 246 -30.14 9.24 13.96
C GLN D 246 -29.95 10.48 14.82
N PHE D 247 -28.83 10.56 15.55
CA PHE D 247 -28.57 11.74 16.37
C PHE D 247 -28.40 12.98 15.50
N LEU D 248 -27.75 12.83 14.33
CA LEU D 248 -27.55 13.98 13.46
C LEU D 248 -28.88 14.53 12.95
N MET D 249 -29.71 13.65 12.37
CA MET D 249 -31.01 14.11 11.88
C MET D 249 -31.95 14.50 13.02
N HIS D 250 -31.70 14.02 14.23
CA HIS D 250 -32.46 14.51 15.38
C HIS D 250 -32.07 15.94 15.72
N THR D 251 -30.77 16.23 15.73
CA THR D 251 -30.31 17.59 15.96
C THR D 251 -30.63 18.49 14.77
N TYR D 252 -30.57 17.94 13.56
CA TYR D 252 -30.77 18.75 12.36
C TYR D 252 -32.20 19.29 12.30
N GLU D 253 -33.19 18.42 12.53
CA GLU D 253 -34.58 18.86 12.43
C GLU D 253 -34.92 19.86 13.53
N LEU D 254 -34.38 19.67 14.73
CA LEU D 254 -34.58 20.67 15.77
C LEU D 254 -33.93 21.99 15.40
N ILE D 255 -32.81 21.94 14.68
CA ILE D 255 -32.13 23.16 14.26
C ILE D 255 -32.93 23.86 13.16
N ASP D 256 -33.40 23.10 12.18
CA ASP D 256 -34.06 23.70 11.02
C ASP D 256 -35.50 24.11 11.31
N LYS D 257 -36.19 23.41 12.22
CA LYS D 257 -37.60 23.69 12.47
C LYS D 257 -37.81 24.79 13.50
N TYR D 258 -36.97 24.85 14.53
CA TYR D 258 -37.20 25.76 15.65
C TYR D 258 -36.14 26.82 15.84
N GLN D 259 -34.98 26.71 15.17
CA GLN D 259 -33.90 27.66 15.28
C GLN D 259 -33.56 28.02 16.73
N PRO D 260 -33.16 27.03 17.54
CA PRO D 260 -32.83 27.35 18.94
C PRO D 260 -31.49 28.07 19.04
N GLU D 261 -31.44 29.06 19.93
CA GLU D 261 -30.22 29.82 20.17
C GLU D 261 -29.31 29.15 21.19
N LEU D 262 -29.72 28.00 21.73
CA LEU D 262 -28.90 27.25 22.69
C LEU D 262 -29.39 25.82 22.69
N ILE D 263 -28.46 24.87 22.50
CA ILE D 263 -28.77 23.45 22.56
C ILE D 263 -27.90 22.82 23.63
N TRP D 264 -28.54 22.17 24.60
CA TRP D 264 -27.88 21.60 25.77
C TRP D 264 -27.84 20.09 25.62
N PHE D 265 -26.68 19.50 25.87
CA PHE D 265 -26.49 18.05 25.73
C PHE D 265 -26.02 17.45 27.05
N ASN D 266 -26.25 16.15 27.19
CA ASN D 266 -25.81 15.44 28.38
C ASN D 266 -24.41 14.87 28.16
N TRP D 267 -23.96 14.00 29.07
CA TRP D 267 -22.53 13.73 29.20
C TRP D 267 -21.99 12.80 28.11
N THR D 268 -22.80 11.87 27.58
CA THR D 268 -22.25 10.86 26.68
C THR D 268 -21.87 11.42 25.32
N VAL D 269 -22.19 12.68 25.01
CA VAL D 269 -21.75 13.23 23.73
C VAL D 269 -20.25 13.47 23.71
N GLY D 270 -19.60 13.48 24.87
CA GLY D 270 -18.17 13.65 24.97
C GLY D 270 -17.36 12.38 24.87
N LYS D 271 -18.01 11.23 24.75
CA LYS D 271 -17.29 9.97 24.59
C LYS D 271 -16.53 9.97 23.26
N TYR D 272 -15.41 9.26 23.24
CA TYR D 272 -14.53 9.27 22.07
C TYR D 272 -15.22 8.81 20.79
N PRO D 273 -15.96 7.69 20.76
CA PRO D 273 -16.56 7.26 19.49
C PRO D 273 -17.63 8.20 18.96
N PHE D 274 -18.14 9.13 19.77
CA PHE D 274 -19.20 10.03 19.35
C PHE D 274 -18.69 11.40 18.92
N GLN D 275 -17.43 11.71 19.19
CA GLN D 275 -16.92 13.05 18.89
C GLN D 275 -16.93 13.38 17.40
N PRO D 276 -16.52 12.50 16.48
CA PRO D 276 -16.66 12.84 15.06
C PRO D 276 -18.09 13.16 14.65
N THR D 277 -19.07 12.53 15.28
CA THR D 277 -20.47 12.82 14.97
C THR D 277 -20.90 14.16 15.57
N PHE D 278 -20.50 14.43 16.82
CA PHE D 278 -20.89 15.68 17.46
C PHE D 278 -20.22 16.88 16.80
N TYR D 279 -19.01 16.71 16.28
CA TYR D 279 -18.35 17.81 15.58
C TYR D 279 -19.08 18.16 14.28
N LYS D 280 -19.72 17.17 13.65
CA LYS D 280 -20.54 17.46 12.48
C LYS D 280 -21.78 18.26 12.87
N PHE D 281 -22.31 18.03 14.07
CA PHE D 281 -23.44 18.83 14.55
C PHE D 281 -23.01 20.27 14.80
N MET D 282 -21.84 20.46 15.41
CA MET D 282 -21.38 21.81 15.74
C MET D 282 -21.16 22.64 14.48
N ALA D 283 -20.65 22.02 13.42
CA ALA D 283 -20.46 22.74 12.17
C ALA D 283 -21.79 23.10 11.53
N TYR D 284 -22.73 22.15 11.52
CA TYR D 284 -24.04 22.42 10.94
C TYR D 284 -24.81 23.45 11.77
N TYR D 285 -24.67 23.39 13.09
CA TYR D 285 -25.35 24.35 13.96
C TYR D 285 -24.78 25.75 13.80
N TYR D 286 -23.45 25.87 13.83
CA TYR D 286 -22.82 27.18 13.73
C TYR D 286 -22.98 27.77 12.33
N ASN D 287 -23.00 26.92 11.29
CA ASN D 287 -23.23 27.44 9.94
C ASN D 287 -24.67 27.87 9.75
N SER D 288 -25.62 27.12 10.32
CA SER D 288 -27.02 27.53 10.26
C SER D 288 -27.26 28.82 11.02
N ALA D 289 -26.55 29.03 12.13
CA ALA D 289 -26.67 30.29 12.86
C ALA D 289 -26.20 31.47 12.02
N LEU D 290 -25.22 31.25 11.13
CA LEU D 290 -24.76 32.32 10.26
C LEU D 290 -25.85 32.73 9.28
N ASP D 291 -26.58 31.77 8.72
CA ASP D 291 -27.64 32.11 7.78
C ASP D 291 -28.82 32.76 8.48
N TRP D 292 -29.15 32.31 9.69
CA TRP D 292 -30.17 32.97 10.48
C TRP D 292 -29.75 34.37 10.92
N ASN D 293 -28.47 34.71 10.79
CA ASN D 293 -27.91 35.89 11.42
C ASN D 293 -28.21 35.88 12.92
N LYS D 294 -28.09 34.71 13.53
CA LYS D 294 -28.18 34.53 14.97
C LYS D 294 -26.83 34.08 15.49
N GLU D 295 -26.67 34.16 16.81
CA GLU D 295 -25.51 33.62 17.50
C GLU D 295 -25.99 32.63 18.54
N VAL D 296 -25.41 31.43 18.53
CA VAL D 296 -25.93 30.30 19.29
C VAL D 296 -24.91 29.86 20.33
N VAL D 297 -25.35 28.96 21.20
CA VAL D 297 -24.53 28.43 22.29
C VAL D 297 -24.72 26.92 22.33
N VAL D 298 -23.62 26.19 22.54
CA VAL D 298 -23.65 24.74 22.71
C VAL D 298 -23.13 24.42 24.11
N ASN D 299 -23.82 23.51 24.80
CA ASN D 299 -23.48 23.14 26.16
C ASN D 299 -23.09 21.67 26.21
N THR D 300 -21.87 21.38 26.67
CA THR D 300 -21.41 20.03 26.91
C THR D 300 -20.76 19.96 28.29
N LYS D 301 -20.75 18.76 28.86
CA LYS D 301 -20.20 18.58 30.20
C LYS D 301 -18.69 18.38 30.19
N PHE D 302 -18.16 17.79 29.12
CA PHE D 302 -16.72 17.53 29.03
C PHE D 302 -16.41 17.15 27.59
N GLY D 303 -15.11 17.07 27.29
CA GLY D 303 -14.64 16.55 26.03
C GLY D 303 -14.38 17.58 24.95
N TYR D 304 -14.61 18.86 25.21
CA TYR D 304 -14.43 19.89 24.20
C TYR D 304 -13.79 21.12 24.82
N GLY D 305 -13.21 21.96 23.96
CA GLY D 305 -12.38 23.05 24.45
C GLY D 305 -13.18 24.16 25.11
N ASP D 306 -12.46 24.96 25.90
CA ASP D 306 -13.07 26.09 26.60
C ASP D 306 -13.65 27.12 25.65
N ASN D 307 -13.16 27.20 24.42
CA ASN D 307 -13.52 28.27 23.50
C ASN D 307 -14.58 27.89 22.48
N ILE D 308 -14.65 26.62 22.07
CA ILE D 308 -15.58 26.22 21.03
C ILE D 308 -16.98 25.96 21.54
N GLN D 309 -17.19 25.93 22.85
CA GLN D 309 -18.51 25.73 23.43
C GLN D 309 -18.50 26.30 24.84
N VAL D 310 -19.67 26.26 25.48
CA VAL D 310 -19.87 26.79 26.82
C VAL D 310 -20.00 25.61 27.78
N PHE D 311 -19.07 25.51 28.72
CA PHE D 311 -19.07 24.39 29.67
C PHE D 311 -20.28 24.45 30.59
N ASP D 312 -20.74 23.28 31.01
CA ASP D 312 -21.84 23.15 31.96
C ASP D 312 -21.43 22.18 33.06
N ILE D 313 -21.57 22.63 34.31
CA ILE D 313 -21.19 21.83 35.49
C ILE D 313 -22.43 21.60 36.32
N GLU D 314 -22.80 20.33 36.49
CA GLU D 314 -24.06 19.99 37.13
C GLU D 314 -23.95 20.01 38.65
N ARG D 315 -24.86 20.72 39.30
CA ARG D 315 -24.97 20.76 40.76
C ARG D 315 -23.64 21.12 41.42
N GLY D 316 -22.98 22.13 40.88
CA GLY D 316 -21.70 22.57 41.40
C GLY D 316 -21.26 23.84 40.71
N LYS D 317 -20.37 24.56 41.38
CA LYS D 317 -19.88 25.83 40.88
C LYS D 317 -18.38 25.94 41.17
N SER D 318 -17.83 27.13 40.97
CA SER D 318 -16.39 27.35 41.04
C SER D 318 -16.01 28.06 42.33
N ASP D 319 -14.70 28.10 42.58
CA ASP D 319 -14.11 28.85 43.68
C ASP D 319 -13.41 30.12 43.22
N ARG D 320 -12.87 30.15 42.01
CA ARG D 320 -12.24 31.31 41.42
C ARG D 320 -13.10 31.83 40.27
N ILE D 321 -12.65 32.93 39.67
CA ILE D 321 -13.24 33.42 38.44
C ILE D 321 -12.70 32.61 37.27
N ARG D 322 -13.59 32.09 36.44
CA ARG D 322 -13.19 31.36 35.25
C ARG D 322 -13.05 32.31 34.07
N GLU D 323 -12.08 32.03 33.20
CA GLU D 323 -11.81 32.92 32.08
C GLU D 323 -12.95 32.88 31.07
N TYR D 324 -13.41 31.68 30.71
CA TYR D 324 -14.49 31.60 29.75
C TYR D 324 -15.83 31.46 30.46
N PRO D 325 -16.89 32.01 29.89
CA PRO D 325 -18.23 31.85 30.48
C PRO D 325 -18.62 30.38 30.56
N TRP D 326 -19.35 30.05 31.63
CA TRP D 326 -19.75 28.68 31.90
C TRP D 326 -21.19 28.68 32.42
N GLN D 327 -21.73 27.49 32.60
CA GLN D 327 -23.12 27.31 33.03
C GLN D 327 -23.19 26.21 34.08
N THR D 328 -24.23 26.28 34.92
CA THR D 328 -24.47 25.26 35.92
C THR D 328 -25.97 25.03 36.04
N ASP D 329 -26.35 23.76 36.22
CA ASP D 329 -27.74 23.35 36.35
C ASP D 329 -28.02 22.92 37.78
N THR D 330 -29.17 23.34 38.29
CA THR D 330 -29.66 22.83 39.56
C THR D 330 -31.18 22.93 39.56
N SER D 331 -31.82 22.10 40.38
CA SER D 331 -33.26 22.00 40.43
C SER D 331 -33.79 22.66 41.70
N VAL D 332 -34.99 23.24 41.59
CA VAL D 332 -35.64 23.82 42.75
C VAL D 332 -35.95 22.74 43.78
N GLY D 333 -36.31 21.55 43.31
CA GLY D 333 -36.54 20.44 44.22
C GLY D 333 -35.24 19.76 44.61
N LYS D 334 -35.15 19.39 45.89
CA LYS D 334 -33.95 18.74 46.39
C LYS D 334 -33.85 17.29 45.93
N LYS D 335 -34.98 16.66 45.67
CA LYS D 335 -35.00 15.23 45.37
C LYS D 335 -34.84 14.93 43.89
N SER D 336 -35.64 15.56 43.04
CA SER D 336 -35.74 15.17 41.63
C SER D 336 -35.64 16.38 40.72
N TRP D 337 -35.37 16.11 39.44
CA TRP D 337 -35.46 17.14 38.42
C TRP D 337 -36.89 17.32 37.94
N SER D 338 -37.51 16.23 37.50
CA SER D 338 -38.93 16.26 37.15
C SER D 338 -39.78 16.18 38.43
N TYR D 339 -41.08 16.36 38.25
CA TYR D 339 -41.99 16.35 39.40
C TYR D 339 -42.04 14.97 40.04
N CYS D 340 -42.20 14.96 41.36
CA CYS D 340 -42.36 13.73 42.13
C CYS D 340 -43.20 14.02 43.36
N VAL D 341 -43.89 12.99 43.83
CA VAL D 341 -44.71 13.12 45.03
C VAL D 341 -43.81 13.32 46.24
N GLY D 342 -44.16 14.27 47.09
CA GLY D 342 -43.36 14.57 48.26
C GLY D 342 -42.03 15.20 47.92
N GLU D 343 -42.05 16.20 47.04
CA GLU D 343 -40.84 16.90 46.63
C GLU D 343 -40.53 18.02 47.61
N GLU D 344 -39.26 18.09 48.03
CA GLU D 344 -38.80 19.11 48.97
C GLU D 344 -38.10 20.21 48.17
N ASN D 345 -38.74 21.37 48.06
CA ASN D 345 -38.22 22.47 47.27
C ASN D 345 -37.27 23.33 48.10
N LYS D 346 -36.29 23.92 47.41
CA LYS D 346 -35.32 24.78 48.06
C LYS D 346 -35.93 26.15 48.38
N SER D 347 -35.23 26.89 49.26
CA SER D 347 -35.69 28.22 49.62
C SER D 347 -35.18 29.26 48.63
N PRO D 348 -35.91 30.37 48.44
CA PRO D 348 -35.45 31.39 47.49
C PRO D 348 -34.08 31.94 47.81
N ASP D 349 -33.74 32.13 49.09
CA ASP D 349 -32.43 32.69 49.44
C ASP D 349 -31.31 31.71 49.16
N HIS D 350 -31.56 30.40 49.33
CA HIS D 350 -30.54 29.41 49.00
C HIS D 350 -30.15 29.50 47.52
N ILE D 351 -31.12 29.71 46.65
CA ILE D 351 -30.82 29.81 45.22
C ILE D 351 -30.20 31.15 44.87
N ILE D 352 -30.69 32.24 45.47
CA ILE D 352 -30.20 33.57 45.12
C ILE D 352 -28.77 33.76 45.60
N ASP D 353 -28.45 33.25 46.81
CA ASP D 353 -27.07 33.34 47.29
C ASP D 353 -26.12 32.56 46.40
N ASP D 354 -26.54 31.38 45.92
CA ASP D 354 -25.73 30.65 44.97
C ASP D 354 -25.71 31.34 43.60
N PHE D 355 -26.85 31.91 43.20
CA PHE D 355 -26.93 32.58 41.91
C PHE D 355 -25.94 33.74 41.83
N VAL D 356 -25.85 34.54 42.89
CA VAL D 356 -24.93 35.68 42.88
C VAL D 356 -23.49 35.20 42.83
N ASP D 357 -23.18 34.10 43.54
CA ASP D 357 -21.82 33.57 43.53
C ASP D 357 -21.44 33.02 42.15
N ILE D 358 -22.40 32.39 41.46
CA ILE D 358 -22.13 31.90 40.11
C ILE D 358 -21.87 33.04 39.16
N VAL D 359 -22.67 34.11 39.25
CA VAL D 359 -22.53 35.25 38.34
C VAL D 359 -21.19 35.95 38.57
N SER D 360 -20.79 36.10 39.84
CA SER D 360 -19.54 36.78 40.15
C SER D 360 -18.33 36.01 39.62
N LYS D 361 -18.47 34.72 39.32
CA LYS D 361 -17.39 33.90 38.79
C LYS D 361 -17.56 33.61 37.31
N ASN D 362 -18.18 34.55 36.58
CA ASN D 362 -18.38 34.46 35.14
C ASN D 362 -19.25 33.27 34.73
N GLY D 363 -20.23 32.92 35.57
CA GLY D 363 -21.09 31.79 35.24
C GLY D 363 -22.54 32.17 35.03
N ASN D 364 -23.31 31.25 34.46
CA ASN D 364 -24.75 31.40 34.30
C ASN D 364 -25.46 30.31 35.09
N LEU D 365 -26.65 30.63 35.58
CA LEU D 365 -27.46 29.66 36.32
C LEU D 365 -28.60 29.17 35.44
N LEU D 366 -28.73 27.85 35.35
CA LEU D 366 -29.83 27.21 34.64
C LEU D 366 -30.67 26.47 35.69
N LEU D 367 -31.66 27.17 36.23
CA LEU D 367 -32.51 26.62 37.28
C LEU D 367 -33.60 25.75 36.68
N ASN D 368 -33.84 24.59 37.29
CA ASN D 368 -34.76 23.61 36.76
C ASN D 368 -36.04 23.55 37.58
N ILE D 369 -37.17 23.50 36.88
CA ILE D 369 -38.48 23.27 37.48
C ILE D 369 -39.06 22.00 36.89
N GLY D 370 -39.84 21.29 37.71
CA GLY D 370 -40.43 20.05 37.28
C GLY D 370 -41.94 20.08 37.34
N PRO D 371 -42.58 20.36 36.21
CA PRO D 371 -44.04 20.41 36.18
C PRO D 371 -44.66 19.03 36.35
N LYS D 372 -45.90 19.02 36.82
CA LYS D 372 -46.64 17.78 36.94
C LYS D 372 -46.97 17.23 35.56
N ALA D 373 -47.41 15.96 35.52
CA ALA D 373 -47.66 15.29 34.26
C ALA D 373 -48.71 16.00 33.42
N ASP D 374 -49.72 16.59 34.07
CA ASP D 374 -50.76 17.30 33.35
C ASP D 374 -50.30 18.66 32.81
N GLY D 375 -49.08 19.07 33.11
CA GLY D 375 -48.55 20.33 32.63
C GLY D 375 -48.62 21.49 33.60
N THR D 376 -49.02 21.24 34.85
CA THR D 376 -49.17 22.31 35.83
C THR D 376 -47.87 22.47 36.62
N ILE D 377 -47.36 23.70 36.66
CA ILE D 377 -46.24 24.02 37.52
C ILE D 377 -46.74 24.14 38.96
N THR D 378 -46.04 23.49 39.89
CA THR D 378 -46.49 23.47 41.27
C THR D 378 -46.48 24.87 41.87
N ASP D 379 -47.33 25.06 42.90
CA ASP D 379 -47.43 26.36 43.55
C ASP D 379 -46.12 26.75 44.23
N GLU D 380 -45.44 25.78 44.83
CA GLU D 380 -44.18 26.08 45.52
C GLU D 380 -43.12 26.57 44.55
N GLN D 381 -43.01 25.93 43.38
CA GLN D 381 -42.03 26.34 42.39
C GLN D 381 -42.40 27.64 41.70
N LYS D 382 -43.69 28.01 41.70
CA LYS D 382 -44.08 29.33 41.22
C LYS D 382 -43.58 30.41 42.16
N ASN D 383 -43.69 30.18 43.47
CA ASN D 383 -43.23 31.17 44.45
C ASN D 383 -41.72 31.29 44.44
N VAL D 384 -41.00 30.18 44.28
CA VAL D 384 -39.54 30.22 44.27
C VAL D 384 -39.06 31.10 43.11
N LEU D 385 -39.60 30.88 41.92
CA LEU D 385 -39.22 31.70 40.78
C LEU D 385 -39.71 33.13 40.94
N ALA D 386 -40.89 33.32 41.54
CA ALA D 386 -41.41 34.67 41.72
C ALA D 386 -40.55 35.48 42.68
N GLU D 387 -40.07 34.85 43.76
CA GLU D 387 -39.21 35.56 44.70
C GLU D 387 -37.87 35.92 44.07
N ILE D 388 -37.38 35.12 43.13
CA ILE D 388 -36.18 35.48 42.39
C ILE D 388 -36.46 36.66 41.47
N GLY D 389 -37.65 36.70 40.87
CA GLY D 389 -38.01 37.81 40.01
C GLY D 389 -38.19 39.11 40.77
N LYS D 390 -38.78 39.05 41.97
CA LYS D 390 -38.90 40.23 42.79
C LYS D 390 -37.54 40.74 43.25
N TRP D 391 -36.60 39.83 43.50
CA TRP D 391 -35.25 40.25 43.87
C TRP D 391 -34.51 40.82 42.66
N LEU D 392 -34.72 40.24 41.48
CA LEU D 392 -34.07 40.74 40.28
C LEU D 392 -34.70 42.03 39.77
N LYS D 393 -35.97 42.29 40.11
CA LYS D 393 -36.60 43.54 39.70
C LYS D 393 -35.94 44.74 40.36
N THR D 394 -35.31 44.55 41.52
CA THR D 394 -34.64 45.61 42.25
C THR D 394 -33.13 45.59 42.09
N ASN D 395 -32.52 44.40 42.09
CA ASN D 395 -31.07 44.28 42.05
C ASN D 395 -30.55 43.74 40.72
N GLY D 396 -31.39 43.68 39.69
CA GLY D 396 -30.96 43.15 38.41
C GLY D 396 -29.88 43.96 37.72
N GLU D 397 -29.68 45.21 38.15
CA GLU D 397 -28.63 46.04 37.55
C GLU D 397 -27.25 45.43 37.77
N ALA D 398 -27.06 44.73 38.88
CA ALA D 398 -25.78 44.12 39.20
C ALA D 398 -25.62 42.73 38.62
N ILE D 399 -26.61 42.23 37.89
CA ILE D 399 -26.55 40.88 37.34
C ILE D 399 -26.56 40.93 35.82
N TYR D 400 -27.58 41.55 35.24
CA TYR D 400 -27.73 41.59 33.79
C TYR D 400 -26.59 42.39 33.17
N GLY D 401 -25.96 41.81 32.15
CA GLY D 401 -24.91 42.49 31.42
C GLY D 401 -23.64 42.74 32.19
N SER D 402 -23.43 42.04 33.29
CA SER D 402 -22.27 42.26 34.14
C SER D 402 -21.15 41.30 33.80
N ARG D 403 -19.96 41.64 34.27
CA ARG D 403 -18.75 40.83 34.14
C ARG D 403 -18.07 40.76 35.50
N PRO D 404 -17.25 39.74 35.73
CA PRO D 404 -16.54 39.65 37.02
C PRO D 404 -15.60 40.82 37.23
N TRP D 405 -15.37 41.14 38.49
CA TRP D 405 -14.45 42.21 38.88
C TRP D 405 -13.04 41.63 38.98
N VAL D 406 -12.17 42.24 39.77
CA VAL D 406 -10.82 41.70 39.92
C VAL D 406 -10.84 40.44 40.79
N ILE D 407 -11.73 40.40 41.79
CA ILE D 407 -11.89 39.24 42.65
C ILE D 407 -13.39 39.02 42.85
N ALA D 408 -13.78 37.75 42.99
CA ALA D 408 -15.20 37.43 43.04
C ALA D 408 -15.78 37.59 44.45
N SER D 409 -15.06 37.10 45.46
CA SER D 409 -15.63 37.00 46.80
C SER D 409 -14.62 37.45 47.85
N GLU D 410 -15.15 37.76 49.03
CA GLU D 410 -14.34 38.00 50.23
C GLU D 410 -15.20 37.69 51.44
N GLY D 411 -14.56 37.13 52.47
CA GLY D 411 -15.23 36.80 53.70
C GLY D 411 -14.76 35.46 54.23
N HIS D 412 -15.52 34.94 55.20
CA HIS D 412 -15.14 33.71 55.88
C HIS D 412 -15.57 32.48 55.11
N ASN D 413 -16.82 32.45 54.66
CA ASN D 413 -17.36 31.28 53.98
C ASN D 413 -16.86 31.17 52.55
N GLU D 427 -24.24 28.95 55.15
CA GLU D 427 -24.83 29.94 56.06
C GLU D 427 -24.00 31.21 56.07
N TYR D 428 -24.40 32.18 55.23
CA TYR D 428 -23.63 33.40 55.03
C TYR D 428 -24.02 34.46 56.05
N THR D 429 -23.13 35.45 56.19
CA THR D 429 -23.39 36.68 56.93
C THR D 429 -23.22 37.86 55.98
N ALA D 430 -23.41 39.07 56.51
CA ALA D 430 -23.31 40.26 55.68
C ALA D 430 -21.86 40.53 55.25
N ASP D 431 -20.88 39.94 55.93
CA ASP D 431 -19.48 40.19 55.61
C ASP D 431 -18.99 39.37 54.43
N ASP D 432 -19.75 38.37 53.98
CA ASP D 432 -19.39 37.61 52.79
C ASP D 432 -20.01 38.30 51.58
N ILE D 433 -19.16 38.85 50.72
CA ILE D 433 -19.57 39.77 49.66
C ILE D 433 -19.15 39.20 48.31
N ARG D 434 -20.03 39.31 47.33
CA ARG D 434 -19.71 38.97 45.94
C ARG D 434 -19.69 40.24 45.10
N PHE D 435 -18.81 40.26 44.10
CA PHE D 435 -18.55 41.44 43.30
C PHE D 435 -18.92 41.20 41.84
N THR D 436 -19.55 42.19 41.23
CA THR D 436 -19.76 42.26 39.79
C THR D 436 -19.49 43.68 39.33
N THR D 437 -19.21 43.82 38.03
CA THR D 437 -18.98 45.12 37.44
C THR D 437 -19.74 45.25 36.13
N CYS D 438 -20.15 46.47 35.82
CA CYS D 438 -20.88 46.75 34.58
C CYS D 438 -20.81 48.24 34.31
N ASP D 439 -20.33 48.63 33.13
CA ASP D 439 -20.15 50.03 32.75
C ASP D 439 -19.34 50.78 33.80
N ASN D 440 -18.21 50.18 34.18
CA ASN D 440 -17.25 50.75 35.13
C ASN D 440 -17.82 50.83 36.55
N ASN D 441 -19.10 50.57 36.72
CA ASN D 441 -19.70 50.57 38.04
C ASN D 441 -19.28 49.31 38.81
N LEU D 442 -19.14 49.46 40.12
CA LEU D 442 -18.77 48.37 41.00
C LEU D 442 -19.96 47.98 41.86
N TYR D 443 -20.26 46.68 41.91
CA TYR D 443 -21.40 46.16 42.65
C TYR D 443 -20.90 45.15 43.68
N ALA D 444 -21.03 45.51 44.96
CA ALA D 444 -20.69 44.61 46.05
C ALA D 444 -21.99 44.07 46.64
N VAL D 445 -22.18 42.76 46.54
CA VAL D 445 -23.43 42.11 46.93
C VAL D 445 -23.19 41.39 48.25
N SER D 446 -23.83 41.87 49.32
CA SER D 446 -23.81 41.18 50.60
C SER D 446 -24.83 40.05 50.58
N LEU D 447 -24.40 38.86 51.00
CA LEU D 447 -25.24 37.68 50.97
C LEU D 447 -26.10 37.53 52.22
N ALA D 448 -26.13 38.54 53.08
CA ALA D 448 -27.02 38.55 54.24
C ALA D 448 -27.13 39.98 54.75
N TRP D 449 -27.98 40.17 55.73
CA TRP D 449 -28.29 41.49 56.26
C TRP D 449 -27.62 41.72 57.60
N THR D 450 -27.31 42.98 57.89
CA THR D 450 -26.81 43.41 59.18
C THR D 450 -27.37 44.78 59.51
N ASP D 451 -27.50 45.06 60.80
CA ASP D 451 -27.91 46.39 61.25
C ASP D 451 -26.72 47.31 61.50
N GLY D 452 -25.50 46.77 61.51
CA GLY D 452 -24.32 47.58 61.66
C GLY D 452 -23.69 47.93 60.34
N SER D 453 -22.43 47.54 60.14
CA SER D 453 -21.70 47.88 58.93
C SER D 453 -20.82 46.70 58.53
N VAL D 454 -20.34 46.75 57.28
CA VAL D 454 -19.38 45.79 56.76
C VAL D 454 -18.20 46.57 56.18
N THR D 455 -17.10 45.86 55.98
CA THR D 455 -15.88 46.44 55.43
C THR D 455 -15.48 45.66 54.19
N ILE D 456 -15.48 46.34 53.03
CA ILE D 456 -15.07 45.74 51.78
C ILE D 456 -13.54 45.68 51.75
N LYS D 457 -12.99 44.53 52.15
CA LYS D 457 -11.54 44.41 52.28
C LYS D 457 -10.84 44.44 50.93
N SER D 458 -11.55 44.07 49.85
CA SER D 458 -10.93 44.08 48.53
C SER D 458 -10.55 45.47 48.07
N LEU D 459 -11.09 46.51 48.71
CA LEU D 459 -10.76 47.89 48.40
C LEU D 459 -9.76 48.49 49.39
N ALA D 460 -8.97 47.65 50.05
CA ALA D 460 -7.96 48.15 50.97
C ALA D 460 -6.90 48.94 50.20
N THR D 461 -6.25 49.86 50.90
CA THR D 461 -5.30 50.77 50.26
C THR D 461 -4.13 50.03 49.63
N LYS D 462 -3.81 48.82 50.10
CA LYS D 462 -2.72 48.07 49.48
C LYS D 462 -3.08 47.60 48.08
N TYR D 463 -4.36 47.31 47.83
CA TYR D 463 -4.80 46.90 46.51
C TYR D 463 -5.05 48.07 45.56
N CYS D 464 -5.03 49.30 46.07
CA CYS D 464 -5.52 50.45 45.33
C CYS D 464 -4.39 51.38 44.91
N ARG D 465 -4.65 52.13 43.84
CA ARG D 465 -3.73 53.14 43.32
C ARG D 465 -4.56 54.36 42.94
N ASN D 466 -4.54 55.39 43.79
CA ASN D 466 -5.27 56.63 43.57
C ASN D 466 -6.75 56.37 43.34
N VAL D 467 -7.36 55.69 44.31
CA VAL D 467 -8.77 55.32 44.24
C VAL D 467 -9.60 56.35 44.98
N GLU D 468 -10.60 56.90 44.29
CA GLU D 468 -11.56 57.83 44.87
C GLU D 468 -12.95 57.26 44.77
N ILE D 469 -13.64 57.16 45.90
CA ILE D 469 -15.04 56.72 45.91
C ILE D 469 -15.92 57.92 45.58
N GLU D 470 -16.68 57.81 44.49
CA GLU D 470 -17.52 58.91 44.03
C GLU D 470 -18.94 58.84 44.60
N SER D 471 -19.51 57.64 44.68
CA SER D 471 -20.85 57.48 45.24
C SER D 471 -21.04 56.04 45.69
N VAL D 472 -21.82 55.87 46.75
CA VAL D 472 -22.20 54.56 47.26
C VAL D 472 -23.70 54.58 47.51
N GLU D 473 -24.41 53.60 46.94
CA GLU D 473 -25.86 53.51 47.10
C GLU D 473 -26.25 52.03 47.12
N MET D 474 -27.32 51.73 47.83
CA MET D 474 -27.91 50.39 47.82
C MET D 474 -29.11 50.38 46.89
N LEU D 475 -29.15 49.39 46.00
CA LEU D 475 -30.25 49.30 45.04
C LEU D 475 -31.57 49.06 45.77
N GLY D 476 -32.55 49.92 45.51
CA GLY D 476 -33.85 49.84 46.13
C GLY D 476 -34.01 50.68 47.38
N SER D 477 -32.95 51.31 47.87
CA SER D 477 -32.99 52.11 49.08
C SER D 477 -32.80 53.58 48.73
N SER D 478 -33.70 54.43 49.23
CA SER D 478 -33.59 55.87 49.04
C SER D 478 -32.77 56.55 50.13
N GLU D 479 -32.31 55.79 51.13
CA GLU D 479 -31.49 56.38 52.19
C GLU D 479 -30.09 56.67 51.68
N LYS D 480 -29.52 57.77 52.17
CA LYS D 480 -28.13 58.09 51.85
C LYS D 480 -27.20 57.18 52.64
N ILE D 481 -26.28 56.52 51.93
CA ILE D 481 -25.38 55.56 52.53
C ILE D 481 -24.17 56.28 53.10
N ASP D 482 -23.87 56.02 54.37
CA ASP D 482 -22.67 56.54 55.01
C ASP D 482 -21.52 55.57 54.77
N TYR D 483 -20.39 56.11 54.34
CA TYR D 483 -19.22 55.28 54.06
C TYR D 483 -17.95 56.08 54.32
N LYS D 484 -16.86 55.36 54.57
CA LYS D 484 -15.56 55.97 54.78
C LYS D 484 -14.48 55.02 54.29
N MET D 485 -13.55 55.55 53.49
CA MET D 485 -12.45 54.75 52.97
C MET D 485 -11.33 54.72 54.01
N THR D 486 -10.97 53.51 54.45
CA THR D 486 -9.90 53.31 55.42
C THR D 486 -8.82 52.43 54.81
N ASP D 487 -7.74 52.22 55.57
CA ASP D 487 -6.65 51.37 55.09
C ASP D 487 -7.07 49.91 55.01
N GLU D 488 -8.02 49.49 55.86
CA GLU D 488 -8.50 48.12 55.83
C GLU D 488 -9.48 47.86 54.70
N GLY D 489 -10.06 48.91 54.13
CA GLY D 489 -11.02 48.79 53.05
C GLY D 489 -12.09 49.86 53.17
N LEU D 490 -13.14 49.70 52.38
CA LEU D 490 -14.24 50.65 52.36
C LEU D 490 -15.31 50.21 53.36
N VAL D 491 -15.46 50.97 54.44
CA VAL D 491 -16.49 50.72 55.43
C VAL D 491 -17.79 51.33 54.93
N VAL D 492 -18.81 50.51 54.74
CA VAL D 492 -20.12 50.97 54.29
C VAL D 492 -21.14 50.63 55.37
N ASN D 493 -22.13 51.51 55.52
CA ASN D 493 -23.13 51.41 56.56
C ASN D 493 -24.47 51.01 55.96
N PHE D 494 -25.06 49.93 56.48
CA PHE D 494 -26.33 49.46 55.97
C PHE D 494 -27.45 50.45 56.31
N PRO D 495 -28.42 50.60 55.42
CA PRO D 495 -29.58 51.44 55.73
C PRO D 495 -30.48 50.76 56.76
N LYS D 496 -31.49 51.51 57.21
CA LYS D 496 -32.37 51.01 58.25
C LYS D 496 -33.42 50.05 57.72
N ASN D 497 -33.80 50.18 56.45
CA ASN D 497 -34.87 49.38 55.87
C ASN D 497 -34.34 48.51 54.74
N LYS D 498 -34.79 47.27 54.71
CA LYS D 498 -34.39 46.34 53.65
C LYS D 498 -35.10 46.69 52.35
N PRO D 499 -34.38 46.91 51.25
CA PRO D 499 -35.04 47.01 49.95
C PRO D 499 -35.68 45.68 49.56
N THR D 500 -34.88 44.61 49.61
CA THR D 500 -35.34 43.25 49.38
C THR D 500 -34.77 42.36 50.48
N GLU D 501 -35.04 41.06 50.36
CA GLU D 501 -34.47 40.07 51.26
C GLU D 501 -33.27 39.39 50.58
N TYR D 502 -32.86 38.24 51.11
CA TYR D 502 -31.91 37.35 50.45
C TYR D 502 -30.52 37.97 50.28
N ALA D 503 -30.38 38.89 49.33
CA ALA D 503 -29.11 39.53 49.06
C ALA D 503 -29.30 41.03 48.91
N HIS D 504 -28.23 41.78 49.17
CA HIS D 504 -28.28 43.23 49.22
C HIS D 504 -27.07 43.81 48.50
N VAL D 505 -27.34 44.68 47.52
CA VAL D 505 -26.34 45.14 46.57
C VAL D 505 -26.00 46.60 46.84
N PHE D 506 -24.70 46.89 46.94
CA PHE D 506 -24.20 48.25 46.99
C PHE D 506 -23.65 48.62 45.61
N LYS D 507 -24.10 49.77 45.09
CA LYS D 507 -23.61 50.28 43.82
C LYS D 507 -22.54 51.33 44.12
N ILE D 508 -21.30 51.02 43.75
CA ILE D 508 -20.15 51.88 44.06
C ILE D 508 -19.60 52.43 42.76
N LYS D 509 -19.58 53.75 42.64
CA LYS D 509 -18.92 54.44 41.54
C LYS D 509 -17.57 54.94 42.04
N LEU D 510 -16.50 54.52 41.37
CA LEU D 510 -15.17 54.84 41.83
C LEU D 510 -14.24 55.01 40.64
N LYS D 511 -13.11 55.65 40.89
CA LYS D 511 -12.02 55.77 39.93
C LYS D 511 -10.75 55.23 40.57
N GLY D 512 -9.71 55.10 39.76
CA GLY D 512 -8.45 54.54 40.21
C GLY D 512 -8.23 53.14 39.66
N VAL D 513 -7.15 52.52 40.14
CA VAL D 513 -6.73 51.20 39.71
C VAL D 513 -6.74 50.27 40.92
N VAL D 514 -7.39 49.11 40.78
CA VAL D 514 -7.50 48.12 41.84
C VAL D 514 -6.94 46.80 41.34
N VAL D 515 -6.10 46.16 42.15
CA VAL D 515 -5.57 44.84 41.85
C VAL D 515 -6.15 43.85 42.84
N SER D 516 -6.19 42.59 42.43
CA SER D 516 -6.78 41.52 43.24
C SER D 516 -5.69 40.76 44.00
N LYS D 517 -6.13 39.94 44.95
CA LYS D 517 -5.20 39.06 45.65
C LYS D 517 -4.66 38.01 44.68
N PRO D 518 -3.36 37.74 44.71
CA PRO D 518 -2.79 36.80 43.73
C PRO D 518 -3.20 35.36 44.00
N LEU D 519 -3.28 34.59 42.92
CA LEU D 519 -3.51 33.15 42.98
C LEU D 519 -2.26 32.43 42.49
N TYR D 520 -1.99 31.27 43.09
CA TYR D 520 -0.77 30.53 42.82
C TYR D 520 -1.10 29.14 42.31
N ASP D 521 -0.48 28.77 41.18
CA ASP D 521 -0.57 27.43 40.62
C ASP D 521 0.85 26.95 40.34
N LYS D 522 1.04 25.63 40.41
CA LYS D 522 2.39 25.07 40.35
C LYS D 522 2.77 24.68 38.93
N VAL D 523 4.05 24.86 38.62
CA VAL D 523 4.64 24.39 37.36
C VAL D 523 5.94 23.67 37.70
N ASP D 524 6.72 23.33 36.68
CA ASP D 524 7.96 22.59 36.91
C ASP D 524 8.99 23.51 37.57
N ASN D 525 9.29 23.23 38.84
CA ASN D 525 10.30 23.98 39.61
C ASN D 525 9.98 25.48 39.67
N GLY D 526 8.70 25.81 39.73
CA GLY D 526 8.31 27.20 39.80
C GLY D 526 6.86 27.34 40.23
N CYS D 527 6.30 28.51 39.97
CA CYS D 527 4.92 28.79 40.32
C CYS D 527 4.33 29.78 39.32
N LEU D 528 3.01 29.70 39.15
CA LEU D 528 2.28 30.57 38.25
C LEU D 528 1.44 31.54 39.06
N ILE D 529 1.52 32.83 38.74
CA ILE D 529 0.86 33.89 39.49
C ILE D 529 -0.21 34.51 38.60
N THR D 530 -1.44 34.61 39.13
CA THR D 530 -2.57 35.15 38.38
C THR D 530 -3.23 36.25 39.19
N VAL D 531 -3.37 37.43 38.59
CA VAL D 531 -4.07 38.55 39.18
C VAL D 531 -4.97 39.18 38.15
N ARG D 532 -5.90 40.01 38.62
CA ARG D 532 -6.77 40.80 37.75
C ARG D 532 -6.67 42.26 38.17
N VAL D 533 -6.59 43.15 37.18
CA VAL D 533 -6.41 44.57 37.40
C VAL D 533 -7.56 45.31 36.76
N ALA D 534 -8.17 46.23 37.51
CA ALA D 534 -9.28 47.04 37.03
C ALA D 534 -8.89 48.50 37.05
N ASN D 535 -8.89 49.14 35.88
CA ASN D 535 -8.63 50.58 35.76
C ASN D 535 -9.98 51.27 35.66
N HIS D 536 -10.44 51.82 36.78
CA HIS D 536 -11.71 52.53 36.84
C HIS D 536 -11.60 53.99 36.43
N ASN D 537 -10.43 54.43 35.99
CA ASN D 537 -10.24 55.81 35.59
C ASN D 537 -10.72 56.03 34.15
N ALA D 538 -11.04 57.28 33.85
CA ALA D 538 -11.38 57.69 32.48
C ALA D 538 -10.15 57.83 31.60
N GLU D 539 -8.96 57.69 32.17
CA GLU D 539 -7.70 57.82 31.45
C GLU D 539 -6.93 56.50 31.53
N ASP D 540 -6.04 56.30 30.57
CA ASP D 540 -5.22 55.10 30.56
C ASP D 540 -4.27 55.10 31.77
N ALA D 541 -3.92 53.90 32.22
CA ALA D 541 -3.09 53.75 33.41
C ALA D 541 -2.03 52.70 33.18
N ASN D 542 -0.82 52.99 33.62
CA ASN D 542 0.31 52.05 33.59
C ASN D 542 0.52 51.48 34.98
N VAL D 543 0.60 50.15 35.07
CA VAL D 543 0.68 49.45 36.35
C VAL D 543 1.87 48.51 36.32
N THR D 544 2.65 48.51 37.39
CA THR D 544 3.79 47.62 37.55
C THR D 544 3.48 46.60 38.64
N LEU D 545 3.67 45.32 38.32
CA LEU D 545 3.39 44.23 39.24
C LEU D 545 4.66 43.40 39.43
N LYS D 546 4.97 43.08 40.69
CA LYS D 546 6.17 42.33 41.03
C LYS D 546 5.79 41.13 41.91
N SER D 547 6.42 39.99 41.63
CA SER D 547 6.22 38.78 42.40
C SER D 547 7.57 38.27 42.87
N VAL D 548 7.76 38.22 44.19
CA VAL D 548 9.00 37.77 44.81
C VAL D 548 8.70 36.45 45.52
N VAL D 549 9.13 35.35 44.93
CA VAL D 549 8.90 34.01 45.47
C VAL D 549 10.26 33.32 45.61
N ASP D 550 10.60 32.96 46.85
CA ASP D 550 11.87 32.28 47.15
C ASP D 550 13.07 33.08 46.65
N GLY D 551 13.01 34.40 46.84
CA GLY D 551 14.06 35.29 46.38
C GLY D 551 14.04 35.61 44.91
N ASN D 552 13.31 34.83 44.10
CA ASN D 552 13.23 35.11 42.67
C ASN D 552 12.34 36.32 42.42
N GLU D 553 12.85 37.28 41.68
CA GLU D 553 12.16 38.54 41.41
C GLU D 553 11.73 38.58 39.96
N VAL D 554 10.42 38.67 39.72
CA VAL D 554 9.84 38.78 38.39
C VAL D 554 8.87 39.95 38.39
N SER D 555 8.97 40.79 37.37
CA SER D 555 8.13 41.98 37.27
C SER D 555 7.49 42.03 35.89
N THR D 556 6.45 42.87 35.78
CA THR D 556 5.82 43.14 34.49
C THR D 556 5.12 44.48 34.57
N GLN D 557 5.27 45.27 33.50
CA GLN D 557 4.57 46.54 33.35
C GLN D 557 3.43 46.35 32.37
N VAL D 558 2.20 46.63 32.82
CA VAL D 558 1.00 46.41 32.03
C VAL D 558 0.31 47.73 31.78
N ALA D 559 -0.14 47.94 30.55
CA ALA D 559 -0.89 49.12 30.15
C ALA D 559 -2.38 48.77 30.15
N VAL D 560 -3.11 49.29 31.12
CA VAL D 560 -4.54 49.03 31.26
C VAL D 560 -5.31 50.18 30.66
N LYS D 561 -6.14 49.90 29.67
CA LYS D 561 -6.92 50.93 29.01
C LYS D 561 -7.93 51.55 29.97
N ALA D 562 -8.47 52.70 29.58
CA ALA D 562 -9.42 53.41 30.42
C ALA D 562 -10.72 52.62 30.55
N LYS D 563 -11.18 52.48 31.79
CA LYS D 563 -12.44 51.80 32.10
C LYS D 563 -12.46 50.38 31.53
N SER D 564 -11.47 49.59 31.96
CA SER D 564 -11.35 48.21 31.50
C SER D 564 -10.60 47.40 32.55
N GLU D 565 -10.63 46.08 32.36
CA GLU D 565 -9.91 45.16 33.23
C GLU D 565 -9.35 44.02 32.39
N GLN D 566 -8.37 43.32 32.95
CA GLN D 566 -7.69 42.26 32.20
C GLN D 566 -6.96 41.35 33.18
N TRP D 567 -6.76 40.11 32.75
CA TRP D 567 -5.92 39.17 33.48
C TRP D 567 -4.45 39.53 33.30
N VAL D 568 -3.65 39.22 34.33
CA VAL D 568 -2.20 39.40 34.27
C VAL D 568 -1.55 38.13 34.80
N LYS D 569 -0.76 37.47 33.96
CA LYS D 569 -0.10 36.22 34.31
C LYS D 569 1.40 36.45 34.45
N MET D 570 1.98 35.91 35.52
CA MET D 570 3.42 35.96 35.75
C MET D 570 3.91 34.58 36.14
N GLN D 571 5.23 34.38 36.04
CA GLN D 571 5.84 33.09 36.28
C GLN D 571 7.15 33.26 37.02
N ASN D 572 7.30 32.56 38.14
CA ASN D 572 8.52 32.56 38.93
C ASN D 572 9.32 31.29 38.65
N LYS D 573 10.64 31.41 38.72
CA LYS D 573 11.55 30.30 38.46
C LYS D 573 12.36 29.99 39.71
N ASP D 574 12.98 28.81 39.70
CA ASP D 574 13.85 28.35 40.79
C ASP D 574 13.09 28.26 42.12
N VAL D 575 11.95 27.57 42.09
CA VAL D 575 11.16 27.31 43.29
C VAL D 575 11.23 25.81 43.54
N LYS D 576 11.93 25.41 44.61
CA LYS D 576 12.18 24.00 44.86
C LYS D 576 10.94 23.29 45.41
N SER D 577 10.21 23.93 46.31
CA SER D 577 9.06 23.32 46.97
C SER D 577 7.88 24.27 46.88
N PHE D 578 6.79 23.82 46.27
CA PHE D 578 5.58 24.63 46.17
C PHE D 578 4.84 24.72 47.49
N ASP D 579 4.88 23.66 48.30
CA ASP D 579 4.16 23.65 49.57
C ASP D 579 4.84 24.51 50.63
N ASP D 580 6.11 24.87 50.43
CA ASP D 580 6.88 25.62 51.41
C ASP D 580 7.36 26.95 50.83
N MET D 581 6.54 27.56 49.98
CA MET D 581 6.94 28.80 49.32
C MET D 581 6.95 29.98 50.30
N SER D 582 7.78 30.96 49.99
CA SER D 582 7.76 32.27 50.64
C SER D 582 7.42 33.29 49.57
N CYS D 583 6.20 33.83 49.60
CA CYS D 583 5.68 34.65 48.52
C CYS D 583 5.43 36.08 48.99
N LYS D 584 5.78 37.03 48.14
CA LYS D 584 5.48 38.44 48.32
C LYS D 584 5.07 39.02 46.98
N PHE D 585 3.95 39.76 46.96
CA PHE D 585 3.45 40.37 45.74
C PHE D 585 3.33 41.88 45.94
N TYR D 586 3.85 42.64 44.98
CA TYR D 586 3.89 44.10 45.07
C TYR D 586 3.09 44.71 43.93
N PHE D 587 2.33 45.75 44.26
CA PHE D 587 1.51 46.50 43.31
C PHE D 587 2.02 47.95 43.32
N ASN D 588 2.86 48.29 42.34
CA ASN D 588 3.58 49.56 42.31
C ASN D 588 4.42 49.73 43.57
N ASP D 589 5.18 48.68 43.89
CA ASP D 589 6.05 48.63 45.07
C ASP D 589 5.26 48.83 46.36
N ASN D 590 4.06 48.26 46.41
CA ASN D 590 3.24 48.22 47.61
C ASN D 590 2.85 46.78 47.87
N LEU D 591 3.21 46.26 49.04
CA LEU D 591 2.98 44.86 49.36
C LEU D 591 1.48 44.60 49.49
N THR D 592 0.94 43.80 48.57
CA THR D 592 -0.47 43.43 48.61
C THR D 592 -0.69 42.10 49.31
N TYR D 593 0.21 41.13 49.12
CA TYR D 593 0.05 39.80 49.68
C TYR D 593 1.39 39.28 50.15
N GLU D 594 1.36 38.48 51.22
CA GLU D 594 2.56 37.87 51.80
C GLU D 594 2.17 36.76 52.76
N ASN D 595 2.78 35.59 52.62
CA ASN D 595 2.53 34.49 53.56
C ASN D 595 3.56 34.55 54.69
N GLU D 596 3.08 34.58 55.92
CA GLU D 596 3.91 34.52 57.10
C GLU D 596 3.58 33.28 57.93
N PHE D 597 3.13 32.22 57.25
CA PHE D 597 2.57 31.06 57.93
C PHE D 597 3.12 29.79 57.28
N LYS D 598 3.13 28.71 58.06
CA LYS D 598 3.63 27.43 57.61
C LYS D 598 2.73 26.86 56.51
N LYS D 599 3.34 26.05 55.64
CA LYS D 599 2.63 25.38 54.55
C LYS D 599 1.88 26.35 53.65
CA CA E . 0.74 -36.17 4.15
C1 Y9Y F . 1.54 -57.69 -13.42
C2 Y9Y F . 0.30 -58.51 -13.78
O2 Y9Y F . 0.56 -59.89 -13.59
C3 Y9Y F . -0.86 -58.03 -12.95
O3 Y9Y F . -2.04 -58.75 -13.30
C4 Y9Y F . -1.07 -56.54 -13.13
O4 Y9Y F . -1.42 -56.27 -14.50
C5 Y9Y F . 0.22 -55.79 -12.81
C6 Y9Y F . 0.13 -54.32 -13.10
O6 Y9Y F . 1.34 -53.64 -12.76
O5 Y9Y F . 1.31 -56.31 -13.61
O1 Y9Y F . 1.83 -57.97 -12.07
C1' Y9Y F . 2.87 -58.85 -11.81
C2' Y9Y F . 4.04 -58.73 -12.54
C3' Y9Y F . 5.09 -59.59 -12.29
C4' Y9Y F . 4.94 -60.56 -11.30
C5' Y9Y F . 3.77 -60.68 -10.56
C6' Y9Y F . 2.73 -59.80 -10.81
N1' Y9Y F . 6.04 -61.47 -11.03
O2' Y9Y F . 7.11 -61.28 -11.60
O3' Y9Y F . 5.85 -62.41 -10.27
NI NI G . -2.59 -32.62 6.92
NI NI H . -2.94 -46.60 3.89
NA NA I . 9.39 -18.86 13.91
NA NA J . -8.26 -38.28 -26.77
NA NA K . 8.39 -74.48 -23.52
CL CL L . 13.19 -30.79 -19.69
CA CA M . -18.45 -15.92 -43.15
C1 Y9Y N . -7.74 5.81 -29.94
C2 Y9Y N . -8.54 6.51 -28.84
O2 Y9Y N . -8.62 7.90 -29.10
C3 Y9Y N . -9.92 5.88 -28.77
O3 Y9Y N . -10.67 6.48 -27.71
C4 Y9Y N . -9.80 4.39 -28.55
O4 Y9Y N . -9.20 4.13 -27.28
C5 Y9Y N . -8.94 3.77 -29.64
C6 Y9Y N . -8.66 2.30 -29.40
O6 Y9Y N . -7.81 1.76 -30.41
O5 Y9Y N . -7.66 4.43 -29.68
O1 Y9Y N . -8.42 6.06 -31.15
C1' Y9Y N . -7.90 7.03 -31.99
C2' Y9Y N . -6.53 7.08 -32.19
C3' Y9Y N . -5.99 8.03 -33.02
C4' Y9Y N . -6.85 8.94 -33.65
C5' Y9Y N . -8.23 8.89 -33.45
C6' Y9Y N . -8.75 7.92 -32.62
N1' Y9Y N . -6.28 9.95 -34.52
O2' Y9Y N . -5.10 9.89 -34.80
O3' Y9Y N . -7.03 10.84 -34.93
NI NI O . -22.51 -19.99 -42.99
NI NI P . -21.72 -6.05 -40.15
NI NI Q . 7.21 -19.25 -34.07
NA NA R . -18.38 21.93 -9.71
NA NA S . 9.35 -10.70 -20.78
CA CA T . 20.39 35.06 31.87
C1 Y9Y U . 21.02 13.34 13.57
C2 Y9Y U . 19.64 12.74 13.28
O2 Y9Y U . 19.70 11.33 13.38
C3 Y9Y U . 18.64 13.31 14.28
O3 Y9Y U . 17.34 12.81 13.98
C4 Y9Y U . 18.66 14.83 14.22
O4 Y9Y U . 18.22 15.26 12.93
C5 Y9Y U . 20.07 15.35 14.46
C6 Y9Y U . 20.17 16.84 14.28
O6 Y9Y U . 21.52 17.29 14.43
O5 Y9Y U . 20.99 14.75 13.52
O1 Y9Y U . 21.39 12.89 14.87
C1' Y9Y U . 22.56 12.15 14.97
C2' Y9Y U . 23.70 12.56 14.30
C3' Y9Y U . 24.86 11.82 14.41
C4' Y9Y U . 24.86 10.68 15.20
C5' Y9Y U . 23.72 10.27 15.87
C6' Y9Y U . 22.57 11.01 15.76
N1' Y9Y U . 26.08 9.89 15.31
O2' Y9Y U . 27.11 10.35 14.84
O3' Y9Y U . 26.02 8.81 15.87
NI NI V . 16.34 24.83 31.23
NI NI W . 17.26 38.50 34.34
NA NA X . 30.32 55.01 38.06
NA NA Y . 27.43 -3.95 1.79
CA CA Z . -28.82 35.48 52.14
C1 Y9Y AA . -28.22 13.80 33.80
C2 Y9Y AA . -29.68 13.45 33.52
O2 Y9Y AA . -29.87 12.04 33.60
C3 Y9Y AA . -30.56 14.18 34.51
O3 Y9Y AA . -31.94 13.93 34.20
C4 Y9Y AA . -30.28 15.68 34.45
O4 Y9Y AA . -30.64 16.18 33.16
C5 Y9Y AA . -28.80 15.94 34.69
C6 Y9Y AA . -28.44 17.40 34.50
O6 Y9Y AA . -27.04 17.61 34.57
O5 Y9Y AA . -28.01 15.19 33.74
O1 Y9Y AA . -27.91 13.27 35.07
C1' Y9Y AA . -26.71 12.57 35.20
C2' Y9Y AA . -25.50 13.17 34.90
C3' Y9Y AA . -24.33 12.47 35.04
C4' Y9Y AA . -24.40 11.14 35.49
C5' Y9Y AA . -25.61 10.53 35.78
C6' Y9Y AA . -26.77 11.26 35.64
N1' Y9Y AA . -23.16 10.38 35.62
O2' Y9Y AA . -22.09 10.97 35.53
O3' Y9Y AA . -23.25 9.18 35.82
NI NI BA . -32.01 39.00 54.41
NI NI CA . -33.04 25.35 51.57
NA NA DA . -13.59 48.86 34.65
NA NA EA . -36.90 34.93 14.26
NA NA FA . -29.06 56.43 37.98
CL CL GA . -16.23 40.46 28.03
#